data_6IOY
#
_entry.id   6IOY
#
_cell.length_a   82.770
_cell.length_b   98.472
_cell.length_c   102.769
_cell.angle_alpha   90.00
_cell.angle_beta   91.64
_cell.angle_gamma   90.00
#
_symmetry.space_group_name_H-M   'P 1 21 1'
#
loop_
_entity.id
_entity.type
_entity.pdbx_description
1 polymer 'Acetate kinase'
2 non-polymer (4S)-2-METHYL-2,4-PENTANEDIOL
3 non-polymer 'SULFATE ION'
4 water water
#
_entity_poly.entity_id   1
_entity_poly.type   'polypeptide(L)'
_entity_poly.pdbx_seq_one_letter_code
;GSHMASKVLVLNCGSSSVKYKLLEMPKGDVLAQGGVEKLGLPGSFLKLTMPNGEKVVLEKDMPEHTIAVEFILSVLKDDK
YGCIKSYEEIDAVGHRLVHGGEKFSNSVEITPEVIAKVEECIPLAPLHNPANLKGVVAIEKLLPGIRQVGVFDTAFFQTM
PEHVYRYALPYDMCNKHGVRRYGFHGTSHRYVSARACEILGLDYDKTRIITAHIGNGASIAAIKNGKALDVSLGMTPVEG
LMMGTRSGDVDPGVLTFLMEAEGLQAAGISELINKKSGVLGVSGVSSDLREIEDAIKNGNERATLAMTMYDYRIKKYVGA
YAAAMGGVDVLVFTGGVGENQYTTREKVCTDMEFMGIVFDSKVNEGMRGKEMVISKPESKVTVIVVPTDEEYMIASDTMT
ILK
;
_entity_poly.pdbx_strand_id   A,B,C,D
#
loop_
_chem_comp.id
_chem_comp.type
_chem_comp.name
_chem_comp.formula
MPD non-polymer (4S)-2-METHYL-2,4-PENTANEDIOL 'C6 H14 O2'
SO4 non-polymer 'SULFATE ION' 'O4 S -2'
#
# COMPACT_ATOMS: atom_id res chain seq x y z
N ALA A 5 -41.02 20.10 -15.81
CA ALA A 5 -40.67 19.44 -14.52
C ALA A 5 -40.00 18.08 -14.77
N SER A 6 -38.88 17.82 -14.11
CA SER A 6 -38.08 16.62 -14.23
C SER A 6 -37.59 16.16 -12.85
N LYS A 7 -37.24 14.88 -12.72
CA LYS A 7 -36.58 14.37 -11.54
C LYS A 7 -35.16 13.93 -11.91
N VAL A 8 -34.16 14.46 -11.21
CA VAL A 8 -32.76 14.19 -11.51
C VAL A 8 -32.13 13.54 -10.27
N LEU A 9 -31.54 12.37 -10.44
CA LEU A 9 -30.75 11.74 -9.41
C LEU A 9 -29.32 12.29 -9.48
N VAL A 10 -28.79 12.71 -8.35
CA VAL A 10 -27.46 13.30 -8.26
C VAL A 10 -26.64 12.43 -7.32
N LEU A 11 -25.51 11.93 -7.82
CA LEU A 11 -24.61 11.05 -7.08
C LEU A 11 -23.27 11.74 -6.80
N ASN A 12 -22.68 11.30 -5.68
CA ASN A 12 -21.36 11.62 -5.27
C ASN A 12 -20.77 10.33 -4.70
N CYS A 13 -19.98 9.65 -5.54
CA CYS A 13 -19.41 8.33 -5.18
C CYS A 13 -17.96 8.45 -4.71
N GLY A 14 -17.68 7.88 -3.54
CA GLY A 14 -16.34 7.81 -2.94
C GLY A 14 -15.91 6.35 -2.82
N SER A 15 -14.69 6.13 -2.39
CA SER A 15 -14.11 4.77 -2.30
C SER A 15 -15.01 3.87 -1.44
N SER A 16 -15.63 4.41 -0.38
CA SER A 16 -16.45 3.58 0.49
C SER A 16 -17.84 4.21 0.76
N SER A 17 -18.35 5.01 -0.19
CA SER A 17 -19.62 5.70 0.00
C SER A 17 -20.32 6.01 -1.33
N VAL A 18 -21.64 6.17 -1.26
CA VAL A 18 -22.41 6.83 -2.31
C VAL A 18 -23.41 7.78 -1.64
N LYS A 19 -23.23 9.08 -1.88
CA LYS A 19 -24.23 10.04 -1.44
C LYS A 19 -25.14 10.38 -2.63
N TYR A 20 -26.44 10.54 -2.35
CA TYR A 20 -27.41 10.76 -3.38
C TYR A 20 -28.44 11.79 -2.90
N LYS A 21 -28.97 12.53 -3.88
CA LYS A 21 -30.18 13.23 -3.74
C LYS A 21 -31.00 13.06 -5.02
N LEU A 22 -32.32 13.07 -4.84
CA LEU A 22 -33.23 13.08 -5.97
C LEU A 22 -33.94 14.43 -5.92
N LEU A 23 -33.75 15.23 -6.98
CA LEU A 23 -34.24 16.59 -7.03
C LEU A 23 -35.33 16.74 -8.09
N GLU A 24 -36.35 17.51 -7.77
CA GLU A 24 -37.36 17.91 -8.72
C GLU A 24 -36.95 19.27 -9.31
N MET A 25 -36.79 19.31 -10.63
CA MET A 25 -36.32 20.49 -11.35
C MET A 25 -37.47 21.06 -12.18
N PRO A 26 -37.50 22.38 -12.37
CA PRO A 26 -36.41 23.30 -12.05
C PRO A 26 -36.43 23.89 -10.64
N LYS A 27 -37.45 23.60 -9.82
CA LYS A 27 -37.59 24.20 -8.51
C LYS A 27 -36.40 23.82 -7.60
N GLY A 28 -35.93 22.58 -7.70
CA GLY A 28 -34.83 22.08 -6.89
C GLY A 28 -35.30 21.46 -5.58
N ASP A 29 -36.58 21.10 -5.47
CA ASP A 29 -37.13 20.41 -4.30
C ASP A 29 -36.42 19.06 -4.12
N VAL A 30 -36.02 18.76 -2.87
CA VAL A 30 -35.37 17.52 -2.56
C VAL A 30 -36.47 16.48 -2.26
N LEU A 31 -36.57 15.47 -3.12
CA LEU A 31 -37.54 14.37 -2.99
C LEU A 31 -36.95 13.26 -2.10
N ALA A 32 -35.62 13.13 -2.10
CA ALA A 32 -34.94 12.10 -1.34
C ALA A 32 -33.48 12.51 -1.15
N GLN A 33 -32.90 12.02 -0.06
CA GLN A 33 -31.50 12.22 0.21
C GLN A 33 -31.02 11.15 1.19
N GLY A 34 -29.78 10.71 0.98
CA GLY A 34 -29.14 9.73 1.85
C GLY A 34 -27.72 9.48 1.42
N GLY A 35 -27.12 8.48 2.08
CA GLY A 35 -25.82 8.05 1.76
C GLY A 35 -25.60 6.63 2.17
N VAL A 36 -24.90 5.87 1.32
CA VAL A 36 -24.35 4.61 1.68
C VAL A 36 -22.96 4.85 2.27
N GLU A 37 -22.65 4.15 3.36
CA GLU A 37 -21.36 4.19 4.04
C GLU A 37 -20.83 2.76 4.22
N LYS A 38 -19.51 2.66 4.38
CA LYS A 38 -18.81 1.42 4.63
C LYS A 38 -19.05 0.44 3.48
N LEU A 39 -19.18 0.97 2.27
CA LEU A 39 -19.30 0.18 1.07
C LEU A 39 -17.99 -0.61 0.94
N GLY A 40 -18.10 -1.91 0.64
CA GLY A 40 -16.90 -2.78 0.47
C GLY A 40 -16.26 -3.18 1.80
N LEU A 41 -16.97 -2.96 2.92
CA LEU A 41 -16.53 -3.31 4.27
C LEU A 41 -17.69 -4.06 4.93
N PRO A 42 -17.42 -4.83 6.01
N PRO A 42 -17.45 -4.84 6.01
CA PRO A 42 -18.50 -5.43 6.79
CA PRO A 42 -18.50 -5.71 6.57
C PRO A 42 -19.36 -4.30 7.40
C PRO A 42 -19.87 -5.09 6.90
N GLY A 43 -20.66 -4.55 7.47
N GLY A 43 -19.90 -3.94 7.59
CA GLY A 43 -21.61 -3.63 8.12
CA GLY A 43 -21.14 -3.40 8.14
C GLY A 43 -21.84 -2.36 7.30
C GLY A 43 -21.74 -2.29 7.30
N SER A 44 -21.77 -2.49 5.98
CA SER A 44 -22.23 -1.45 5.04
C SER A 44 -23.70 -1.12 5.32
N PHE A 45 -24.06 0.16 5.19
CA PHE A 45 -25.41 0.59 5.49
C PHE A 45 -25.77 1.86 4.70
N LEU A 46 -27.07 2.09 4.57
CA LEU A 46 -27.62 3.29 3.99
C LEU A 46 -28.33 4.07 5.08
N LYS A 47 -28.03 5.37 5.17
CA LYS A 47 -28.76 6.29 6.01
C LYS A 47 -29.48 7.33 5.14
N LEU A 48 -30.78 7.49 5.33
CA LEU A 48 -31.54 8.46 4.55
C LEU A 48 -32.27 9.42 5.49
N THR A 49 -32.73 10.53 4.93
CA THR A 49 -33.55 11.49 5.63
C THR A 49 -34.89 11.53 4.93
N MET A 50 -35.96 11.20 5.66
CA MET A 50 -37.32 11.24 5.14
C MET A 50 -37.74 12.70 4.98
N PRO A 51 -38.73 12.99 4.10
CA PRO A 51 -39.24 14.35 3.95
C PRO A 51 -39.63 15.02 5.29
N ASN A 52 -40.17 14.27 6.25
CA ASN A 52 -40.57 14.79 7.56
C ASN A 52 -39.38 14.99 8.51
N GLY A 53 -38.16 14.64 8.08
CA GLY A 53 -36.93 14.94 8.82
C GLY A 53 -36.37 13.77 9.59
N GLU A 54 -37.12 12.66 9.66
CA GLU A 54 -36.72 11.42 10.36
C GLU A 54 -35.52 10.78 9.64
N LYS A 55 -34.50 10.36 10.39
CA LYS A 55 -33.37 9.61 9.87
C LYS A 55 -33.69 8.11 9.97
N VAL A 56 -33.36 7.36 8.91
CA VAL A 56 -33.58 5.92 8.82
C VAL A 56 -32.26 5.27 8.42
N VAL A 57 -31.87 4.20 9.13
CA VAL A 57 -30.65 3.45 8.83
C VAL A 57 -31.05 2.04 8.41
N LEU A 58 -30.62 1.63 7.20
CA LEU A 58 -30.91 0.35 6.64
C LEU A 58 -29.60 -0.40 6.42
N GLU A 59 -29.43 -1.56 7.06
CA GLU A 59 -28.23 -2.37 6.85
C GLU A 59 -28.46 -3.21 5.59
N LYS A 60 -27.39 -3.39 4.81
CA LYS A 60 -27.38 -4.29 3.68
C LYS A 60 -25.93 -4.48 3.25
N ASP A 61 -25.57 -5.72 2.91
CA ASP A 61 -24.22 -5.99 2.42
C ASP A 61 -24.07 -5.34 1.04
N MET A 62 -23.09 -4.43 0.92
CA MET A 62 -22.87 -3.69 -0.35
C MET A 62 -21.37 -3.69 -0.65
N PRO A 63 -20.84 -4.79 -1.21
CA PRO A 63 -19.39 -4.95 -1.40
C PRO A 63 -18.77 -4.07 -2.50
N GLU A 64 -19.59 -3.60 -3.44
CA GLU A 64 -19.08 -2.69 -4.49
C GLU A 64 -20.21 -1.74 -4.93
N HIS A 65 -19.87 -0.81 -5.83
CA HIS A 65 -20.71 0.35 -6.13
C HIS A 65 -22.02 -0.02 -6.82
N THR A 66 -22.00 -1.02 -7.71
CA THR A 66 -23.22 -1.36 -8.42
C THR A 66 -24.30 -1.84 -7.43
N ILE A 67 -23.93 -2.68 -6.47
CA ILE A 67 -24.90 -3.23 -5.50
C ILE A 67 -25.39 -2.06 -4.62
N ALA A 68 -24.48 -1.14 -4.30
CA ALA A 68 -24.81 0.04 -3.49
C ALA A 68 -25.86 0.90 -4.21
N VAL A 69 -25.62 1.21 -5.49
CA VAL A 69 -26.53 2.07 -6.23
C VAL A 69 -27.86 1.34 -6.46
N GLU A 70 -27.81 0.02 -6.69
CA GLU A 70 -29.04 -0.78 -6.84
C GLU A 70 -29.89 -0.68 -5.56
N PHE A 71 -29.27 -0.73 -4.38
CA PHE A 71 -29.99 -0.62 -3.10
C PHE A 71 -30.60 0.79 -2.96
N ILE A 72 -29.81 1.82 -3.29
CA ILE A 72 -30.32 3.17 -3.28
C ILE A 72 -31.60 3.26 -4.13
N LEU A 73 -31.53 2.78 -5.38
CA LEU A 73 -32.68 2.84 -6.27
C LEU A 73 -33.88 2.07 -5.68
N SER A 74 -33.65 0.89 -5.07
CA SER A 74 -34.74 0.10 -4.49
C SER A 74 -35.37 0.87 -3.33
N VAL A 75 -34.56 1.61 -2.56
CA VAL A 75 -35.09 2.43 -1.46
C VAL A 75 -35.94 3.58 -2.01
N LEU A 76 -35.52 4.21 -3.13
CA LEU A 76 -36.29 5.31 -3.73
C LEU A 76 -37.70 4.83 -4.12
N LYS A 77 -37.81 3.54 -4.47
CA LYS A 77 -39.03 2.96 -5.02
C LYS A 77 -39.82 2.20 -3.93
N ASP A 78 -39.24 2.03 -2.74
CA ASP A 78 -39.85 1.28 -1.63
C ASP A 78 -41.19 1.90 -1.23
N ASP A 79 -42.17 1.06 -0.85
CA ASP A 79 -43.52 1.63 -0.50
C ASP A 79 -43.44 2.32 0.88
N LYS A 80 -42.50 1.92 1.73
CA LYS A 80 -42.33 2.51 3.07
C LYS A 80 -41.45 3.78 3.02
N TYR A 81 -40.24 3.68 2.43
CA TYR A 81 -39.25 4.78 2.50
C TYR A 81 -39.19 5.59 1.20
N GLY A 82 -39.83 5.08 0.13
CA GLY A 82 -39.59 5.57 -1.21
C GLY A 82 -40.36 6.83 -1.53
N CYS A 83 -40.09 7.41 -2.70
CA CYS A 83 -40.74 8.63 -3.16
C CYS A 83 -41.12 8.52 -4.65
N ILE A 84 -40.82 7.40 -5.31
CA ILE A 84 -41.23 7.19 -6.70
C ILE A 84 -41.86 5.79 -6.80
N LYS A 85 -42.70 5.57 -7.81
CA LYS A 85 -43.39 4.30 -8.07
C LYS A 85 -42.58 3.43 -9.04
N SER A 86 -41.73 4.04 -9.86
CA SER A 86 -41.10 3.42 -11.00
C SER A 86 -39.79 4.16 -11.31
N TYR A 87 -38.76 3.43 -11.77
CA TYR A 87 -37.46 4.01 -12.12
C TYR A 87 -37.56 4.96 -13.33
N GLU A 88 -38.65 4.84 -14.11
CA GLU A 88 -38.87 5.65 -15.29
C GLU A 88 -39.20 7.10 -14.87
N GLU A 89 -39.53 7.32 -13.60
CA GLU A 89 -39.73 8.67 -13.08
C GLU A 89 -38.40 9.44 -13.00
N ILE A 90 -37.27 8.74 -12.96
CA ILE A 90 -35.94 9.38 -12.92
C ILE A 90 -35.57 9.77 -14.36
N ASP A 91 -35.50 11.07 -14.63
CA ASP A 91 -35.29 11.57 -16.00
C ASP A 91 -33.82 11.57 -16.40
N ALA A 92 -32.90 11.72 -15.43
CA ALA A 92 -31.48 11.80 -15.75
C ALA A 92 -30.66 11.63 -14.47
N VAL A 93 -29.37 11.34 -14.64
CA VAL A 93 -28.44 11.24 -13.54
C VAL A 93 -27.26 12.21 -13.76
N GLY A 94 -26.99 13.01 -12.72
CA GLY A 94 -25.81 13.85 -12.68
C GLY A 94 -24.85 13.36 -11.63
N HIS A 95 -23.55 13.45 -11.95
CA HIS A 95 -22.48 12.93 -11.10
C HIS A 95 -21.50 14.03 -10.74
N ARG A 96 -21.08 14.03 -9.47
CA ARG A 96 -19.88 14.74 -9.08
C ARG A 96 -18.66 13.96 -9.58
N LEU A 97 -17.85 14.57 -10.44
CA LEU A 97 -16.60 14.04 -10.84
C LEU A 97 -15.54 14.95 -10.23
N VAL A 98 -14.55 14.41 -9.50
CA VAL A 98 -13.63 15.28 -8.81
C VAL A 98 -12.69 16.03 -9.79
N HIS A 99 -11.97 15.33 -10.67
CA HIS A 99 -10.87 15.93 -11.38
C HIS A 99 -11.05 15.83 -12.90
N GLY A 100 -11.16 17.01 -13.54
CA GLY A 100 -11.20 17.09 -15.01
C GLY A 100 -9.89 17.56 -15.62
N GLY A 101 -8.83 17.66 -14.83
CA GLY A 101 -7.50 18.08 -15.26
C GLY A 101 -7.54 19.33 -16.13
N GLU A 102 -6.74 19.30 -17.20
CA GLU A 102 -6.84 20.34 -18.24
C GLU A 102 -7.77 19.86 -19.37
N LYS A 103 -8.52 18.80 -19.17
CA LYS A 103 -9.35 18.22 -20.24
C LYS A 103 -10.76 18.82 -20.25
N PHE A 104 -11.28 19.24 -19.10
CA PHE A 104 -12.67 19.71 -19.02
C PHE A 104 -12.73 21.10 -18.37
N SER A 105 -13.47 21.98 -19.04
CA SER A 105 -13.72 23.36 -18.63
C SER A 105 -15.17 23.56 -18.17
N ASN A 106 -16.01 22.56 -18.41
CA ASN A 106 -17.40 22.65 -18.04
C ASN A 106 -17.97 21.23 -17.97
N SER A 107 -19.23 21.14 -17.56
CA SER A 107 -19.93 19.86 -17.42
C SER A 107 -20.19 19.28 -18.81
N VAL A 108 -20.29 17.95 -18.90
CA VAL A 108 -20.45 17.25 -20.17
C VAL A 108 -21.38 16.05 -20.00
N GLU A 109 -22.11 15.71 -21.07
CA GLU A 109 -22.81 14.45 -21.16
C GLU A 109 -21.77 13.32 -21.22
N ILE A 110 -22.00 12.26 -20.44
CA ILE A 110 -21.04 11.20 -20.32
C ILE A 110 -21.21 10.25 -21.51
N THR A 111 -20.15 10.15 -22.31
CA THR A 111 -20.01 9.25 -23.44
C THR A 111 -18.79 8.39 -23.18
N PRO A 112 -18.53 7.33 -23.97
CA PRO A 112 -17.28 6.58 -23.86
C PRO A 112 -16.01 7.45 -23.97
N GLU A 113 -16.06 8.48 -24.85
CA GLU A 113 -14.93 9.38 -25.08
C GLU A 113 -14.66 10.20 -23.82
N VAL A 114 -15.75 10.65 -23.16
CA VAL A 114 -15.62 11.40 -21.91
C VAL A 114 -15.03 10.49 -20.84
N ILE A 115 -15.52 9.25 -20.72
CA ILE A 115 -15.00 8.34 -19.69
C ILE A 115 -13.49 8.18 -19.87
N ALA A 116 -13.05 7.98 -21.12
CA ALA A 116 -11.63 7.79 -21.41
C ALA A 116 -10.80 8.99 -20.91
N LYS A 117 -11.29 10.20 -21.11
CA LYS A 117 -10.56 11.39 -20.69
C LYS A 117 -10.57 11.49 -19.16
N VAL A 118 -11.69 11.19 -18.50
CA VAL A 118 -11.74 11.21 -17.02
C VAL A 118 -10.74 10.18 -16.46
N GLU A 119 -10.61 9.03 -17.14
CA GLU A 119 -9.61 8.00 -16.75
C GLU A 119 -8.19 8.57 -16.86
N GLU A 120 -7.90 9.33 -17.91
CA GLU A 120 -6.60 9.98 -18.06
C GLU A 120 -6.27 10.92 -16.88
N CYS A 121 -7.27 11.49 -16.21
CA CYS A 121 -7.05 12.44 -15.09
C CYS A 121 -6.92 11.71 -13.73
N ILE A 122 -7.08 10.38 -13.72
CA ILE A 122 -7.02 9.61 -12.47
C ILE A 122 -5.74 9.94 -11.70
N PRO A 123 -4.53 10.03 -12.31
CA PRO A 123 -3.34 10.40 -11.55
C PRO A 123 -3.46 11.72 -10.74
N LEU A 124 -4.34 12.64 -11.17
CA LEU A 124 -4.50 13.90 -10.46
C LEU A 124 -5.47 13.78 -9.29
N ALA A 125 -6.34 12.76 -9.30
CA ALA A 125 -7.17 12.47 -8.12
C ALA A 125 -7.35 10.97 -8.01
N PRO A 126 -6.26 10.26 -7.65
CA PRO A 126 -6.22 8.80 -7.74
C PRO A 126 -7.15 8.07 -6.75
N LEU A 127 -7.61 8.74 -5.69
CA LEU A 127 -8.51 8.13 -4.71
C LEU A 127 -9.96 8.61 -4.88
N HIS A 128 -10.23 9.42 -5.93
CA HIS A 128 -11.55 9.95 -6.16
C HIS A 128 -12.11 9.58 -7.53
N ASN A 129 -11.38 9.89 -8.61
CA ASN A 129 -11.92 9.68 -9.95
C ASN A 129 -12.38 8.24 -10.17
N PRO A 130 -11.62 7.19 -9.76
CA PRO A 130 -12.07 5.81 -10.00
C PRO A 130 -13.45 5.52 -9.40
N ALA A 131 -13.67 5.96 -8.16
CA ALA A 131 -14.95 5.75 -7.51
C ALA A 131 -16.05 6.52 -8.27
N ASN A 132 -15.74 7.74 -8.70
CA ASN A 132 -16.73 8.51 -9.42
C ASN A 132 -17.17 7.75 -10.69
N LEU A 133 -16.22 7.14 -11.38
CA LEU A 133 -16.55 6.42 -12.63
C LEU A 133 -17.34 5.13 -12.33
N LYS A 134 -17.09 4.52 -11.18
CA LYS A 134 -17.84 3.33 -10.75
C LYS A 134 -19.32 3.65 -10.64
N GLY A 135 -19.63 4.86 -10.17
CA GLY A 135 -21.01 5.34 -10.12
C GLY A 135 -21.66 5.40 -11.51
N VAL A 136 -20.91 5.87 -12.50
CA VAL A 136 -21.40 6.01 -13.87
C VAL A 136 -21.70 4.62 -14.45
N VAL A 137 -20.76 3.71 -14.24
CA VAL A 137 -20.89 2.32 -14.73
C VAL A 137 -22.11 1.65 -14.05
N ALA A 138 -22.30 1.88 -12.74
CA ALA A 138 -23.45 1.33 -12.02
C ALA A 138 -24.77 1.80 -12.66
N ILE A 139 -24.86 3.10 -12.97
CA ILE A 139 -26.07 3.61 -13.55
C ILE A 139 -26.28 3.04 -14.96
N GLU A 140 -25.22 2.86 -15.75
CA GLU A 140 -25.41 2.29 -17.11
C GLU A 140 -26.04 0.88 -16.98
N LYS A 141 -25.65 0.14 -15.94
CA LYS A 141 -26.16 -1.20 -15.74
C LYS A 141 -27.59 -1.18 -15.23
N LEU A 142 -27.92 -0.26 -14.32
CA LEU A 142 -29.16 -0.35 -13.56
C LEU A 142 -30.26 0.50 -14.19
N LEU A 143 -29.91 1.62 -14.85
CA LEU A 143 -30.89 2.45 -15.53
C LEU A 143 -30.48 2.57 -17.00
N PRO A 144 -30.46 1.46 -17.78
CA PRO A 144 -29.90 1.49 -19.11
C PRO A 144 -30.63 2.50 -20.01
N GLY A 145 -29.87 3.24 -20.79
CA GLY A 145 -30.37 4.25 -21.72
C GLY A 145 -30.73 5.57 -21.04
N ILE A 146 -30.65 5.69 -19.71
CA ILE A 146 -30.78 7.00 -19.08
C ILE A 146 -29.53 7.81 -19.40
N ARG A 147 -29.71 9.10 -19.68
CA ARG A 147 -28.56 9.93 -20.02
C ARG A 147 -27.96 10.50 -18.72
N GLN A 148 -26.65 10.66 -18.73
CA GLN A 148 -25.86 11.01 -17.56
C GLN A 148 -24.96 12.21 -17.87
N VAL A 149 -24.78 13.09 -16.87
CA VAL A 149 -23.92 14.25 -16.98
C VAL A 149 -22.90 14.22 -15.83
N GLY A 150 -21.67 14.60 -16.19
CA GLY A 150 -20.53 14.76 -15.25
C GLY A 150 -20.23 16.23 -15.01
N VAL A 151 -20.04 16.58 -13.73
CA VAL A 151 -19.79 17.95 -13.27
C VAL A 151 -18.54 17.94 -12.39
N PHE A 152 -17.51 18.68 -12.83
CA PHE A 152 -16.16 18.52 -12.27
C PHE A 152 -15.90 19.59 -11.20
N ASP A 153 -15.31 19.20 -10.08
CA ASP A 153 -14.89 20.09 -9.00
C ASP A 153 -13.84 21.12 -9.49
N THR A 154 -13.05 20.78 -10.51
CA THR A 154 -11.90 21.54 -10.97
C THR A 154 -12.26 22.46 -12.15
N ALA A 155 -13.38 22.18 -12.82
CA ALA A 155 -13.61 22.69 -14.17
C ALA A 155 -13.69 24.23 -14.17
N PHE A 156 -14.36 24.80 -13.16
CA PHE A 156 -14.58 26.24 -13.05
C PHE A 156 -13.27 27.05 -13.08
N PHE A 157 -12.17 26.44 -12.63
CA PHE A 157 -10.93 27.11 -12.47
C PHE A 157 -10.01 26.99 -13.69
N GLN A 158 -10.51 26.40 -14.77
CA GLN A 158 -9.69 26.22 -15.96
C GLN A 158 -9.52 27.54 -16.72
N THR A 159 -10.24 28.60 -16.31
CA THR A 159 -9.98 29.93 -16.87
C THR A 159 -8.76 30.64 -16.22
N MET A 160 -8.19 30.09 -15.15
CA MET A 160 -7.06 30.78 -14.48
C MET A 160 -5.89 30.89 -15.46
N PRO A 161 -5.24 32.07 -15.53
CA PRO A 161 -4.09 32.26 -16.44
C PRO A 161 -2.84 31.60 -15.83
N GLU A 162 -1.83 31.37 -16.69
CA GLU A 162 -0.63 30.64 -16.28
C GLU A 162 0.13 31.38 -15.16
N HIS A 163 0.08 32.72 -15.11
CA HIS A 163 0.81 33.42 -14.03
C HIS A 163 0.17 33.16 -12.67
N VAL A 164 -1.07 32.70 -12.67
CA VAL A 164 -1.76 32.29 -11.42
C VAL A 164 -1.54 30.78 -11.17
N TYR A 165 -1.71 29.93 -12.18
CA TYR A 165 -1.77 28.48 -11.90
C TYR A 165 -0.39 27.86 -11.75
N ARG A 166 0.64 28.48 -12.33
CA ARG A 166 2.00 27.92 -12.24
C ARG A 166 2.58 28.26 -10.86
N TYR A 167 3.22 27.28 -10.23
CA TYR A 167 4.04 27.50 -9.04
C TYR A 167 5.45 27.89 -9.49
N ALA A 168 6.15 28.66 -8.65
CA ALA A 168 7.49 29.10 -8.91
C ALA A 168 8.47 28.01 -8.49
N LEU A 169 8.33 26.87 -9.15
CA LEU A 169 9.13 25.67 -8.95
C LEU A 169 9.83 25.33 -10.27
N PRO A 170 10.78 24.37 -10.30
CA PRO A 170 11.47 24.03 -11.55
C PRO A 170 10.47 23.71 -12.69
N TYR A 171 10.62 24.44 -13.79
CA TYR A 171 9.68 24.48 -14.88
C TYR A 171 9.47 23.10 -15.47
N ASP A 172 10.56 22.45 -15.87
CA ASP A 172 10.48 21.13 -16.54
C ASP A 172 9.86 20.10 -15.61
N MET A 173 10.24 20.12 -14.32
CA MET A 173 9.74 19.14 -13.36
C MET A 173 8.23 19.30 -13.17
N CYS A 174 7.75 20.56 -13.05
CA CYS A 174 6.33 20.79 -12.96
C CYS A 174 5.60 20.29 -14.20
N ASN A 175 6.13 20.59 -15.39
CA ASN A 175 5.45 20.24 -16.63
C ASN A 175 5.42 18.71 -16.78
N LYS A 176 6.51 18.06 -16.39
CA LYS A 176 6.61 16.61 -16.49
C LYS A 176 5.52 15.94 -15.65
N HIS A 177 5.25 16.47 -14.43
CA HIS A 177 4.33 15.82 -13.50
C HIS A 177 2.95 16.49 -13.43
N GLY A 178 2.66 17.46 -14.31
CA GLY A 178 1.41 18.18 -14.34
C GLY A 178 1.12 19.01 -13.07
N VAL A 179 2.17 19.56 -12.46
CA VAL A 179 2.06 20.36 -11.28
C VAL A 179 1.58 21.74 -11.68
N ARG A 180 0.45 22.13 -11.10
CA ARG A 180 -0.17 23.43 -11.25
C ARG A 180 -1.37 23.52 -10.29
N ARG A 181 -1.84 24.74 -10.06
CA ARG A 181 -3.02 24.96 -9.28
C ARG A 181 -4.22 24.47 -10.08
N TYR A 182 -5.08 23.66 -9.45
CA TYR A 182 -6.33 23.27 -10.05
C TYR A 182 -7.52 23.89 -9.36
N GLY A 183 -7.53 23.91 -8.02
CA GLY A 183 -8.70 24.32 -7.29
C GLY A 183 -9.67 23.14 -7.16
N PHE A 184 -10.48 23.21 -6.11
CA PHE A 184 -11.61 22.34 -5.85
C PHE A 184 -12.77 23.22 -5.34
N HIS A 185 -13.88 22.57 -4.93
CA HIS A 185 -15.13 23.24 -4.59
C HIS A 185 -15.69 24.05 -5.76
N GLY A 186 -15.27 23.75 -6.98
CA GLY A 186 -15.63 24.61 -8.13
C GLY A 186 -17.13 24.69 -8.35
N THR A 187 -17.84 23.58 -8.10
CA THR A 187 -19.29 23.52 -8.27
C THR A 187 -19.95 24.49 -7.27
N SER A 188 -19.43 24.56 -6.04
CA SER A 188 -19.94 25.47 -5.04
C SER A 188 -19.65 26.94 -5.44
N HIS A 189 -18.38 27.24 -5.76
CA HIS A 189 -17.99 28.58 -6.18
C HIS A 189 -18.85 29.05 -7.37
N ARG A 190 -19.08 28.13 -8.32
CA ARG A 190 -19.89 28.42 -9.51
C ARG A 190 -21.32 28.76 -9.07
N TYR A 191 -21.91 27.92 -8.19
CA TYR A 191 -23.29 28.06 -7.80
C TYR A 191 -23.50 29.38 -7.03
N VAL A 192 -22.70 29.65 -6.00
CA VAL A 192 -22.98 30.81 -5.14
C VAL A 192 -22.64 32.14 -5.84
N SER A 193 -21.65 32.15 -6.73
CA SER A 193 -21.30 33.38 -7.43
C SER A 193 -22.45 33.78 -8.37
N ALA A 194 -22.98 32.82 -9.13
CA ALA A 194 -24.06 33.06 -10.08
C ALA A 194 -25.35 33.39 -9.32
N ARG A 195 -25.57 32.70 -8.20
CA ARG A 195 -26.77 32.86 -7.39
C ARG A 195 -26.77 34.26 -6.79
N ALA A 196 -25.60 34.68 -6.26
CA ALA A 196 -25.46 36.02 -5.67
C ALA A 196 -25.85 37.09 -6.68
N CYS A 197 -25.36 36.97 -7.92
CA CYS A 197 -25.60 37.97 -8.95
C CYS A 197 -27.08 38.01 -9.32
N GLU A 198 -27.72 36.84 -9.38
CA GLU A 198 -29.18 36.77 -9.69
C GLU A 198 -29.99 37.44 -8.58
N ILE A 199 -29.65 37.17 -7.32
CA ILE A 199 -30.33 37.74 -6.15
CA ILE A 199 -30.38 37.75 -6.20
C ILE A 199 -30.16 39.27 -6.15
N LEU A 200 -28.97 39.73 -6.53
CA LEU A 200 -28.60 41.12 -6.38
C LEU A 200 -28.92 41.93 -7.64
N GLY A 201 -29.37 41.29 -8.71
CA GLY A 201 -29.67 42.02 -9.94
C GLY A 201 -28.43 42.47 -10.67
N LEU A 202 -27.34 41.70 -10.59
CA LEU A 202 -26.10 42.09 -11.20
C LEU A 202 -25.83 41.19 -12.42
N ASP A 203 -25.12 41.75 -13.39
CA ASP A 203 -24.60 41.00 -14.54
C ASP A 203 -23.32 40.28 -14.09
N TYR A 204 -23.43 38.95 -14.01
CA TYR A 204 -22.34 38.08 -13.67
C TYR A 204 -21.06 38.42 -14.44
N ASP A 205 -21.19 38.73 -15.73
CA ASP A 205 -20.02 38.91 -16.59
C ASP A 205 -19.35 40.29 -16.40
N LYS A 206 -19.87 41.12 -15.51
CA LYS A 206 -19.31 42.45 -15.29
C LYS A 206 -19.02 42.69 -13.79
N THR A 207 -19.07 41.63 -12.99
CA THR A 207 -18.97 41.71 -11.55
C THR A 207 -17.68 41.05 -11.09
N ARG A 208 -17.01 41.68 -10.11
CA ARG A 208 -15.88 41.10 -9.42
C ARG A 208 -16.36 40.50 -8.10
N ILE A 209 -16.14 39.19 -7.95
CA ILE A 209 -16.72 38.40 -6.86
C ILE A 209 -15.61 37.67 -6.11
N ILE A 210 -15.67 37.73 -4.78
CA ILE A 210 -14.88 36.85 -3.92
C ILE A 210 -15.85 35.88 -3.24
N THR A 211 -15.61 34.57 -3.42
CA THR A 211 -16.46 33.56 -2.86
C THR A 211 -15.66 32.76 -1.85
N ALA A 212 -16.18 32.66 -0.63
CA ALA A 212 -15.51 32.00 0.46
C ALA A 212 -16.36 30.80 0.87
N HIS A 213 -15.95 29.61 0.43
CA HIS A 213 -16.58 28.36 0.78
C HIS A 213 -15.85 27.83 2.01
N ILE A 214 -16.42 28.08 3.18
CA ILE A 214 -15.78 27.72 4.44
C ILE A 214 -16.58 26.55 5.01
N GLY A 215 -16.01 25.35 4.90
CA GLY A 215 -16.50 24.20 5.58
C GLY A 215 -15.37 23.46 6.25
N ASN A 216 -15.51 22.15 6.35
CA ASN A 216 -14.43 21.38 6.94
C ASN A 216 -13.20 21.48 6.04
N GLY A 217 -13.44 21.39 4.71
CA GLY A 217 -12.54 21.91 3.71
C GLY A 217 -12.93 23.36 3.42
N ALA A 218 -11.93 24.22 3.19
CA ALA A 218 -12.20 25.69 3.04
C ALA A 218 -11.40 26.24 1.84
N SER A 219 -12.05 27.06 1.02
CA SER A 219 -11.42 27.67 -0.11
C SER A 219 -12.06 29.04 -0.35
N ILE A 220 -11.32 29.90 -1.00
CA ILE A 220 -11.76 31.18 -1.39
C ILE A 220 -11.32 31.39 -2.84
N ALA A 221 -12.17 32.03 -3.64
CA ALA A 221 -11.93 32.22 -5.05
C ALA A 221 -12.14 33.68 -5.44
N ALA A 222 -11.38 34.12 -6.47
CA ALA A 222 -11.58 35.41 -7.10
C ALA A 222 -12.15 35.14 -8.50
N ILE A 223 -13.32 35.70 -8.75
CA ILE A 223 -14.06 35.54 -9.99
C ILE A 223 -14.25 36.93 -10.56
N LYS A 224 -13.57 37.21 -11.67
CA LYS A 224 -13.58 38.52 -12.27
C LYS A 224 -14.29 38.48 -13.62
N ASN A 225 -15.34 39.28 -13.73
CA ASN A 225 -16.06 39.44 -15.00
C ASN A 225 -16.43 38.09 -15.58
N GLY A 226 -16.92 37.21 -14.72
CA GLY A 226 -17.55 35.95 -15.13
C GLY A 226 -16.59 34.79 -15.29
N LYS A 227 -15.30 34.97 -14.95
CA LYS A 227 -14.30 33.92 -15.09
C LYS A 227 -13.43 33.86 -13.83
N ALA A 228 -13.19 32.63 -13.36
CA ALA A 228 -12.36 32.46 -12.20
C ALA A 228 -10.95 32.95 -12.56
N LEU A 229 -10.33 33.67 -11.62
CA LEU A 229 -9.00 34.22 -11.78
C LEU A 229 -8.02 33.50 -10.86
N ASP A 230 -8.40 33.23 -9.61
CA ASP A 230 -7.51 32.64 -8.61
C ASP A 230 -8.39 31.88 -7.60
N VAL A 231 -7.76 30.93 -6.92
CA VAL A 231 -8.40 30.13 -5.91
C VAL A 231 -7.33 29.69 -4.90
N SER A 232 -7.73 29.52 -3.62
CA SER A 232 -6.77 29.35 -2.52
C SER A 232 -6.27 27.90 -2.49
N LEU A 233 -7.11 26.95 -2.95
CA LEU A 233 -6.70 25.55 -3.03
C LEU A 233 -5.74 25.38 -4.20
N GLY A 234 -4.88 24.36 -4.11
CA GLY A 234 -3.83 24.24 -5.09
C GLY A 234 -4.04 23.06 -6.04
N MET A 235 -2.95 22.36 -6.28
CA MET A 235 -2.99 21.07 -6.88
C MET A 235 -3.63 20.08 -5.91
N THR A 236 -3.46 20.33 -4.61
CA THR A 236 -4.00 19.51 -3.55
C THR A 236 -4.86 20.38 -2.66
N PRO A 237 -5.76 19.77 -1.89
CA PRO A 237 -6.67 20.51 -1.01
C PRO A 237 -6.07 20.93 0.35
N VAL A 238 -4.73 20.90 0.49
CA VAL A 238 -4.14 21.35 1.76
C VAL A 238 -3.85 22.86 1.73
N GLU A 239 -3.70 23.45 0.53
CA GLU A 239 -3.25 24.81 0.37
C GLU A 239 -4.39 25.79 0.73
N GLY A 240 -3.95 26.96 1.21
CA GLY A 240 -4.79 28.13 1.33
C GLY A 240 -5.21 28.38 2.76
N LEU A 241 -6.54 28.36 2.96
CA LEU A 241 -7.11 28.71 4.25
C LEU A 241 -6.82 27.60 5.25
N MET A 242 -6.81 27.99 6.51
CA MET A 242 -6.83 27.07 7.63
C MET A 242 -8.16 26.29 7.58
N MET A 243 -8.12 24.98 7.81
CA MET A 243 -9.31 24.14 7.73
C MET A 243 -9.45 23.29 9.01
N GLY A 244 -10.41 22.36 9.00
CA GLY A 244 -10.70 21.49 10.13
C GLY A 244 -9.47 20.75 10.65
N THR A 245 -8.82 20.02 9.76
CA THR A 245 -7.63 19.21 10.07
C THR A 245 -6.45 19.49 9.11
N ARG A 246 -6.67 20.35 8.10
CA ARG A 246 -5.63 20.68 7.14
C ARG A 246 -5.00 22.02 7.51
N SER A 247 -3.72 22.11 7.22
CA SER A 247 -2.86 23.23 7.63
C SER A 247 -3.23 24.52 6.91
N GLY A 248 -3.61 24.42 5.64
CA GLY A 248 -3.53 25.55 4.75
C GLY A 248 -2.09 25.91 4.49
N ASP A 249 -1.88 27.18 4.08
CA ASP A 249 -0.57 27.74 3.74
C ASP A 249 0.39 27.55 4.90
N VAL A 250 1.57 27.01 4.60
CA VAL A 250 2.65 26.90 5.54
C VAL A 250 3.96 27.08 4.79
N ASP A 251 4.98 27.54 5.52
CA ASP A 251 6.33 27.77 5.00
C ASP A 251 6.84 26.45 4.45
N PRO A 252 7.19 26.35 3.15
CA PRO A 252 7.69 25.09 2.59
C PRO A 252 8.90 24.56 3.35
N GLY A 253 9.73 25.48 3.86
CA GLY A 253 10.90 25.13 4.64
C GLY A 253 10.58 24.54 6.01
N VAL A 254 9.42 24.85 6.57
CA VAL A 254 8.97 24.25 7.82
C VAL A 254 8.71 22.75 7.58
N LEU A 255 8.17 22.41 6.41
CA LEU A 255 7.84 21.03 6.10
C LEU A 255 9.12 20.19 6.04
N THR A 256 10.14 20.66 5.32
CA THR A 256 11.42 19.93 5.25
C THR A 256 12.10 19.92 6.64
N PHE A 257 11.95 20.99 7.39
CA PHE A 257 12.53 21.05 8.71
C PHE A 257 11.89 19.97 9.61
N LEU A 258 10.56 19.82 9.56
CA LEU A 258 9.86 18.86 10.44
C LEU A 258 10.14 17.41 10.00
N MET A 259 10.40 17.20 8.71
CA MET A 259 10.77 15.89 8.20
C MET A 259 12.06 15.40 8.84
N GLU A 260 13.08 16.27 8.90
CA GLU A 260 14.34 15.93 9.55
C GLU A 260 14.14 15.84 11.07
N ALA A 261 13.46 16.82 11.67
CA ALA A 261 13.33 16.92 13.13
C ALA A 261 12.46 15.80 13.73
N GLU A 262 11.44 15.32 13.02
CA GLU A 262 10.52 14.29 13.54
C GLU A 262 10.72 12.94 12.82
N GLY A 263 11.71 12.87 11.93
CA GLY A 263 12.01 11.67 11.12
C GLY A 263 10.81 11.20 10.32
N LEU A 264 10.16 12.12 9.61
CA LEU A 264 9.01 11.82 8.77
C LEU A 264 9.45 11.77 7.31
N GLN A 265 8.85 10.82 6.57
CA GLN A 265 8.95 10.70 5.14
C GLN A 265 7.78 11.48 4.51
N ALA A 266 7.72 11.46 3.17
CA ALA A 266 6.66 12.09 2.38
C ALA A 266 5.26 11.75 2.94
N ALA A 267 5.00 10.45 3.16
CA ALA A 267 3.68 9.98 3.60
C ALA A 267 3.35 10.51 4.99
N GLY A 268 4.34 10.52 5.89
CA GLY A 268 4.14 11.00 7.26
C GLY A 268 3.83 12.50 7.30
N ILE A 269 4.57 13.30 6.52
CA ILE A 269 4.35 14.74 6.51
C ILE A 269 2.99 15.03 5.86
N SER A 270 2.63 14.27 4.81
CA SER A 270 1.33 14.38 4.15
C SER A 270 0.20 14.15 5.16
N GLU A 271 0.32 13.10 5.99
CA GLU A 271 -0.71 12.77 6.98
C GLU A 271 -0.80 13.90 8.03
N LEU A 272 0.34 14.41 8.47
CA LEU A 272 0.39 15.47 9.44
C LEU A 272 -0.37 16.72 8.95
N ILE A 273 -0.10 17.17 7.71
CA ILE A 273 -0.69 18.45 7.24
C ILE A 273 -2.16 18.27 6.82
N ASN A 274 -2.59 17.03 6.54
CA ASN A 274 -3.96 16.74 6.12
C ASN A 274 -4.86 16.33 7.28
N LYS A 275 -4.32 15.70 8.34
CA LYS A 275 -5.14 15.06 9.37
C LYS A 275 -4.91 15.62 10.78
N LYS A 276 -3.76 16.20 11.07
CA LYS A 276 -3.40 16.53 12.43
C LYS A 276 -3.22 18.05 12.62
N SER A 277 -3.60 18.83 11.59
CA SER A 277 -3.25 20.24 11.53
C SER A 277 -4.54 21.08 11.61
N GLY A 278 -4.47 22.35 11.15
CA GLY A 278 -5.63 23.23 11.12
C GLY A 278 -6.19 23.48 12.51
N VAL A 279 -7.50 23.64 12.59
CA VAL A 279 -8.19 24.00 13.81
C VAL A 279 -7.96 22.90 14.88
N LEU A 280 -8.00 21.64 14.45
CA LEU A 280 -7.79 20.49 15.35
C LEU A 280 -6.38 20.56 15.96
N GLY A 281 -5.38 20.72 15.09
CA GLY A 281 -3.99 20.75 15.46
C GLY A 281 -3.63 21.89 16.39
N VAL A 282 -4.20 23.09 16.16
CA VAL A 282 -3.89 24.22 17.04
C VAL A 282 -4.68 24.09 18.35
N SER A 283 -6.00 23.88 18.24
CA SER A 283 -6.92 23.93 19.39
C SER A 283 -6.62 22.81 20.39
N GLY A 284 -6.26 21.64 19.89
CA GLY A 284 -6.19 20.41 20.68
C GLY A 284 -7.57 19.97 21.16
N VAL A 285 -8.63 20.49 20.52
CA VAL A 285 -9.99 20.25 20.96
C VAL A 285 -10.69 19.43 19.88
N SER A 286 -10.89 20.03 18.70
CA SER A 286 -11.80 19.48 17.71
C SER A 286 -11.54 20.18 16.36
N SER A 287 -11.95 19.53 15.27
CA SER A 287 -11.99 20.18 13.95
C SER A 287 -13.31 20.95 13.78
N ASP A 288 -14.29 20.66 14.66
CA ASP A 288 -15.65 21.20 14.57
C ASP A 288 -15.70 22.56 15.26
N LEU A 289 -16.09 23.61 14.54
CA LEU A 289 -16.06 24.98 15.05
C LEU A 289 -17.10 25.21 16.16
N ARG A 290 -18.15 24.40 16.20
CA ARG A 290 -19.15 24.47 17.28
C ARG A 290 -18.52 23.96 18.58
N GLU A 291 -17.73 22.89 18.51
CA GLU A 291 -17.03 22.40 19.70
C GLU A 291 -15.94 23.40 20.10
N ILE A 292 -15.32 24.08 19.13
CA ILE A 292 -14.35 25.15 19.44
C ILE A 292 -15.08 26.25 20.21
N GLU A 293 -16.21 26.69 19.67
CA GLU A 293 -17.07 27.75 20.27
C GLU A 293 -17.37 27.43 21.76
N ASP A 294 -17.72 26.18 22.04
CA ASP A 294 -17.99 25.68 23.41
C ASP A 294 -16.72 25.78 24.27
N ALA A 295 -15.61 25.25 23.74
CA ALA A 295 -14.32 25.30 24.44
C ALA A 295 -13.93 26.75 24.76
N ILE A 296 -14.27 27.69 23.87
CA ILE A 296 -13.95 29.11 24.07
C ILE A 296 -14.75 29.63 25.27
N LYS A 297 -16.04 29.26 25.35
CA LYS A 297 -16.96 29.65 26.47
C LYS A 297 -16.41 29.15 27.82
N ASN A 298 -15.76 27.99 27.81
CA ASN A 298 -15.11 27.42 28.99
C ASN A 298 -13.65 27.92 29.11
N GLY A 299 -13.33 29.04 28.44
CA GLY A 299 -12.04 29.74 28.54
C GLY A 299 -10.83 28.93 28.09
N ASN A 300 -11.00 28.07 27.08
CA ASN A 300 -9.88 27.35 26.46
C ASN A 300 -9.15 28.34 25.54
N GLU A 301 -7.92 28.68 25.91
CA GLU A 301 -7.15 29.70 25.26
C GLU A 301 -6.64 29.20 23.90
N ARG A 302 -6.32 27.92 23.77
CA ARG A 302 -5.85 27.34 22.52
C ARG A 302 -6.98 27.36 21.48
N ALA A 303 -8.22 27.14 21.92
CA ALA A 303 -9.38 27.21 21.04
C ALA A 303 -9.58 28.65 20.56
N THR A 304 -9.45 29.62 21.47
CA THR A 304 -9.53 31.02 21.07
C THR A 304 -8.43 31.35 20.04
N LEU A 305 -7.21 30.87 20.29
CA LEU A 305 -6.10 31.10 19.39
C LEU A 305 -6.40 30.52 18.00
N ALA A 306 -6.91 29.28 17.96
CA ALA A 306 -7.25 28.64 16.68
C ALA A 306 -8.20 29.53 15.89
N MET A 307 -9.22 30.08 16.53
CA MET A 307 -10.23 30.88 15.85
C MET A 307 -9.66 32.24 15.40
N THR A 308 -8.77 32.81 16.21
CA THR A 308 -8.11 34.08 15.85
C THR A 308 -7.28 33.85 14.58
N MET A 309 -6.53 32.74 14.55
CA MET A 309 -5.71 32.39 13.41
C MET A 309 -6.59 32.20 12.16
N TYR A 310 -7.69 31.47 12.35
CA TYR A 310 -8.61 31.08 11.28
C TYR A 310 -9.18 32.30 10.59
N ASP A 311 -9.74 33.21 11.40
CA ASP A 311 -10.36 34.42 10.88
C ASP A 311 -9.33 35.31 10.17
N TYR A 312 -8.13 35.44 10.74
CA TYR A 312 -7.09 36.30 10.23
C TYR A 312 -6.69 35.89 8.81
N ARG A 313 -6.56 34.60 8.55
CA ARG A 313 -6.10 34.12 7.28
C ARG A 313 -7.19 34.35 6.21
N ILE A 314 -8.47 34.20 6.56
CA ILE A 314 -9.56 34.51 5.63
C ILE A 314 -9.49 36.00 5.25
N LYS A 315 -9.32 36.86 6.26
CA LYS A 315 -9.29 38.29 6.05
C LYS A 315 -8.18 38.64 5.06
N LYS A 316 -7.00 38.04 5.24
CA LYS A 316 -5.86 38.33 4.36
C LYS A 316 -6.19 37.93 2.92
N TYR A 317 -6.87 36.77 2.72
CA TYR A 317 -7.25 36.32 1.35
C TYR A 317 -8.24 37.30 0.71
N VAL A 318 -9.14 37.87 1.51
CA VAL A 318 -10.09 38.82 0.98
C VAL A 318 -9.33 40.02 0.42
N GLY A 319 -8.37 40.55 1.18
CA GLY A 319 -7.51 41.63 0.71
C GLY A 319 -6.72 41.29 -0.52
N ALA A 320 -6.10 40.10 -0.51
CA ALA A 320 -5.27 39.64 -1.58
C ALA A 320 -6.06 39.53 -2.90
N TYR A 321 -7.27 38.95 -2.84
CA TYR A 321 -8.01 38.69 -4.04
C TYR A 321 -8.69 39.96 -4.55
N ALA A 322 -9.04 40.88 -3.65
CA ALA A 322 -9.48 42.21 -4.13
C ALA A 322 -8.33 42.87 -4.93
N ALA A 323 -7.11 42.80 -4.39
CA ALA A 323 -5.96 43.37 -5.06
C ALA A 323 -5.75 42.67 -6.41
N ALA A 324 -5.84 41.34 -6.43
CA ALA A 324 -5.65 40.58 -7.65
C ALA A 324 -6.63 41.01 -8.75
N MET A 325 -7.87 41.38 -8.39
CA MET A 325 -8.88 41.71 -9.36
C MET A 325 -8.95 43.21 -9.67
N GLY A 326 -8.29 44.04 -8.86
CA GLY A 326 -8.41 45.49 -9.00
C GLY A 326 -9.64 46.06 -8.31
N GLY A 327 -10.19 45.31 -7.34
CA GLY A 327 -11.38 45.67 -6.60
C GLY A 327 -12.30 44.46 -6.45
N VAL A 328 -13.38 44.62 -5.68
CA VAL A 328 -14.37 43.61 -5.45
C VAL A 328 -15.74 44.28 -5.35
N ASP A 329 -16.76 43.66 -5.95
CA ASP A 329 -18.14 44.15 -5.94
C ASP A 329 -18.98 43.38 -4.93
N VAL A 330 -18.75 42.06 -4.83
CA VAL A 330 -19.54 41.19 -4.02
C VAL A 330 -18.62 40.21 -3.29
N LEU A 331 -18.79 40.09 -1.96
CA LEU A 331 -18.13 39.06 -1.16
C LEU A 331 -19.22 38.09 -0.67
N VAL A 332 -19.06 36.80 -1.00
CA VAL A 332 -20.05 35.78 -0.70
C VAL A 332 -19.45 34.82 0.33
N PHE A 333 -20.19 34.62 1.42
CA PHE A 333 -19.90 33.54 2.37
C PHE A 333 -20.83 32.35 2.15
N THR A 334 -20.22 31.15 2.13
CA THR A 334 -20.97 29.93 1.96
C THR A 334 -20.24 28.80 2.69
N GLY A 335 -20.80 27.59 2.59
CA GLY A 335 -20.32 26.39 3.25
C GLY A 335 -20.88 26.28 4.66
N GLY A 336 -20.72 25.09 5.25
CA GLY A 336 -21.20 24.80 6.62
C GLY A 336 -20.77 25.83 7.65
N VAL A 337 -19.52 26.29 7.59
CA VAL A 337 -19.02 27.31 8.50
C VAL A 337 -19.46 28.70 8.03
N GLY A 338 -19.27 29.00 6.75
CA GLY A 338 -19.61 30.35 6.25
C GLY A 338 -21.07 30.70 6.48
N GLU A 339 -21.97 29.71 6.30
CA GLU A 339 -23.42 29.90 6.40
C GLU A 339 -23.81 30.15 7.87
N ASN A 340 -23.03 29.62 8.80
CA ASN A 340 -23.43 29.47 10.22
C ASN A 340 -22.57 30.27 11.20
N GLN A 341 -21.27 30.44 10.94
CA GLN A 341 -20.37 31.07 11.92
C GLN A 341 -20.36 32.60 11.75
N TYR A 342 -21.41 33.25 12.24
CA TYR A 342 -21.56 34.67 12.03
C TYR A 342 -20.43 35.46 12.71
N THR A 343 -19.82 34.92 13.78
CA THR A 343 -18.72 35.65 14.45
C THR A 343 -17.49 35.70 13.53
N THR A 344 -17.24 34.65 12.77
CA THR A 344 -16.16 34.66 11.78
C THR A 344 -16.44 35.71 10.70
N ARG A 345 -17.68 35.76 10.21
CA ARG A 345 -18.01 36.69 9.18
C ARG A 345 -17.77 38.12 9.67
N GLU A 346 -18.11 38.37 10.94
CA GLU A 346 -17.96 39.70 11.49
C GLU A 346 -16.48 40.07 11.60
N LYS A 347 -15.67 39.15 12.10
CA LYS A 347 -14.25 39.43 12.28
C LYS A 347 -13.59 39.71 10.91
N VAL A 348 -13.98 38.94 9.89
CA VAL A 348 -13.39 39.05 8.57
C VAL A 348 -13.74 40.42 7.97
N CYS A 349 -15.00 40.85 8.09
CA CYS A 349 -15.49 42.02 7.36
C CYS A 349 -15.37 43.35 8.12
N THR A 350 -15.04 43.33 9.40
CA THR A 350 -14.90 44.58 10.11
C THR A 350 -13.49 45.14 9.87
N ASP A 351 -13.36 46.46 9.95
CA ASP A 351 -12.13 47.21 9.64
C ASP A 351 -11.66 46.93 8.21
N MET A 352 -12.62 46.89 7.30
CA MET A 352 -12.36 46.69 5.88
C MET A 352 -12.97 47.85 5.07
N GLU A 353 -13.25 48.98 5.73
CA GLU A 353 -13.85 50.14 5.04
C GLU A 353 -12.92 50.67 3.95
N PHE A 354 -11.59 50.57 4.18
CA PHE A 354 -10.57 51.06 3.24
C PHE A 354 -10.76 50.45 1.85
N MET A 355 -11.38 49.25 1.76
CA MET A 355 -11.55 48.60 0.47
C MET A 355 -13.03 48.45 0.11
N GLY A 356 -13.89 49.25 0.76
CA GLY A 356 -15.27 49.41 0.36
C GLY A 356 -16.29 48.59 1.15
N ILE A 357 -15.88 47.88 2.22
CA ILE A 357 -16.83 47.07 2.98
C ILE A 357 -17.28 47.84 4.22
N VAL A 358 -18.58 48.13 4.27
CA VAL A 358 -19.24 48.59 5.49
C VAL A 358 -20.19 47.49 5.99
N PHE A 359 -19.85 46.88 7.12
CA PHE A 359 -20.53 45.67 7.55
C PHE A 359 -21.72 46.01 8.44
N ASP A 360 -22.76 45.18 8.38
CA ASP A 360 -23.95 45.35 9.22
C ASP A 360 -23.93 44.31 10.35
N SER A 361 -23.28 44.65 11.45
CA SER A 361 -23.09 43.71 12.54
C SER A 361 -24.42 43.25 13.14
N LYS A 362 -25.39 44.16 13.23
CA LYS A 362 -26.68 43.80 13.89
C LYS A 362 -27.42 42.75 13.04
N VAL A 363 -27.42 42.89 11.70
CA VAL A 363 -28.14 41.98 10.81
C VAL A 363 -27.42 40.63 10.81
N ASN A 364 -26.08 40.68 10.88
CA ASN A 364 -25.26 39.47 10.79
C ASN A 364 -25.40 38.60 12.06
N GLU A 365 -25.54 39.26 13.21
CA GLU A 365 -25.51 38.60 14.55
C GLU A 365 -26.62 37.56 14.65
N GLY A 366 -26.27 36.32 14.95
CA GLY A 366 -27.20 35.18 15.08
C GLY A 366 -27.72 34.65 13.75
N MET A 367 -27.24 35.18 12.61
CA MET A 367 -27.82 34.85 11.30
C MET A 367 -27.14 33.56 10.75
N ARG A 368 -27.91 32.47 10.71
CA ARG A 368 -27.41 31.13 10.34
C ARG A 368 -28.27 30.55 9.23
N GLY A 369 -27.64 30.18 8.13
CA GLY A 369 -28.24 29.25 7.15
C GLY A 369 -29.25 29.89 6.20
N LYS A 370 -29.29 31.22 6.07
CA LYS A 370 -30.24 31.87 5.14
C LYS A 370 -29.46 32.68 4.10
N GLU A 371 -30.06 32.92 2.93
CA GLU A 371 -29.54 33.88 2.00
C GLU A 371 -29.83 35.28 2.54
N MET A 372 -28.80 36.10 2.74
CA MET A 372 -28.98 37.35 3.45
C MET A 372 -27.80 38.27 3.12
N VAL A 373 -28.10 39.52 2.73
CA VAL A 373 -27.08 40.58 2.65
C VAL A 373 -26.73 41.00 4.09
N ILE A 374 -25.44 41.11 4.39
CA ILE A 374 -24.98 41.42 5.76
C ILE A 374 -24.07 42.67 5.76
N SER A 375 -23.95 43.33 4.61
CA SER A 375 -23.35 44.63 4.52
C SER A 375 -24.46 45.68 4.70
N LYS A 376 -24.09 46.88 5.12
CA LYS A 376 -25.06 47.98 5.21
C LYS A 376 -25.47 48.42 3.81
N PRO A 377 -26.68 49.03 3.66
CA PRO A 377 -27.14 49.45 2.34
C PRO A 377 -26.14 50.34 1.60
N GLU A 378 -25.39 51.16 2.31
CA GLU A 378 -24.50 52.12 1.69
C GLU A 378 -23.12 51.51 1.38
N SER A 379 -22.86 50.26 1.78
CA SER A 379 -21.57 49.64 1.50
C SER A 379 -21.30 49.62 -0.01
N LYS A 380 -20.09 49.99 -0.42
CA LYS A 380 -19.75 49.90 -1.83
C LYS A 380 -19.69 48.41 -2.25
N VAL A 381 -19.11 47.58 -1.40
CA VAL A 381 -19.03 46.12 -1.60
C VAL A 381 -20.25 45.48 -0.92
N THR A 382 -21.00 44.64 -1.64
CA THR A 382 -22.07 43.93 -1.05
C THR A 382 -21.52 42.64 -0.45
N VAL A 383 -21.86 42.37 0.81
CA VAL A 383 -21.44 41.17 1.48
C VAL A 383 -22.72 40.34 1.70
N ILE A 384 -22.71 39.09 1.25
CA ILE A 384 -23.89 38.26 1.20
C ILE A 384 -23.54 36.82 1.62
N VAL A 385 -24.45 36.22 2.41
CA VAL A 385 -24.45 34.82 2.75
C VAL A 385 -25.36 34.09 1.76
N VAL A 386 -24.81 33.08 1.10
CA VAL A 386 -25.51 32.29 0.13
C VAL A 386 -25.26 30.82 0.44
N PRO A 387 -26.20 30.11 1.09
CA PRO A 387 -26.03 28.67 1.34
C PRO A 387 -25.79 27.95 0.01
N THR A 388 -24.81 27.05 -0.04
CA THR A 388 -24.48 26.46 -1.31
C THR A 388 -25.43 25.27 -1.55
N ASP A 389 -25.51 24.84 -2.81
CA ASP A 389 -26.34 23.73 -3.19
C ASP A 389 -25.67 23.05 -4.36
N GLU A 390 -24.61 22.31 -4.11
CA GLU A 390 -23.86 21.70 -5.20
C GLU A 390 -24.73 20.71 -5.97
N GLU A 391 -25.63 20.00 -5.27
CA GLU A 391 -26.48 18.99 -5.92
C GLU A 391 -27.42 19.67 -6.93
N TYR A 392 -28.00 20.79 -6.55
CA TYR A 392 -28.85 21.57 -7.41
C TYR A 392 -28.07 22.05 -8.62
N MET A 393 -26.85 22.55 -8.41
CA MET A 393 -25.97 23.00 -9.51
C MET A 393 -25.73 21.82 -10.46
N ILE A 394 -25.49 20.62 -9.92
CA ILE A 394 -25.25 19.45 -10.77
C ILE A 394 -26.51 19.14 -11.59
N ALA A 395 -27.67 19.12 -10.93
CA ALA A 395 -28.98 18.85 -11.55
C ALA A 395 -29.30 19.89 -12.61
N SER A 396 -28.96 21.15 -12.33
CA SER A 396 -29.19 22.27 -13.23
C SER A 396 -28.32 22.10 -14.50
N ASP A 397 -27.02 21.79 -14.36
CA ASP A 397 -26.18 21.55 -15.53
C ASP A 397 -26.72 20.33 -16.31
N THR A 398 -27.19 19.31 -15.59
CA THR A 398 -27.69 18.10 -16.22
C THR A 398 -28.86 18.46 -17.14
N MET A 399 -29.79 19.27 -16.62
CA MET A 399 -30.98 19.63 -17.38
C MET A 399 -30.60 20.52 -18.58
N THR A 400 -29.64 21.43 -18.41
CA THR A 400 -29.20 22.29 -19.51
C THR A 400 -28.60 21.46 -20.65
N ILE A 401 -27.76 20.49 -20.30
CA ILE A 401 -27.04 19.74 -21.27
C ILE A 401 -27.98 18.80 -22.01
N LEU A 402 -28.95 18.20 -21.32
CA LEU A 402 -29.75 17.15 -21.92
C LEU A 402 -30.99 17.74 -22.60
N LYS A 403 -31.26 19.03 -22.41
CA LYS A 403 -32.34 19.81 -23.04
C LYS A 403 -32.49 19.44 -24.53
N HIS B 3 30.37 69.84 16.45
CA HIS B 3 29.61 68.54 16.47
C HIS B 3 30.59 67.37 16.30
N MET B 4 30.80 66.58 17.36
CA MET B 4 31.80 65.45 17.40
C MET B 4 31.35 64.32 16.46
N ALA B 5 32.29 63.39 16.11
CA ALA B 5 32.05 62.30 15.09
C ALA B 5 32.77 61.02 15.53
N SER B 6 32.04 59.90 15.59
CA SER B 6 32.61 58.56 15.83
C SER B 6 32.73 57.82 14.49
N LYS B 7 33.64 56.84 14.40
CA LYS B 7 33.76 56.00 13.24
C LYS B 7 33.40 54.56 13.66
N VAL B 8 32.38 54.01 13.00
CA VAL B 8 31.89 52.66 13.33
C VAL B 8 32.11 51.76 12.13
N LEU B 9 32.85 50.67 12.33
CA LEU B 9 32.98 49.62 11.33
C LEU B 9 31.78 48.69 11.43
N VAL B 10 31.12 48.42 10.31
CA VAL B 10 29.95 47.58 10.25
C VAL B 10 30.27 46.38 9.38
N LEU B 11 30.12 45.18 9.95
CA LEU B 11 30.41 43.95 9.25
C LEU B 11 29.14 43.13 9.00
N ASN B 12 29.20 42.38 7.89
CA ASN B 12 28.24 41.40 7.51
C ASN B 12 29.02 40.20 6.99
N CYS B 13 29.23 39.20 7.85
CA CYS B 13 30.05 38.02 7.56
C CYS B 13 29.17 36.83 7.18
N GLY B 14 29.47 36.24 6.01
CA GLY B 14 28.86 35.00 5.55
C GLY B 14 29.90 33.90 5.47
N SER B 15 29.46 32.70 5.09
CA SER B 15 30.35 31.52 5.10
C SER B 15 31.57 31.75 4.18
N SER B 16 31.42 32.50 3.09
CA SER B 16 32.54 32.75 2.20
C SER B 16 32.73 34.25 1.86
N SER B 17 32.34 35.13 2.78
CA SER B 17 32.41 36.57 2.50
C SER B 17 32.49 37.41 3.77
N VAL B 18 33.04 38.61 3.64
CA VAL B 18 32.88 39.65 4.64
C VAL B 18 32.59 40.95 3.90
N LYS B 19 31.40 41.51 4.11
CA LYS B 19 31.12 42.85 3.63
C LYS B 19 31.32 43.83 4.78
N TYR B 20 31.83 45.02 4.45
CA TYR B 20 32.15 46.00 5.44
C TYR B 20 31.81 47.39 4.93
N LYS B 21 31.46 48.26 5.87
CA LYS B 21 31.49 49.67 5.65
C LYS B 21 32.03 50.34 6.91
N LEU B 22 32.71 51.46 6.72
CA LEU B 22 33.10 52.30 7.81
C LEU B 22 32.30 53.59 7.68
N LEU B 23 31.53 53.90 8.73
CA LEU B 23 30.61 55.01 8.75
C LEU B 23 31.06 56.04 9.78
N GLU B 24 30.88 57.32 9.44
CA GLU B 24 31.05 58.40 10.40
C GLU B 24 29.69 58.75 10.97
N MET B 25 29.57 58.66 12.29
CA MET B 25 28.32 58.88 12.99
C MET B 25 28.42 60.17 13.80
N PRO B 26 27.28 60.86 13.98
CA PRO B 26 25.95 60.42 13.64
C PRO B 26 25.43 60.72 12.22
N LYS B 27 26.22 61.39 11.39
CA LYS B 27 25.77 61.74 10.02
C LYS B 27 25.48 60.50 9.18
N GLY B 28 26.30 59.46 9.33
CA GLY B 28 26.20 58.21 8.56
C GLY B 28 26.95 58.25 7.25
N ASP B 29 27.89 59.19 7.11
CA ASP B 29 28.74 59.32 5.91
C ASP B 29 29.60 58.06 5.78
N VAL B 30 29.67 57.51 4.56
CA VAL B 30 30.45 56.35 4.28
C VAL B 30 31.90 56.79 4.00
N LEU B 31 32.82 56.38 4.87
CA LEU B 31 34.27 56.60 4.73
C LEU B 31 34.91 55.50 3.88
N ALA B 32 34.37 54.29 3.96
CA ALA B 32 34.90 53.14 3.24
C ALA B 32 33.81 52.08 3.04
N GLN B 33 33.96 51.28 1.97
CA GLN B 33 33.09 50.17 1.75
C GLN B 33 33.74 49.19 0.79
N GLY B 34 33.48 47.90 1.03
CA GLY B 34 34.00 46.83 0.23
C GLY B 34 33.49 45.49 0.70
N GLY B 35 34.12 44.44 0.17
CA GLY B 35 33.73 43.13 0.51
C GLY B 35 34.79 42.13 0.11
N VAL B 36 35.03 41.16 0.98
CA VAL B 36 35.82 40.01 0.66
C VAL B 36 34.88 38.96 0.10
N GLU B 37 35.32 38.33 -1.01
CA GLU B 37 34.58 37.26 -1.65
C GLU B 37 35.50 36.04 -1.77
N LYS B 38 34.87 34.86 -1.84
CA LYS B 38 35.56 33.60 -2.08
C LYS B 38 36.55 33.34 -0.94
N LEU B 39 36.20 33.80 0.26
CA LEU B 39 36.92 33.50 1.47
C LEU B 39 36.90 31.97 1.64
N GLY B 40 38.06 31.40 1.96
CA GLY B 40 38.20 29.95 2.18
C GLY B 40 38.16 29.13 0.89
N LEU B 41 38.30 29.79 -0.26
CA LEU B 41 38.32 29.15 -1.57
C LEU B 41 39.52 29.66 -2.33
N PRO B 42 39.99 28.96 -3.39
CA PRO B 42 41.05 29.50 -4.24
C PRO B 42 40.47 30.75 -4.93
N GLY B 43 41.25 31.83 -4.97
CA GLY B 43 40.91 33.03 -5.71
C GLY B 43 40.25 34.11 -4.85
N SER B 44 40.42 34.04 -3.51
CA SER B 44 39.83 35.01 -2.60
C SER B 44 40.32 36.42 -2.94
N PHE B 45 39.45 37.42 -2.80
CA PHE B 45 39.83 38.78 -3.12
C PHE B 45 38.95 39.76 -2.34
N LEU B 46 39.46 40.98 -2.21
CA LEU B 46 38.73 42.08 -1.67
C LEU B 46 38.45 43.07 -2.79
N LYS B 47 37.19 43.47 -2.92
CA LYS B 47 36.80 44.54 -3.80
C LYS B 47 36.27 45.71 -2.98
N LEU B 48 36.83 46.89 -3.21
CA LEU B 48 36.40 48.08 -2.48
C LEU B 48 35.98 49.16 -3.47
N THR B 49 35.31 50.20 -2.95
CA THR B 49 34.88 51.32 -3.73
C THR B 49 35.64 52.56 -3.26
N MET B 50 36.39 53.17 -4.17
CA MET B 50 37.17 54.36 -3.89
C MET B 50 36.20 55.53 -3.67
N PRO B 51 36.66 56.61 -3.00
CA PRO B 51 35.94 57.89 -3.00
C PRO B 51 35.52 58.38 -4.40
N ASN B 52 36.32 58.11 -5.44
CA ASN B 52 36.02 58.49 -6.85
C ASN B 52 34.88 57.63 -7.44
N GLY B 53 34.51 56.52 -6.77
CA GLY B 53 33.40 55.66 -7.18
C GLY B 53 33.87 54.42 -7.92
N GLU B 54 35.13 54.36 -8.31
CA GLU B 54 35.59 53.15 -9.01
C GLU B 54 35.84 52.03 -8.01
N LYS B 55 35.65 50.82 -8.53
CA LYS B 55 35.95 49.58 -7.87
C LYS B 55 37.42 49.20 -8.09
N VAL B 56 38.08 48.73 -7.01
CA VAL B 56 39.43 48.22 -7.02
C VAL B 56 39.41 46.82 -6.40
N VAL B 57 40.11 45.87 -7.05
CA VAL B 57 40.18 44.50 -6.62
C VAL B 57 41.61 44.19 -6.16
N LEU B 58 41.73 43.73 -4.92
CA LEU B 58 43.00 43.34 -4.33
C LEU B 58 42.94 41.83 -4.04
N GLU B 59 43.70 41.05 -4.81
CA GLU B 59 43.73 39.60 -4.65
C GLU B 59 44.67 39.27 -3.50
N LYS B 60 44.28 38.26 -2.71
CA LYS B 60 45.00 37.92 -1.48
C LYS B 60 44.38 36.62 -0.95
N ASP B 61 45.23 35.69 -0.53
CA ASP B 61 44.78 34.42 -0.01
C ASP B 61 44.15 34.70 1.36
N MET B 62 42.87 34.33 1.51
CA MET B 62 42.13 34.55 2.76
C MET B 62 41.34 33.28 3.08
N PRO B 63 42.01 32.28 3.68
CA PRO B 63 41.37 30.99 3.95
C PRO B 63 40.31 30.99 5.08
N GLU B 64 40.35 31.97 5.98
CA GLU B 64 39.31 32.04 7.03
C GLU B 64 39.08 33.50 7.45
N HIS B 65 38.15 33.71 8.38
CA HIS B 65 37.59 35.06 8.66
C HIS B 65 38.62 35.98 9.32
N THR B 66 39.46 35.45 10.21
CA THR B 66 40.41 36.33 10.89
C THR B 66 41.39 36.95 9.88
N ILE B 67 41.90 36.15 8.94
CA ILE B 67 42.86 36.67 7.94
C ILE B 67 42.13 37.69 7.05
N ALA B 68 40.86 37.40 6.74
CA ALA B 68 40.04 38.29 5.90
C ALA B 68 39.85 39.64 6.59
N VAL B 69 39.49 39.61 7.88
CA VAL B 69 39.23 40.87 8.59
C VAL B 69 40.54 41.63 8.77
N GLU B 70 41.64 40.91 9.02
CA GLU B 70 42.97 41.54 9.13
C GLU B 70 43.31 42.30 7.83
N PHE B 71 43.01 41.71 6.67
CA PHE B 71 43.27 42.36 5.39
C PHE B 71 42.39 43.60 5.20
N ILE B 72 41.08 43.45 5.54
CA ILE B 72 40.17 44.57 5.50
C ILE B 72 40.76 45.74 6.29
N LEU B 73 41.14 45.48 7.55
CA LEU B 73 41.65 46.53 8.42
C LEU B 73 42.91 47.16 7.81
N SER B 74 43.81 46.34 7.24
CA SER B 74 45.07 46.87 6.65
C SER B 74 44.74 47.80 5.47
N VAL B 75 43.69 47.44 4.70
CA VAL B 75 43.26 48.29 3.59
C VAL B 75 42.72 49.62 4.13
N LEU B 76 41.94 49.60 5.22
CA LEU B 76 41.35 50.83 5.79
C LEU B 76 42.46 51.84 6.15
N LYS B 77 43.62 51.28 6.55
CA LYS B 77 44.74 52.08 7.08
C LYS B 77 45.82 52.34 6.01
N ASP B 78 45.68 51.74 4.84
CA ASP B 78 46.67 51.89 3.75
C ASP B 78 46.80 53.36 3.32
N ASP B 79 48.00 53.80 2.94
CA ASP B 79 48.26 55.17 2.45
C ASP B 79 47.53 55.45 1.14
N LYS B 80 47.42 54.42 0.29
CA LYS B 80 46.83 54.52 -1.05
C LYS B 80 45.30 54.35 -0.97
N TYR B 81 44.83 53.25 -0.37
CA TYR B 81 43.42 52.88 -0.43
C TYR B 81 42.64 53.27 0.84
N GLY B 82 43.36 53.66 1.90
CA GLY B 82 42.80 53.75 3.22
C GLY B 82 42.06 55.05 3.44
N CYS B 83 41.40 55.14 4.59
CA CYS B 83 40.70 56.37 5.00
C CYS B 83 41.01 56.73 6.46
N ILE B 84 41.84 55.94 7.14
CA ILE B 84 42.24 56.23 8.52
C ILE B 84 43.76 56.03 8.60
N LYS B 85 44.41 56.65 9.57
CA LYS B 85 45.88 56.50 9.76
C LYS B 85 46.17 55.34 10.72
N SER B 86 45.25 55.05 11.65
CA SER B 86 45.43 53.98 12.60
C SER B 86 44.08 53.42 13.06
N TYR B 87 44.16 52.20 13.60
CA TYR B 87 43.01 51.43 14.08
C TYR B 87 42.33 52.10 15.28
N GLU B 88 43.00 53.03 15.96
CA GLU B 88 42.45 53.73 17.12
C GLU B 88 41.32 54.67 16.68
N GLU B 89 41.28 54.99 15.38
CA GLU B 89 40.21 55.85 14.87
C GLU B 89 38.89 55.07 14.81
N ILE B 90 38.94 53.72 14.84
CA ILE B 90 37.71 52.89 14.84
C ILE B 90 37.14 52.87 16.27
N ASP B 91 35.98 53.48 16.48
CA ASP B 91 35.42 53.66 17.83
C ASP B 91 34.64 52.42 18.26
N ALA B 92 34.09 51.65 17.32
CA ALA B 92 33.26 50.49 17.65
C ALA B 92 33.02 49.67 16.40
N VAL B 93 32.59 48.41 16.60
CA VAL B 93 32.20 47.53 15.53
C VAL B 93 30.77 47.05 15.76
N GLY B 94 29.94 47.17 14.72
CA GLY B 94 28.61 46.60 14.70
C GLY B 94 28.52 45.46 13.72
N HIS B 95 27.78 44.41 14.09
CA HIS B 95 27.66 43.20 13.29
C HIS B 95 26.21 42.91 12.92
N ARG B 96 26.02 42.48 11.67
CA ARG B 96 24.78 41.81 11.29
C ARG B 96 24.77 40.40 11.84
N LEU B 97 23.85 40.08 12.76
CA LEU B 97 23.66 38.75 13.24
C LEU B 97 22.32 38.28 12.67
N VAL B 98 22.28 37.13 12.01
CA VAL B 98 21.05 36.74 11.33
C VAL B 98 19.92 36.38 12.32
N HIS B 99 20.15 35.48 13.28
CA HIS B 99 19.07 34.93 14.03
C HIS B 99 19.24 35.12 15.53
N GLY B 100 18.30 35.86 16.13
CA GLY B 100 18.24 36.03 17.60
C GLY B 100 17.13 35.21 18.26
N GLY B 101 16.44 34.38 17.47
CA GLY B 101 15.35 33.53 17.95
C GLY B 101 14.31 34.35 18.71
N GLU B 102 13.80 33.76 19.79
CA GLU B 102 12.92 34.49 20.69
C GLU B 102 13.71 35.14 21.83
N LYS B 103 15.04 35.18 21.74
CA LYS B 103 15.82 35.71 22.83
C LYS B 103 16.07 37.21 22.68
N PHE B 104 16.11 37.72 21.44
CA PHE B 104 16.46 39.13 21.24
C PHE B 104 15.40 39.89 20.47
N SER B 105 14.93 40.97 21.10
CA SER B 105 13.97 41.91 20.54
C SER B 105 14.65 43.19 20.03
N ASN B 106 15.95 43.35 20.30
CA ASN B 106 16.68 44.53 19.89
C ASN B 106 18.18 44.25 20.09
N SER B 107 19.02 45.23 19.72
CA SER B 107 20.44 45.01 19.58
C SER B 107 21.11 44.97 20.96
N VAL B 108 22.27 44.32 21.06
CA VAL B 108 22.98 44.17 22.34
C VAL B 108 24.51 44.23 22.12
N GLU B 109 25.22 44.64 23.18
CA GLU B 109 26.66 44.53 23.23
C GLU B 109 27.05 43.06 23.29
N ILE B 110 28.03 42.66 22.49
CA ILE B 110 28.42 41.28 22.42
C ILE B 110 29.37 40.99 23.60
N THR B 111 28.89 40.17 24.54
CA THR B 111 29.56 39.71 25.71
C THR B 111 29.62 38.20 25.60
N PRO B 112 30.39 37.50 26.46
CA PRO B 112 30.35 36.03 26.49
C PRO B 112 28.94 35.44 26.63
N GLU B 113 28.10 36.09 27.43
CA GLU B 113 26.72 35.63 27.74
C GLU B 113 25.86 35.76 26.47
N VAL B 114 26.06 36.86 25.72
CA VAL B 114 25.35 37.06 24.46
C VAL B 114 25.82 36.01 23.45
N ILE B 115 27.13 35.77 23.34
CA ILE B 115 27.63 34.75 22.39
C ILE B 115 26.95 33.42 22.68
N ALA B 116 26.85 33.04 23.96
CA ALA B 116 26.25 31.76 24.30
C ALA B 116 24.79 31.69 23.78
N LYS B 117 24.04 32.78 23.94
CA LYS B 117 22.64 32.80 23.49
C LYS B 117 22.57 32.76 21.95
N VAL B 118 23.45 33.46 21.26
CA VAL B 118 23.46 33.48 19.79
C VAL B 118 23.82 32.08 19.28
N GLU B 119 24.72 31.38 20.00
CA GLU B 119 25.06 29.98 19.67
C GLU B 119 23.82 29.08 19.84
N GLU B 120 22.99 29.31 20.86
CA GLU B 120 21.75 28.56 21.03
C GLU B 120 20.80 28.74 19.85
N CYS B 121 20.90 29.86 19.11
CA CYS B 121 20.02 30.10 17.92
C CYS B 121 20.59 29.52 16.61
N ILE B 122 21.81 28.97 16.66
CA ILE B 122 22.45 28.44 15.44
C ILE B 122 21.50 27.46 14.73
N PRO B 123 20.80 26.54 15.41
CA PRO B 123 19.85 25.64 14.73
C PRO B 123 18.80 26.36 13.86
N LEU B 124 18.46 27.61 14.20
CA LEU B 124 17.46 28.37 13.48
C LEU B 124 18.06 29.03 12.23
N ALA B 125 19.38 29.21 12.18
CA ALA B 125 20.05 29.75 11.01
C ALA B 125 21.45 29.13 10.92
N PRO B 126 21.49 27.81 10.65
CA PRO B 126 22.74 27.04 10.79
C PRO B 126 23.83 27.39 9.78
N LEU B 127 23.50 28.07 8.68
CA LEU B 127 24.50 28.46 7.67
C LEU B 127 24.85 29.94 7.75
N HIS B 128 24.28 30.67 8.74
CA HIS B 128 24.57 32.11 8.90
C HIS B 128 25.16 32.47 10.26
N ASN B 129 24.52 32.04 11.35
CA ASN B 129 24.96 32.46 12.69
C ASN B 129 26.44 32.15 12.92
N PRO B 130 26.94 30.93 12.60
CA PRO B 130 28.35 30.62 12.82
C PRO B 130 29.31 31.61 12.16
N ALA B 131 29.03 31.96 10.90
CA ALA B 131 29.88 32.90 10.20
C ALA B 131 29.83 34.28 10.88
N ASN B 132 28.62 34.67 11.29
CA ASN B 132 28.48 35.98 11.91
C ASN B 132 29.40 36.05 13.16
N LEU B 133 29.41 34.98 13.94
CA LEU B 133 30.19 34.96 15.16
C LEU B 133 31.71 34.92 14.88
N LYS B 134 32.11 34.31 13.76
CA LYS B 134 33.53 34.29 13.37
C LYS B 134 34.05 35.70 13.16
N GLY B 135 33.18 36.58 12.62
CA GLY B 135 33.52 37.97 12.49
C GLY B 135 33.77 38.65 13.82
N VAL B 136 32.95 38.33 14.82
CA VAL B 136 33.08 38.90 16.17
C VAL B 136 34.42 38.49 16.78
N VAL B 137 34.72 37.20 16.68
CA VAL B 137 35.99 36.62 17.20
C VAL B 137 37.18 37.29 16.51
N ALA B 138 37.11 37.50 15.18
CA ALA B 138 38.19 38.11 14.44
C ALA B 138 38.49 39.51 14.97
N ILE B 139 37.42 40.30 15.19
CA ILE B 139 37.59 41.64 15.68
C ILE B 139 38.18 41.62 17.10
N GLU B 140 37.77 40.71 17.98
CA GLU B 140 38.30 40.77 19.35
C GLU B 140 39.82 40.49 19.30
N LYS B 141 40.26 39.65 18.35
CA LYS B 141 41.67 39.33 18.20
C LYS B 141 42.46 40.51 17.63
N LEU B 142 41.86 41.25 16.67
CA LEU B 142 42.60 42.22 15.89
C LEU B 142 42.48 43.61 16.48
N LEU B 143 41.39 43.94 17.21
CA LEU B 143 41.24 45.33 17.71
C LEU B 143 41.21 45.42 19.25
N PRO B 144 42.36 45.71 19.89
CA PRO B 144 42.42 45.72 21.35
C PRO B 144 41.47 46.79 21.92
N GLY B 145 40.74 46.43 22.98
CA GLY B 145 39.85 47.37 23.67
C GLY B 145 38.51 47.60 22.97
N ILE B 146 38.29 47.02 21.78
CA ILE B 146 37.14 47.40 20.97
C ILE B 146 35.88 46.80 21.59
N ARG B 147 34.79 47.55 21.54
CA ARG B 147 33.47 47.09 21.94
C ARG B 147 32.62 46.86 20.69
N GLN B 148 31.83 45.80 20.74
CA GLN B 148 31.10 45.29 19.58
C GLN B 148 29.63 45.11 19.92
N VAL B 149 28.76 45.38 18.94
CA VAL B 149 27.35 45.28 19.08
C VAL B 149 26.80 44.39 17.96
N GLY B 150 25.81 43.57 18.31
CA GLY B 150 25.10 42.70 17.38
C GLY B 150 23.69 43.22 17.14
N VAL B 151 23.26 43.16 15.88
CA VAL B 151 21.99 43.64 15.40
C VAL B 151 21.32 42.55 14.57
N PHE B 152 20.13 42.10 14.99
CA PHE B 152 19.57 40.83 14.53
C PHE B 152 18.55 41.08 13.42
N ASP B 153 18.62 40.29 12.36
CA ASP B 153 17.63 40.32 11.25
C ASP B 153 16.21 39.95 11.73
N THR B 154 16.09 39.20 12.82
CA THR B 154 14.81 38.65 13.33
C THR B 154 14.19 39.55 14.41
N ALA B 155 14.97 40.46 14.97
CA ALA B 155 14.60 41.15 16.19
C ALA B 155 13.33 42.00 16.01
N PHE B 156 13.26 42.71 14.89
CA PHE B 156 12.17 43.66 14.61
C PHE B 156 10.81 42.94 14.62
N PHE B 157 10.79 41.64 14.29
CA PHE B 157 9.57 40.91 14.13
C PHE B 157 9.13 40.20 15.42
N GLN B 158 9.85 40.42 16.50
CA GLN B 158 9.52 39.73 17.74
C GLN B 158 8.27 40.35 18.38
N THR B 159 7.76 41.45 17.81
CA THR B 159 6.46 42.01 18.21
C THR B 159 5.25 41.30 17.56
N MET B 160 5.45 40.38 16.61
CA MET B 160 4.28 39.74 15.97
C MET B 160 3.49 38.94 17.01
N PRO B 161 2.14 39.01 16.97
CA PRO B 161 1.32 38.24 17.90
C PRO B 161 1.30 36.76 17.49
N GLU B 162 0.93 35.90 18.43
CA GLU B 162 0.94 34.46 18.24
C GLU B 162 -0.03 34.05 17.12
N HIS B 163 -1.14 34.73 16.92
CA HIS B 163 -2.08 34.29 15.89
C HIS B 163 -1.46 34.52 14.50
N VAL B 164 -0.42 35.38 14.42
CA VAL B 164 0.33 35.57 13.17
C VAL B 164 1.53 34.62 13.10
N TYR B 165 2.31 34.47 14.19
CA TYR B 165 3.59 33.76 14.06
C TYR B 165 3.40 32.24 14.10
N ARG B 166 2.30 31.76 14.67
CA ARG B 166 2.03 30.32 14.73
C ARG B 166 1.52 29.84 13.36
N TYR B 167 2.04 28.72 12.88
CA TYR B 167 1.50 27.96 11.78
C TYR B 167 0.39 27.02 12.29
N ALA B 168 -0.53 26.66 11.42
CA ALA B 168 -1.67 25.81 11.74
C ALA B 168 -1.24 24.34 11.63
N LEU B 169 -0.26 23.99 12.45
CA LEU B 169 0.38 22.66 12.50
C LEU B 169 0.20 22.15 13.92
N PRO B 170 0.50 20.87 14.22
CA PRO B 170 0.34 20.35 15.58
C PRO B 170 1.08 21.22 16.62
N TYR B 171 0.33 21.69 17.61
CA TYR B 171 0.75 22.72 18.55
C TYR B 171 2.01 22.28 19.29
N ASP B 172 1.95 21.10 19.92
CA ASP B 172 3.03 20.64 20.81
C ASP B 172 4.29 20.40 19.99
N MET B 173 4.13 19.83 18.78
CA MET B 173 5.27 19.52 17.93
C MET B 173 5.96 20.81 17.48
N CYS B 174 5.20 21.83 17.10
CA CYS B 174 5.78 23.13 16.77
C CYS B 174 6.56 23.69 17.96
N ASN B 175 5.96 23.65 19.15
CA ASN B 175 6.57 24.25 20.33
C ASN B 175 7.86 23.53 20.69
N LYS B 176 7.84 22.21 20.56
CA LYS B 176 9.00 21.37 20.86
C LYS B 176 10.18 21.78 19.97
N HIS B 177 9.94 22.06 18.69
CA HIS B 177 11.01 22.31 17.72
C HIS B 177 11.22 23.82 17.41
N GLY B 178 10.50 24.71 18.09
CA GLY B 178 10.62 26.14 17.89
C GLY B 178 10.11 26.60 16.54
N VAL B 179 9.09 25.92 16.00
CA VAL B 179 8.52 26.26 14.71
C VAL B 179 7.58 27.44 14.91
N ARG B 180 7.90 28.52 14.22
CA ARG B 180 7.11 29.74 14.16
C ARG B 180 7.71 30.66 13.11
N ARG B 181 6.93 31.67 12.71
CA ARG B 181 7.39 32.67 11.82
C ARG B 181 8.40 33.56 12.57
N TYR B 182 9.56 33.78 11.97
CA TYR B 182 10.53 34.71 12.51
C TYR B 182 10.67 35.96 11.66
N GLY B 183 10.70 35.83 10.34
CA GLY B 183 10.97 36.95 9.46
C GLY B 183 12.47 37.19 9.40
N PHE B 184 12.90 37.82 8.32
CA PHE B 184 14.27 38.29 8.10
C PHE B 184 14.19 39.68 7.48
N HIS B 185 15.36 40.26 7.16
CA HIS B 185 15.49 41.63 6.66
C HIS B 185 14.96 42.65 7.66
N GLY B 186 14.90 42.27 8.94
CA GLY B 186 14.28 43.13 9.95
C GLY B 186 14.95 44.48 10.07
N THR B 187 16.28 44.52 9.91
CA THR B 187 17.00 45.77 10.02
C THR B 187 16.61 46.72 8.87
N SER B 188 16.37 46.17 7.68
CA SER B 188 15.93 46.95 6.54
C SER B 188 14.49 47.44 6.74
N HIS B 189 13.56 46.53 7.11
CA HIS B 189 12.18 46.93 7.35
C HIS B 189 12.11 48.02 8.42
N ARG B 190 12.94 47.86 9.46
CA ARG B 190 12.98 48.79 10.56
C ARG B 190 13.45 50.17 10.05
N TYR B 191 14.51 50.19 9.28
CA TYR B 191 15.11 51.44 8.75
C TYR B 191 14.14 52.15 7.79
N VAL B 192 13.61 51.45 6.79
CA VAL B 192 12.81 52.15 5.75
C VAL B 192 11.43 52.59 6.27
N SER B 193 10.87 51.86 7.23
CA SER B 193 9.57 52.24 7.77
C SER B 193 9.70 53.57 8.53
N ALA B 194 10.72 53.66 9.40
CA ALA B 194 11.00 54.86 10.18
C ALA B 194 11.40 56.01 9.25
N ARG B 195 12.24 55.72 8.28
CA ARG B 195 12.76 56.75 7.35
C ARG B 195 11.61 57.30 6.50
N ALA B 196 10.71 56.42 6.02
CA ALA B 196 9.53 56.86 5.26
C ALA B 196 8.70 57.87 6.08
N CYS B 197 8.46 57.55 7.35
CA CYS B 197 7.63 58.40 8.21
C CYS B 197 8.32 59.75 8.47
N GLU B 198 9.65 59.74 8.63
CA GLU B 198 10.46 60.96 8.78
C GLU B 198 10.36 61.84 7.54
N ILE B 199 10.50 61.24 6.37
CA ILE B 199 10.40 61.97 5.08
C ILE B 199 9.01 62.59 4.94
N LEU B 200 7.98 61.84 5.35
CA LEU B 200 6.62 62.21 5.03
C LEU B 200 5.99 63.02 6.17
N GLY B 201 6.69 63.21 7.30
CA GLY B 201 6.14 64.00 8.40
C GLY B 201 5.06 63.27 9.18
N LEU B 202 5.17 61.95 9.28
CA LEU B 202 4.15 61.14 9.93
C LEU B 202 4.64 60.64 11.29
N ASP B 203 3.69 60.40 12.19
CA ASP B 203 3.99 59.77 13.47
C ASP B 203 4.05 58.25 13.24
N TYR B 204 5.27 57.72 13.32
CA TYR B 204 5.54 56.30 13.16
C TYR B 204 4.60 55.45 14.00
N ASP B 205 4.30 55.88 15.23
CA ASP B 205 3.54 55.08 16.19
C ASP B 205 2.04 55.08 15.88
N LYS B 206 1.60 55.81 14.86
CA LYS B 206 0.17 55.89 14.52
C LYS B 206 -0.06 55.61 13.03
N THR B 207 0.94 55.03 12.35
CA THR B 207 0.91 54.86 10.90
C THR B 207 0.87 53.36 10.57
N ARG B 208 0.07 53.00 9.56
CA ARG B 208 0.04 51.67 9.03
C ARG B 208 0.90 51.62 7.77
N ILE B 209 1.94 50.78 7.81
CA ILE B 209 2.97 50.79 6.78
C ILE B 209 3.11 49.38 6.22
N ILE B 210 3.22 49.27 4.90
CA ILE B 210 3.66 48.04 4.23
C ILE B 210 5.03 48.31 3.63
N THR B 211 6.01 47.47 3.96
CA THR B 211 7.36 47.64 3.45
C THR B 211 7.71 46.40 2.63
N ALA B 212 8.13 46.63 1.39
CA ALA B 212 8.50 45.60 0.47
C ALA B 212 9.99 45.69 0.21
N HIS B 213 10.76 44.81 0.85
CA HIS B 213 12.18 44.69 0.64
C HIS B 213 12.39 43.63 -0.43
N ILE B 214 12.57 44.07 -1.66
CA ILE B 214 12.70 43.20 -2.79
C ILE B 214 14.17 43.25 -3.23
N GLY B 215 14.87 42.15 -2.90
CA GLY B 215 16.23 41.94 -3.32
C GLY B 215 16.32 40.53 -3.87
N ASN B 216 17.51 39.94 -3.80
CA ASN B 216 17.62 38.59 -4.26
C ASN B 216 16.80 37.68 -3.35
N GLY B 217 16.88 37.96 -2.02
CA GLY B 217 15.85 37.58 -1.08
C GLY B 217 14.80 38.69 -1.02
N ALA B 218 13.51 38.31 -0.87
CA ALA B 218 12.41 39.30 -0.93
C ALA B 218 11.42 39.04 0.21
N SER B 219 10.97 40.13 0.86
CA SER B 219 10.06 40.03 1.91
C SER B 219 9.20 41.29 1.96
N ILE B 220 7.99 41.12 2.45
CA ILE B 220 7.11 42.22 2.64
C ILE B 220 6.61 42.12 4.09
N ALA B 221 6.42 43.28 4.72
CA ALA B 221 6.04 43.33 6.10
C ALA B 221 4.87 44.31 6.28
N ALA B 222 4.06 44.02 7.27
CA ALA B 222 3.01 44.91 7.77
C ALA B 222 3.47 45.44 9.13
N ILE B 223 3.57 46.77 9.24
CA ILE B 223 4.00 47.45 10.44
C ILE B 223 2.88 48.40 10.83
N LYS B 224 2.26 48.11 11.96
CA LYS B 224 1.10 48.83 12.40
C LYS B 224 1.41 49.55 13.69
N ASN B 225 1.21 50.87 13.68
CA ASN B 225 1.32 51.65 14.91
C ASN B 225 2.66 51.38 15.61
N GLY B 226 3.73 51.31 14.81
CA GLY B 226 5.07 51.33 15.34
C GLY B 226 5.63 49.93 15.64
N LYS B 227 4.86 48.87 15.35
CA LYS B 227 5.27 47.51 15.63
C LYS B 227 4.97 46.60 14.44
N ALA B 228 5.91 45.72 14.11
CA ALA B 228 5.68 44.73 13.09
C ALA B 228 4.49 43.86 13.50
N LEU B 229 3.61 43.59 12.54
CA LEU B 229 2.44 42.75 12.73
C LEU B 229 2.59 41.42 12.00
N ASP B 230 3.08 41.47 10.74
CA ASP B 230 3.20 40.28 9.88
C ASP B 230 4.38 40.49 8.93
N VAL B 231 4.90 39.39 8.38
CA VAL B 231 5.97 39.38 7.44
C VAL B 231 5.85 38.11 6.58
N SER B 232 6.27 38.20 5.32
CA SER B 232 6.00 37.17 4.31
C SER B 232 6.98 36.00 4.50
N LEU B 233 8.17 36.29 4.98
CA LEU B 233 9.17 35.27 5.29
C LEU B 233 8.76 34.51 6.55
N GLY B 234 9.18 33.26 6.64
CA GLY B 234 8.65 32.43 7.67
C GLY B 234 9.67 32.13 8.76
N MET B 235 9.67 30.86 9.18
CA MET B 235 10.73 30.32 9.93
C MET B 235 11.97 30.22 9.05
N THR B 236 11.75 30.01 7.74
CA THR B 236 12.78 29.86 6.77
C THR B 236 12.58 30.93 5.71
N PRO B 237 13.67 31.27 4.99
CA PRO B 237 13.60 32.31 3.97
C PRO B 237 13.05 31.84 2.60
N VAL B 238 12.39 30.67 2.54
CA VAL B 238 11.74 30.21 1.30
C VAL B 238 10.32 30.75 1.17
N GLU B 239 9.67 31.08 2.29
CA GLU B 239 8.27 31.43 2.36
C GLU B 239 8.05 32.83 1.81
N GLY B 240 6.86 33.01 1.22
CA GLY B 240 6.31 34.29 0.90
C GLY B 240 6.45 34.63 -0.57
N LEU B 241 7.15 35.73 -0.84
CA LEU B 241 7.30 36.25 -2.19
C LEU B 241 8.19 35.32 -3.00
N MET B 242 7.94 35.34 -4.30
CA MET B 242 8.82 34.74 -5.26
C MET B 242 10.17 35.48 -5.21
N MET B 243 11.27 34.75 -5.28
CA MET B 243 12.61 35.34 -5.15
C MET B 243 13.51 34.88 -6.29
N GLY B 244 14.81 35.24 -6.21
CA GLY B 244 15.82 34.87 -7.20
C GLY B 244 15.83 33.39 -7.54
N THR B 245 16.01 32.56 -6.52
CA THR B 245 16.10 31.10 -6.66
C THR B 245 15.17 30.36 -5.68
N ARG B 246 14.45 31.11 -4.82
CA ARG B 246 13.56 30.51 -3.84
C ARG B 246 12.12 30.62 -4.35
N SER B 247 11.34 29.60 -4.00
CA SER B 247 9.99 29.38 -4.55
C SER B 247 9.01 30.45 -4.05
N GLY B 248 9.19 30.91 -2.82
CA GLY B 248 8.09 31.53 -2.10
C GLY B 248 7.02 30.50 -1.79
N ASP B 249 5.82 31.01 -1.52
CA ASP B 249 4.66 30.20 -1.13
C ASP B 249 4.38 29.16 -2.22
N VAL B 250 4.24 27.90 -1.82
CA VAL B 250 3.74 26.86 -2.68
C VAL B 250 2.84 25.91 -1.87
N ASP B 251 2.00 25.16 -2.60
CA ASP B 251 1.09 24.19 -2.04
C ASP B 251 1.90 23.15 -1.26
N PRO B 252 1.67 22.97 0.06
CA PRO B 252 2.42 21.98 0.84
C PRO B 252 2.30 20.56 0.24
N GLY B 253 1.14 20.29 -0.34
CA GLY B 253 0.86 19.02 -0.98
C GLY B 253 1.63 18.80 -2.28
N VAL B 254 2.04 19.88 -2.96
CA VAL B 254 2.89 19.76 -4.14
C VAL B 254 4.26 19.21 -3.70
N LEU B 255 4.75 19.65 -2.54
CA LEU B 255 6.07 19.24 -2.07
C LEU B 255 6.06 17.73 -1.78
N THR B 256 5.05 17.23 -1.07
CA THR B 256 4.96 15.79 -0.79
C THR B 256 4.74 15.01 -2.09
N PHE B 257 3.98 15.58 -3.03
CA PHE B 257 3.77 14.95 -4.31
C PHE B 257 5.10 14.79 -5.05
N LEU B 258 5.94 15.84 -5.06
CA LEU B 258 7.20 15.80 -5.84
C LEU B 258 8.21 14.83 -5.17
N MET B 259 8.14 14.73 -3.84
CA MET B 259 8.99 13.78 -3.12
C MET B 259 8.76 12.35 -3.60
N GLU B 260 7.49 11.94 -3.71
CA GLU B 260 7.15 10.61 -4.18
C GLU B 260 7.43 10.50 -5.69
N ALA B 261 7.04 11.50 -6.48
CA ALA B 261 7.11 11.44 -7.94
C ALA B 261 8.57 11.46 -8.45
N GLU B 262 9.47 12.17 -7.76
CA GLU B 262 10.86 12.30 -8.22
C GLU B 262 11.82 11.54 -7.31
N GLY B 263 11.30 10.82 -6.31
CA GLY B 263 12.10 10.10 -5.30
C GLY B 263 13.09 11.00 -4.59
N LEU B 264 12.60 12.15 -4.08
CA LEU B 264 13.43 13.10 -3.35
C LEU B 264 13.17 12.93 -1.84
N GLN B 265 14.25 13.06 -1.07
CA GLN B 265 14.17 13.16 0.37
C GLN B 265 14.09 14.64 0.77
N ALA B 266 14.00 14.88 2.09
CA ALA B 266 13.95 16.24 2.67
C ALA B 266 15.05 17.15 2.09
N ALA B 267 16.28 16.66 2.02
CA ALA B 267 17.43 17.47 1.57
C ALA B 267 17.27 17.85 0.08
N GLY B 268 16.81 16.91 -0.73
CA GLY B 268 16.59 17.14 -2.17
C GLY B 268 15.49 18.18 -2.42
N ILE B 269 14.37 18.07 -1.69
CA ILE B 269 13.25 19.01 -1.83
C ILE B 269 13.74 20.40 -1.38
N SER B 270 14.46 20.44 -0.25
CA SER B 270 15.02 21.66 0.30
C SER B 270 15.90 22.38 -0.73
N GLU B 271 16.76 21.62 -1.42
CA GLU B 271 17.66 22.20 -2.43
C GLU B 271 16.85 22.77 -3.60
N LEU B 272 15.86 22.02 -4.03
CA LEU B 272 15.00 22.41 -5.14
C LEU B 272 14.33 23.78 -4.85
N ILE B 273 13.73 23.93 -3.67
CA ILE B 273 12.89 25.16 -3.38
C ILE B 273 13.78 26.35 -3.01
N ASN B 274 15.04 26.08 -2.62
CA ASN B 274 15.97 27.15 -2.23
C ASN B 274 16.87 27.58 -3.39
N LYS B 275 17.21 26.67 -4.33
CA LYS B 275 18.27 26.92 -5.30
C LYS B 275 17.79 26.87 -6.76
N LYS B 276 16.71 26.16 -7.05
CA LYS B 276 16.34 25.86 -8.42
C LYS B 276 14.97 26.46 -8.78
N SER B 277 14.43 27.31 -7.90
CA SER B 277 13.05 27.75 -8.00
C SER B 277 13.03 29.25 -8.26
N GLY B 278 11.89 29.91 -7.98
CA GLY B 278 11.76 31.34 -8.12
C GLY B 278 11.92 31.79 -9.55
N VAL B 279 12.47 32.98 -9.71
CA VAL B 279 12.66 33.61 -11.02
C VAL B 279 13.56 32.73 -11.88
N LEU B 280 14.61 32.16 -11.28
CA LEU B 280 15.58 31.31 -12.01
C LEU B 280 14.85 30.09 -12.57
N GLY B 281 14.12 29.39 -11.68
CA GLY B 281 13.41 28.19 -12.01
C GLY B 281 12.36 28.37 -13.09
N VAL B 282 11.58 29.46 -13.03
CA VAL B 282 10.53 29.69 -14.03
C VAL B 282 11.14 30.20 -15.34
N SER B 283 11.99 31.24 -15.25
CA SER B 283 12.57 31.94 -16.42
C SER B 283 13.43 31.00 -17.26
N GLY B 284 14.21 30.14 -16.59
CA GLY B 284 15.27 29.39 -17.24
C GLY B 284 16.39 30.27 -17.75
N VAL B 285 16.47 31.49 -17.21
CA VAL B 285 17.42 32.49 -17.66
C VAL B 285 18.40 32.77 -16.52
N SER B 286 17.89 33.35 -15.43
CA SER B 286 18.74 33.94 -14.40
C SER B 286 17.90 34.24 -13.16
N SER B 287 18.55 34.37 -12.01
CA SER B 287 17.95 34.90 -10.80
C SER B 287 18.00 36.44 -10.81
N ASP B 288 18.84 37.01 -11.68
CA ASP B 288 19.10 38.46 -11.75
C ASP B 288 18.04 39.12 -12.63
N LEU B 289 17.32 40.09 -12.06
CA LEU B 289 16.19 40.70 -12.75
C LEU B 289 16.63 41.57 -13.93
N ARG B 290 17.89 42.03 -13.93
CA ARG B 290 18.44 42.78 -15.08
C ARG B 290 18.60 41.84 -16.27
N GLU B 291 19.09 40.62 -16.03
CA GLU B 291 19.20 39.63 -17.09
C GLU B 291 17.79 39.20 -17.57
N ILE B 292 16.83 39.14 -16.64
CA ILE B 292 15.43 38.83 -17.00
C ILE B 292 14.93 39.93 -17.95
N GLU B 293 15.11 41.19 -17.51
CA GLU B 293 14.71 42.41 -18.27
C GLU B 293 15.21 42.33 -19.72
N ASP B 294 16.49 41.96 -19.90
CA ASP B 294 17.12 41.81 -21.22
C ASP B 294 16.43 40.69 -22.01
N ALA B 295 16.29 39.52 -21.38
CA ALA B 295 15.63 38.37 -22.00
C ALA B 295 14.23 38.75 -22.47
N ILE B 296 13.51 39.59 -21.70
CA ILE B 296 12.16 40.00 -22.05
C ILE B 296 12.19 40.85 -23.33
N LYS B 297 13.17 41.77 -23.44
CA LYS B 297 13.38 42.63 -24.64
C LYS B 297 13.62 41.78 -25.89
N ASN B 298 14.29 40.64 -25.72
CA ASN B 298 14.53 39.67 -26.80
C ASN B 298 13.39 38.65 -26.89
N GLY B 299 12.21 38.99 -26.32
CA GLY B 299 10.96 38.21 -26.44
C GLY B 299 11.03 36.80 -25.87
N ASN B 300 11.78 36.62 -24.77
CA ASN B 300 11.78 35.34 -24.03
C ASN B 300 10.48 35.27 -23.23
N GLU B 301 9.60 34.33 -23.59
CA GLU B 301 8.26 34.24 -23.01
C GLU B 301 8.30 33.72 -21.58
N ARG B 302 9.22 32.80 -21.27
CA ARG B 302 9.37 32.26 -19.93
C ARG B 302 9.84 33.38 -18.97
N ALA B 303 10.72 34.27 -19.44
CA ALA B 303 11.17 35.41 -18.64
C ALA B 303 10.03 36.37 -18.37
N THR B 304 9.21 36.63 -19.38
CA THR B 304 8.02 37.47 -19.21
C THR B 304 7.09 36.83 -18.17
N LEU B 305 6.88 35.52 -18.28
CA LEU B 305 6.01 34.79 -17.38
C LEU B 305 6.53 34.91 -15.94
N ALA B 306 7.86 34.72 -15.76
CA ALA B 306 8.46 34.79 -14.43
C ALA B 306 8.10 36.13 -13.77
N MET B 307 8.21 37.19 -14.55
CA MET B 307 8.01 38.55 -14.00
C MET B 307 6.53 38.83 -13.74
N THR B 308 5.64 38.28 -14.59
CA THR B 308 4.20 38.42 -14.38
C THR B 308 3.82 37.74 -13.07
N MET B 309 4.34 36.54 -12.83
CA MET B 309 4.10 35.80 -11.59
C MET B 309 4.64 36.57 -10.38
N TYR B 310 5.84 37.14 -10.53
CA TYR B 310 6.57 37.83 -9.47
C TYR B 310 5.78 39.05 -9.00
N ASP B 311 5.35 39.86 -9.96
CA ASP B 311 4.60 41.09 -9.67
C ASP B 311 3.24 40.75 -9.06
N TYR B 312 2.56 39.72 -9.56
CA TYR B 312 1.24 39.32 -9.12
C TYR B 312 1.26 38.95 -7.62
N ARG B 313 2.28 38.22 -7.19
CA ARG B 313 2.36 37.75 -5.83
C ARG B 313 2.64 38.95 -4.89
N ILE B 314 3.46 39.92 -5.31
CA ILE B 314 3.68 41.13 -4.48
C ILE B 314 2.35 41.88 -4.31
N LYS B 315 1.62 42.06 -5.41
CA LYS B 315 0.34 42.74 -5.42
C LYS B 315 -0.62 42.08 -4.42
N LYS B 316 -0.69 40.75 -4.42
CA LYS B 316 -1.57 40.04 -3.51
C LYS B 316 -1.17 40.30 -2.06
N TYR B 317 0.14 40.34 -1.75
CA TYR B 317 0.60 40.60 -0.37
C TYR B 317 0.24 42.03 0.05
N VAL B 318 0.28 42.98 -0.88
CA VAL B 318 -0.09 44.35 -0.56
C VAL B 318 -1.56 44.38 -0.12
N GLY B 319 -2.45 43.70 -0.87
CA GLY B 319 -3.83 43.62 -0.48
C GLY B 319 -4.04 42.92 0.86
N ALA B 320 -3.32 41.80 1.05
CA ALA B 320 -3.44 41.00 2.22
C ALA B 320 -3.05 41.79 3.48
N TYR B 321 -1.93 42.54 3.41
CA TYR B 321 -1.43 43.19 4.59
C TYR B 321 -2.21 44.49 4.85
N ALA B 322 -2.77 45.09 3.82
CA ALA B 322 -3.71 46.22 4.08
C ALA B 322 -4.93 45.68 4.84
N ALA B 323 -5.45 44.52 4.42
CA ALA B 323 -6.58 43.91 5.11
C ALA B 323 -6.19 43.55 6.54
N ALA B 324 -5.00 42.96 6.72
CA ALA B 324 -4.54 42.60 8.04
C ALA B 324 -4.51 43.80 9.00
N MET B 325 -4.16 44.97 8.50
CA MET B 325 -4.01 46.17 9.31
C MET B 325 -5.28 47.00 9.39
N GLY B 326 -6.28 46.72 8.59
CA GLY B 326 -7.48 47.56 8.51
C GLY B 326 -7.29 48.80 7.64
N GLY B 327 -6.31 48.75 6.76
CA GLY B 327 -5.96 49.83 5.84
C GLY B 327 -4.45 50.02 5.79
N VAL B 328 -3.99 50.94 4.96
CA VAL B 328 -2.59 51.22 4.82
C VAL B 328 -2.43 52.72 4.54
N ASP B 329 -1.43 53.32 5.17
CA ASP B 329 -1.12 54.75 5.01
C ASP B 329 0.03 54.94 4.03
N VAL B 330 1.03 54.03 4.09
CA VAL B 330 2.23 54.19 3.35
C VAL B 330 2.66 52.81 2.84
N LEU B 331 3.00 52.73 1.55
CA LEU B 331 3.62 51.54 0.95
C LEU B 331 5.04 51.93 0.53
N VAL B 332 6.05 51.23 1.05
CA VAL B 332 7.44 51.50 0.82
C VAL B 332 8.05 50.40 -0.03
N PHE B 333 8.72 50.80 -1.13
CA PHE B 333 9.58 49.88 -1.87
C PHE B 333 11.05 50.13 -1.53
N THR B 334 11.78 49.02 -1.32
CA THR B 334 13.18 49.08 -0.99
C THR B 334 13.85 47.80 -1.49
N GLY B 335 15.17 47.73 -1.27
CA GLY B 335 16.01 46.65 -1.74
C GLY B 335 16.55 46.89 -3.15
N GLY B 336 17.53 46.08 -3.55
CA GLY B 336 18.15 46.15 -4.90
C GLY B 336 17.14 46.15 -6.03
N VAL B 337 16.10 45.31 -5.95
CA VAL B 337 15.06 45.27 -6.97
C VAL B 337 14.04 46.40 -6.72
N GLY B 338 13.56 46.52 -5.48
CA GLY B 338 12.54 47.54 -5.21
C GLY B 338 12.98 48.95 -5.57
N GLU B 339 14.27 49.27 -5.32
CA GLU B 339 14.82 50.61 -5.53
C GLU B 339 14.94 50.90 -7.03
N ASN B 340 15.09 49.86 -7.84
CA ASN B 340 15.54 49.95 -9.24
C ASN B 340 14.46 49.52 -10.26
N GLN B 341 13.63 48.51 -9.94
CA GLN B 341 12.77 47.85 -10.96
C GLN B 341 11.43 48.56 -11.02
N TYR B 342 11.43 49.74 -11.67
CA TYR B 342 10.28 50.59 -11.67
C TYR B 342 9.08 49.90 -12.36
N THR B 343 9.34 48.99 -13.31
CA THR B 343 8.23 48.31 -13.99
C THR B 343 7.47 47.39 -13.02
N THR B 344 8.18 46.75 -12.09
CA THR B 344 7.53 45.96 -11.04
C THR B 344 6.66 46.87 -10.17
N ARG B 345 7.21 48.02 -9.76
CA ARG B 345 6.50 48.90 -8.91
C ARG B 345 5.19 49.32 -9.60
N GLU B 346 5.27 49.60 -10.89
CA GLU B 346 4.11 50.06 -11.63
C GLU B 346 3.05 48.96 -11.68
N LYS B 347 3.45 47.72 -12.00
CA LYS B 347 2.49 46.65 -12.13
C LYS B 347 1.79 46.38 -10.80
N VAL B 348 2.55 46.46 -9.70
CA VAL B 348 2.02 46.20 -8.37
C VAL B 348 0.98 47.28 -8.01
N CYS B 349 1.29 48.55 -8.28
CA CYS B 349 0.45 49.65 -7.75
C CYS B 349 -0.67 50.11 -8.70
N THR B 350 -0.69 49.67 -9.94
CA THR B 350 -1.77 50.09 -10.83
C THR B 350 -2.99 49.19 -10.58
N ASP B 351 -4.19 49.75 -10.85
CA ASP B 351 -5.47 49.10 -10.58
C ASP B 351 -5.61 48.75 -9.09
N MET B 352 -5.19 49.67 -8.23
CA MET B 352 -5.29 49.52 -6.80
C MET B 352 -6.01 50.74 -6.20
N GLU B 353 -6.77 51.46 -7.03
CA GLU B 353 -7.54 52.63 -6.54
C GLU B 353 -8.59 52.19 -5.51
N PHE B 354 -9.08 50.94 -5.60
CA PHE B 354 -10.12 50.42 -4.66
C PHE B 354 -9.62 50.47 -3.21
N MET B 355 -8.29 50.46 -3.01
CA MET B 355 -7.75 50.48 -1.66
C MET B 355 -6.93 51.75 -1.41
N GLY B 356 -7.15 52.79 -2.22
CA GLY B 356 -6.61 54.09 -2.00
C GLY B 356 -5.30 54.44 -2.69
N ILE B 357 -4.81 53.63 -3.62
CA ILE B 357 -3.56 53.90 -4.29
C ILE B 357 -3.84 54.50 -5.67
N VAL B 358 -3.40 55.74 -5.87
CA VAL B 358 -3.35 56.38 -7.18
C VAL B 358 -1.89 56.57 -7.57
N PHE B 359 -1.42 55.84 -8.58
CA PHE B 359 -0.02 55.75 -8.86
C PHE B 359 0.41 56.82 -9.87
N ASP B 360 1.65 57.29 -9.74
CA ASP B 360 2.21 58.28 -10.68
C ASP B 360 3.20 57.61 -11.63
N SER B 361 2.70 57.06 -12.72
CA SER B 361 3.49 56.28 -13.66
C SER B 361 4.64 57.10 -14.25
N LYS B 362 4.39 58.38 -14.54
CA LYS B 362 5.42 59.21 -15.19
C LYS B 362 6.59 59.46 -14.23
N VAL B 363 6.30 59.71 -12.96
CA VAL B 363 7.37 59.99 -11.95
C VAL B 363 8.15 58.69 -11.70
N ASN B 364 7.43 57.58 -11.68
CA ASN B 364 8.01 56.28 -11.38
C ASN B 364 8.95 55.81 -12.50
N GLU B 365 8.61 56.12 -13.75
CA GLU B 365 9.28 55.61 -14.95
C GLU B 365 10.75 56.03 -14.94
N GLY B 366 11.67 55.05 -15.01
CA GLY B 366 13.13 55.24 -14.99
C GLY B 366 13.68 55.74 -13.65
N MET B 367 12.86 55.72 -12.59
CA MET B 367 13.27 56.20 -11.29
C MET B 367 13.98 55.06 -10.51
N ARG B 368 15.31 55.22 -10.35
CA ARG B 368 16.18 54.20 -9.78
C ARG B 368 17.00 54.80 -8.64
N GLY B 369 16.91 54.18 -7.46
CA GLY B 369 17.87 54.32 -6.41
C GLY B 369 17.78 55.63 -5.62
N LYS B 370 16.66 56.35 -5.69
CA LYS B 370 16.50 57.60 -4.98
C LYS B 370 15.30 57.49 -4.03
N GLU B 371 15.30 58.31 -2.98
CA GLU B 371 14.11 58.47 -2.12
C GLU B 371 13.13 59.32 -2.91
N MET B 372 11.91 58.81 -3.16
CA MET B 372 11.00 59.44 -4.07
C MET B 372 9.58 58.89 -3.86
N VAL B 373 8.62 59.79 -3.69
CA VAL B 373 7.22 59.47 -3.71
C VAL B 373 6.80 59.17 -5.16
N ILE B 374 6.09 58.06 -5.37
CA ILE B 374 5.71 57.64 -6.71
C ILE B 374 4.20 57.47 -6.86
N SER B 375 3.47 57.83 -5.81
CA SER B 375 2.03 58.00 -5.86
C SER B 375 1.76 59.44 -6.28
N LYS B 376 0.58 59.67 -6.85
CA LYS B 376 0.16 61.02 -7.19
C LYS B 376 -0.19 61.77 -5.92
N PRO B 377 -0.09 63.12 -5.92
CA PRO B 377 -0.41 63.91 -4.73
C PRO B 377 -1.77 63.57 -4.11
N GLU B 378 -2.75 63.25 -4.95
CA GLU B 378 -4.12 63.02 -4.47
C GLU B 378 -4.31 61.58 -3.95
N SER B 379 -3.33 60.70 -4.09
CA SER B 379 -3.46 59.35 -3.59
C SER B 379 -3.73 59.34 -2.09
N LYS B 380 -4.71 58.55 -1.65
CA LYS B 380 -4.95 58.42 -0.21
C LYS B 380 -3.74 57.75 0.45
N VAL B 381 -3.24 56.68 -0.18
CA VAL B 381 -2.09 55.94 0.27
C VAL B 381 -0.82 56.54 -0.39
N THR B 382 0.20 56.82 0.41
CA THR B 382 1.43 57.31 -0.14
C THR B 382 2.29 56.10 -0.53
N VAL B 383 2.81 56.12 -1.76
CA VAL B 383 3.72 55.09 -2.21
C VAL B 383 5.09 55.75 -2.37
N ILE B 384 6.10 55.18 -1.73
CA ILE B 384 7.43 55.80 -1.68
C ILE B 384 8.51 54.74 -1.87
N VAL B 385 9.54 55.10 -2.66
CA VAL B 385 10.79 54.37 -2.75
C VAL B 385 11.75 54.97 -1.71
N VAL B 386 12.25 54.10 -0.82
CA VAL B 386 13.23 54.46 0.19
C VAL B 386 14.38 53.46 0.09
N PRO B 387 15.52 53.83 -0.51
CA PRO B 387 16.69 52.95 -0.53
C PRO B 387 17.10 52.61 0.92
N THR B 388 17.42 51.34 1.15
CA THR B 388 17.63 50.93 2.51
C THR B 388 19.08 51.26 2.89
N ASP B 389 19.35 51.25 4.20
CA ASP B 389 20.69 51.53 4.70
C ASP B 389 20.87 50.71 5.99
N GLU B 390 21.00 49.41 5.85
CA GLU B 390 21.08 48.55 7.00
C GLU B 390 22.34 48.89 7.81
N GLU B 391 23.43 49.28 7.11
CA GLU B 391 24.71 49.57 7.79
C GLU B 391 24.56 50.76 8.73
N TYR B 392 23.89 51.80 8.26
CA TYR B 392 23.60 52.95 9.07
C TYR B 392 22.79 52.57 10.32
N MET B 393 21.74 51.76 10.12
CA MET B 393 20.89 51.28 11.21
C MET B 393 21.74 50.54 12.25
N ILE B 394 22.67 49.71 11.76
CA ILE B 394 23.53 48.94 12.64
C ILE B 394 24.46 49.87 13.44
N ALA B 395 25.05 50.85 12.75
CA ALA B 395 25.97 51.82 13.35
C ALA B 395 25.24 52.68 14.37
N SER B 396 23.98 53.03 14.06
CA SER B 396 23.16 53.81 14.93
C SER B 396 22.85 53.03 16.23
N ASP B 397 22.45 51.77 16.11
CA ASP B 397 22.22 50.93 17.30
C ASP B 397 23.52 50.77 18.12
N THR B 398 24.64 50.63 17.41
CA THR B 398 25.93 50.46 18.04
C THR B 398 26.20 51.67 18.94
N MET B 399 25.97 52.87 18.40
CA MET B 399 26.24 54.13 19.15
C MET B 399 25.29 54.23 20.34
N THR B 400 24.02 53.85 20.17
CA THR B 400 23.05 53.91 21.26
C THR B 400 23.46 52.99 22.41
N ILE B 401 23.91 51.77 22.10
CA ILE B 401 24.23 50.82 23.11
C ILE B 401 25.50 51.27 23.85
N LEU B 402 26.51 51.71 23.12
CA LEU B 402 27.83 51.93 23.73
C LEU B 402 27.93 53.34 24.33
N LYS B 403 26.91 54.18 24.12
CA LYS B 403 26.69 55.40 24.90
C LYS B 403 27.52 55.36 26.20
N ALA C 5 26.23 2.30 16.80
CA ALA C 5 25.83 1.34 15.71
C ALA C 5 26.62 0.06 15.91
N SER C 6 25.96 -1.10 15.87
CA SER C 6 26.66 -2.41 15.87
C SER C 6 26.78 -2.91 14.43
N LYS C 7 27.78 -3.74 14.19
CA LYS C 7 27.93 -4.43 12.91
C LYS C 7 27.72 -5.91 13.16
N VAL C 8 26.72 -6.47 12.48
CA VAL C 8 26.37 -7.86 12.65
C VAL C 8 26.64 -8.57 11.32
N LEU C 9 27.50 -9.58 11.34
CA LEU C 9 27.70 -10.47 10.21
C LEU C 9 26.60 -11.53 10.23
N VAL C 10 25.94 -11.73 9.10
CA VAL C 10 24.87 -12.68 8.97
C VAL C 10 25.28 -13.73 7.94
N LEU C 11 25.31 -14.99 8.35
CA LEU C 11 25.73 -16.10 7.50
C LEU C 11 24.57 -17.05 7.22
N ASN C 12 24.65 -17.65 6.02
CA ASN C 12 23.81 -18.66 5.55
C ASN C 12 24.70 -19.69 4.85
N CYS C 13 25.07 -20.74 5.55
CA CYS C 13 25.98 -21.81 5.08
C CYS C 13 25.21 -23.01 4.56
N GLY C 14 25.52 -23.41 3.32
CA GLY C 14 24.97 -24.61 2.66
C GLY C 14 26.09 -25.59 2.37
N SER C 15 25.74 -26.78 1.87
CA SER C 15 26.70 -27.84 1.61
C SER C 15 27.87 -27.36 0.72
N SER C 16 27.59 -26.49 -0.26
CA SER C 16 28.66 -25.99 -1.13
C SER C 16 28.65 -24.45 -1.24
N SER C 17 28.21 -23.75 -0.19
CA SER C 17 28.11 -22.28 -0.26
C SER C 17 28.20 -21.63 1.12
N VAL C 18 28.60 -20.35 1.14
CA VAL C 18 28.40 -19.50 2.29
C VAL C 18 27.96 -18.13 1.78
N LYS C 19 26.73 -17.74 2.10
CA LYS C 19 26.24 -16.40 1.79
C LYS C 19 26.39 -15.55 3.04
N TYR C 20 26.75 -14.27 2.83
CA TYR C 20 27.01 -13.37 3.93
C TYR C 20 26.50 -11.98 3.60
N LYS C 21 26.07 -11.29 4.65
CA LYS C 21 25.92 -9.87 4.62
C LYS C 21 26.47 -9.32 5.93
N LEU C 22 27.01 -8.10 5.86
CA LEU C 22 27.38 -7.37 7.04
C LEU C 22 26.43 -6.18 7.15
N LEU C 23 25.68 -6.11 8.25
CA LEU C 23 24.62 -5.14 8.47
C LEU C 23 25.03 -4.21 9.62
N GLU C 24 24.72 -2.93 9.44
CA GLU C 24 24.83 -1.96 10.49
C GLU C 24 23.47 -1.82 11.18
N MET C 25 23.44 -2.09 12.48
CA MET C 25 22.23 -2.10 13.25
C MET C 25 22.25 -0.93 14.23
N PRO C 26 21.06 -0.35 14.51
CA PRO C 26 19.75 -0.91 14.21
C PRO C 26 19.13 -0.55 12.85
N LYS C 27 19.77 0.29 12.05
CA LYS C 27 19.15 0.74 10.78
C LYS C 27 18.97 -0.44 9.80
N GLY C 28 19.92 -1.38 9.77
CA GLY C 28 19.92 -2.49 8.82
C GLY C 28 20.59 -2.16 7.49
N ASP C 29 21.48 -1.16 7.50
CA ASP C 29 22.24 -0.76 6.30
C ASP C 29 23.18 -1.92 5.94
N VAL C 30 23.23 -2.26 4.65
CA VAL C 30 24.11 -3.31 4.16
C VAL C 30 25.47 -2.68 3.89
N LEU C 31 26.49 -3.09 4.66
CA LEU C 31 27.87 -2.65 4.51
C LEU C 31 28.60 -3.55 3.49
N ALA C 32 28.22 -4.83 3.43
CA ALA C 32 28.83 -5.79 2.54
C ALA C 32 27.85 -6.92 2.25
N GLN C 33 28.03 -7.56 1.09
CA GLN C 33 27.24 -8.73 0.74
C GLN C 33 27.96 -9.51 -0.34
N GLY C 34 27.85 -10.82 -0.24
CA GLY C 34 28.43 -11.73 -1.21
C GLY C 34 28.10 -13.17 -0.89
N GLY C 35 28.70 -14.08 -1.64
CA GLY C 35 28.62 -15.42 -1.33
C GLY C 35 29.72 -16.25 -1.97
N VAL C 36 30.13 -17.27 -1.24
CA VAL C 36 31.02 -18.27 -1.76
C VAL C 36 30.17 -19.35 -2.42
N GLU C 37 30.61 -19.80 -3.61
CA GLU C 37 29.99 -20.87 -4.36
C GLU C 37 31.03 -21.95 -4.68
N LYS C 38 30.55 -23.16 -4.90
CA LYS C 38 31.34 -24.32 -5.30
C LYS C 38 32.41 -24.62 -4.25
N LEU C 39 32.05 -24.38 -2.99
CA LEU C 39 32.90 -24.74 -1.87
C LEU C 39 33.10 -26.26 -1.92
N GLY C 40 34.34 -26.72 -1.73
CA GLY C 40 34.69 -28.15 -1.72
C GLY C 40 34.74 -28.76 -3.13
N LEU C 41 34.74 -27.91 -4.16
CA LEU C 41 34.82 -28.31 -5.58
C LEU C 41 35.92 -27.48 -6.23
N PRO C 42 36.50 -27.88 -7.37
N PRO C 42 36.45 -27.89 -7.39
CA PRO C 42 37.74 -27.26 -7.85
CA PRO C 42 37.44 -27.09 -8.12
C PRO C 42 37.73 -25.73 -8.06
C PRO C 42 36.70 -25.89 -8.72
N GLY C 43 36.67 -25.21 -8.70
N GLY C 43 37.33 -24.72 -8.65
CA GLY C 43 36.57 -23.80 -9.12
CA GLY C 43 36.73 -23.52 -9.16
C GLY C 43 35.78 -22.94 -8.13
C GLY C 43 35.80 -22.87 -8.15
N SER C 44 36.02 -23.14 -6.85
CA SER C 44 35.37 -22.39 -5.77
C SER C 44 35.69 -20.90 -5.92
N PHE C 45 34.72 -20.04 -5.62
CA PHE C 45 34.90 -18.63 -5.81
C PHE C 45 33.97 -17.84 -4.89
N LEU C 46 34.31 -16.58 -4.69
CA LEU C 46 33.50 -15.63 -3.95
C LEU C 46 33.04 -14.56 -4.93
N LYS C 47 31.73 -14.28 -4.93
CA LYS C 47 31.19 -13.14 -5.64
C LYS C 47 30.60 -12.17 -4.64
N LEU C 48 30.98 -10.90 -4.72
CA LEU C 48 30.44 -9.89 -3.85
C LEU C 48 29.86 -8.75 -4.70
N THR C 49 29.06 -7.92 -4.03
CA THR C 49 28.52 -6.73 -4.63
C THR C 49 29.05 -5.55 -3.83
N MET C 50 29.77 -4.63 -4.50
CA MET C 50 30.30 -3.44 -3.87
C MET C 50 29.13 -2.49 -3.60
N PRO C 51 29.27 -1.54 -2.64
CA PRO C 51 28.22 -0.55 -2.39
C PRO C 51 27.74 0.20 -3.64
N ASN C 52 28.63 0.48 -4.60
CA ASN C 52 28.29 1.17 -5.85
C ASN C 52 27.66 0.24 -6.89
N GLY C 53 27.49 -1.04 -6.57
CA GLY C 53 26.70 -1.97 -7.39
C GLY C 53 27.55 -2.88 -8.27
N GLU C 54 28.86 -2.64 -8.31
CA GLU C 54 29.81 -3.43 -9.10
C GLU C 54 29.94 -4.85 -8.51
N LYS C 55 29.90 -5.87 -9.36
CA LYS C 55 30.07 -7.25 -8.96
C LYS C 55 31.55 -7.60 -9.11
N VAL C 56 32.11 -8.29 -8.11
CA VAL C 56 33.49 -8.67 -8.08
C VAL C 56 33.54 -10.17 -7.82
N VAL C 57 34.25 -10.91 -8.67
CA VAL C 57 34.38 -12.36 -8.57
C VAL C 57 35.85 -12.68 -8.28
N LEU C 58 36.09 -13.37 -7.16
CA LEU C 58 37.42 -13.71 -6.69
C LEU C 58 37.52 -15.22 -6.65
N GLU C 59 38.40 -15.81 -7.45
CA GLU C 59 38.67 -17.25 -7.40
C GLU C 59 39.61 -17.52 -6.23
N LYS C 60 39.38 -18.65 -5.55
CA LYS C 60 40.20 -19.06 -4.43
C LYS C 60 39.78 -20.49 -4.06
N ASP C 61 40.77 -21.34 -3.80
CA ASP C 61 40.48 -22.72 -3.42
C ASP C 61 39.90 -22.69 -2.01
N MET C 62 38.68 -23.21 -1.86
CA MET C 62 38.00 -23.26 -0.58
C MET C 62 37.41 -24.66 -0.41
N PRO C 63 38.22 -25.63 0.06
CA PRO C 63 37.75 -27.02 0.16
C PRO C 63 36.74 -27.27 1.30
N GLU C 64 36.69 -26.42 2.32
CA GLU C 64 35.69 -26.61 3.38
C GLU C 64 35.32 -25.26 3.99
N HIS C 65 34.41 -25.29 4.99
CA HIS C 65 33.73 -24.07 5.45
C HIS C 65 34.65 -23.12 6.22
N THR C 66 35.58 -23.66 7.02
CA THR C 66 36.44 -22.75 7.79
C THR C 66 37.28 -21.88 6.83
N ILE C 67 37.85 -22.47 5.79
CA ILE C 67 38.69 -21.70 4.84
C ILE C 67 37.80 -20.70 4.10
N ALA C 68 36.56 -21.09 3.80
CA ALA C 68 35.61 -20.23 3.12
C ALA C 68 35.31 -18.99 3.99
N VAL C 69 35.00 -19.21 5.27
CA VAL C 69 34.63 -18.11 6.15
C VAL C 69 35.87 -17.23 6.41
N GLU C 70 37.06 -17.85 6.52
CA GLU C 70 38.33 -17.10 6.65
C GLU C 70 38.52 -16.16 5.45
N PHE C 71 38.21 -16.62 4.25
CA PHE C 71 38.38 -15.80 3.03
C PHE C 71 37.35 -14.67 3.03
N ILE C 72 36.08 -14.98 3.39
CA ILE C 72 35.07 -13.95 3.52
C ILE C 72 35.59 -12.84 4.45
N LEU C 73 36.06 -13.20 5.63
CA LEU C 73 36.52 -12.20 6.59
C LEU C 73 37.70 -11.38 6.00
N SER C 74 38.64 -12.04 5.30
CA SER C 74 39.77 -11.33 4.69
C SER C 74 39.27 -10.32 3.64
N VAL C 75 38.23 -10.69 2.89
CA VAL C 75 37.62 -9.81 1.90
C VAL C 75 36.95 -8.61 2.59
N LEU C 76 36.29 -8.83 3.72
CA LEU C 76 35.63 -7.72 4.47
C LEU C 76 36.65 -6.66 4.87
N LYS C 77 37.89 -7.11 5.11
CA LYS C 77 38.97 -6.30 5.67
C LYS C 77 39.94 -5.83 4.56
N ASP C 78 39.73 -6.29 3.32
CA ASP C 78 40.62 -5.94 2.20
C ASP C 78 40.63 -4.42 1.97
N ASP C 79 41.80 -3.89 1.58
CA ASP C 79 41.96 -2.42 1.34
C ASP C 79 41.16 -1.99 0.10
N LYS C 80 41.03 -2.88 -0.88
CA LYS C 80 40.32 -2.60 -2.13
C LYS C 80 38.82 -2.89 -2.00
N TYR C 81 38.45 -4.10 -1.57
CA TYR C 81 37.05 -4.56 -1.63
C TYR C 81 36.34 -4.46 -0.26
N GLY C 82 37.09 -4.22 0.81
CA GLY C 82 36.60 -4.40 2.17
C GLY C 82 35.80 -3.20 2.64
N CYS C 83 35.22 -3.32 3.83
CA CYS C 83 34.44 -2.26 4.46
C CYS C 83 34.78 -2.08 5.94
N ILE C 84 35.70 -2.88 6.48
CA ILE C 84 36.16 -2.74 7.86
C ILE C 84 37.69 -2.80 7.85
N LYS C 85 38.31 -2.19 8.88
CA LYS C 85 39.78 -2.14 8.99
C LYS C 85 40.30 -3.24 9.92
N SER C 86 39.41 -3.80 10.77
CA SER C 86 39.77 -4.78 11.78
C SER C 86 38.55 -5.69 12.08
N TYR C 87 38.80 -6.96 12.39
CA TYR C 87 37.76 -7.94 12.73
C TYR C 87 37.01 -7.57 14.02
N GLU C 88 37.62 -6.71 14.84
CA GLU C 88 37.04 -6.25 16.10
C GLU C 88 35.82 -5.36 15.83
N GLU C 89 35.68 -4.85 14.61
CA GLU C 89 34.53 -4.06 14.24
C GLU C 89 33.26 -4.94 14.13
N ILE C 90 33.41 -6.27 13.98
CA ILE C 90 32.26 -7.18 13.90
C ILE C 90 31.79 -7.49 15.34
N ASP C 91 30.60 -7.04 15.69
CA ASP C 91 30.13 -7.11 17.09
C ASP C 91 29.48 -8.46 17.40
N ALA C 92 28.92 -9.14 16.41
CA ALA C 92 28.20 -10.38 16.62
C ALA C 92 27.95 -11.05 15.27
N VAL C 93 27.64 -12.35 15.31
CA VAL C 93 27.33 -13.11 14.15
C VAL C 93 25.98 -13.80 14.35
N GLY C 94 25.10 -13.63 13.38
CA GLY C 94 23.85 -14.33 13.29
C GLY C 94 23.87 -15.35 12.17
N HIS C 95 23.30 -16.52 12.42
CA HIS C 95 23.28 -17.64 11.49
C HIS C 95 21.87 -18.07 11.14
N ARG C 96 21.62 -18.29 9.87
CA ARG C 96 20.48 -19.05 9.42
C ARG C 96 20.71 -20.55 9.72
N LEU C 97 19.89 -21.10 10.60
CA LEU C 97 19.88 -22.51 10.91
C LEU C 97 18.60 -23.11 10.31
N VAL C 98 18.71 -24.20 9.57
CA VAL C 98 17.57 -24.67 8.82
C VAL C 98 16.55 -25.36 9.74
N HIS C 99 16.98 -26.34 10.53
CA HIS C 99 16.02 -27.16 11.27
C HIS C 99 16.28 -27.10 12.77
N GLY C 100 15.30 -26.58 13.50
CA GLY C 100 15.33 -26.58 14.97
C GLY C 100 14.36 -27.59 15.57
N GLY C 101 13.75 -28.43 14.72
CA GLY C 101 12.78 -29.42 15.15
C GLY C 101 11.70 -28.80 16.03
N GLU C 102 11.29 -29.54 17.07
CA GLU C 102 10.34 -29.06 18.04
C GLU C 102 11.05 -28.33 19.19
N LYS C 103 12.36 -28.08 19.08
CA LYS C 103 13.10 -27.54 20.21
C LYS C 103 13.09 -26.01 20.23
N PHE C 104 12.96 -25.34 19.07
CA PHE C 104 13.10 -23.89 19.01
C PHE C 104 11.88 -23.22 18.38
N SER C 105 11.29 -22.25 19.12
CA SER C 105 10.17 -21.45 18.62
C SER C 105 10.60 -20.02 18.24
N ASN C 106 11.85 -19.67 18.53
CA ASN C 106 12.41 -18.40 18.29
C ASN C 106 13.93 -18.51 18.48
N SER C 107 14.62 -17.41 18.23
CA SER C 107 16.05 -17.40 18.05
C SER C 107 16.74 -17.49 19.41
N VAL C 108 17.98 -18.01 19.42
CA VAL C 108 18.73 -18.26 20.67
C VAL C 108 20.21 -17.93 20.45
N GLU C 109 20.91 -17.59 21.53
CA GLU C 109 22.36 -17.50 21.55
C GLU C 109 22.92 -18.91 21.40
N ILE C 110 23.92 -19.08 20.53
CA ILE C 110 24.52 -20.39 20.31
C ILE C 110 25.53 -20.63 21.44
N THR C 111 25.19 -21.64 22.25
CA THR C 111 25.95 -22.14 23.34
C THR C 111 26.19 -23.61 23.03
N PRO C 112 27.06 -24.31 23.78
CA PRO C 112 27.18 -25.76 23.60
C PRO C 112 25.84 -26.52 23.74
N GLU C 113 24.96 -26.06 24.64
CA GLU C 113 23.65 -26.69 24.91
C GLU C 113 22.75 -26.55 23.66
N VAL C 114 22.81 -25.36 23.03
CA VAL C 114 22.07 -25.14 21.80
C VAL C 114 22.64 -26.03 20.68
N ILE C 115 23.98 -26.07 20.54
CA ILE C 115 24.60 -26.89 19.48
C ILE C 115 24.15 -28.35 19.63
N ALA C 116 24.12 -28.87 20.86
CA ALA C 116 23.69 -30.25 21.11
C ALA C 116 22.28 -30.49 20.56
N LYS C 117 21.37 -29.52 20.80
CA LYS C 117 20.00 -29.67 20.34
C LYS C 117 19.93 -29.60 18.80
N VAL C 118 20.69 -28.68 18.20
CA VAL C 118 20.70 -28.56 16.74
C VAL C 118 21.25 -29.86 16.12
N GLU C 119 22.24 -30.47 16.79
CA GLU C 119 22.79 -31.77 16.34
C GLU C 119 21.71 -32.85 16.38
N GLU C 120 20.87 -32.86 17.42
CA GLU C 120 19.76 -33.82 17.51
C GLU C 120 18.80 -33.70 16.32
N CYS C 121 18.69 -32.52 15.68
CA CYS C 121 17.78 -32.31 14.53
C CYS C 121 18.43 -32.62 13.19
N ILE C 122 19.72 -32.96 13.17
CA ILE C 122 20.42 -33.29 11.91
C ILE C 122 19.65 -34.35 11.13
N PRO C 123 19.17 -35.46 11.74
CA PRO C 123 18.39 -36.43 10.98
C PRO C 123 17.14 -35.87 10.26
N LEU C 124 16.61 -34.75 10.73
CA LEU C 124 15.44 -34.11 10.08
C LEU C 124 15.87 -33.25 8.88
N ALA C 125 17.13 -32.79 8.86
CA ALA C 125 17.65 -32.05 7.72
C ALA C 125 19.12 -32.41 7.52
N PRO C 126 19.40 -33.68 7.12
CA PRO C 126 20.77 -34.20 7.12
C PRO C 126 21.70 -33.52 6.09
N LEU C 127 21.15 -32.84 5.08
CA LEU C 127 21.95 -32.15 4.06
C LEU C 127 21.97 -30.62 4.28
N HIS C 128 21.44 -30.13 5.40
CA HIS C 128 21.44 -28.68 5.70
C HIS C 128 22.08 -28.38 7.06
N ASN C 129 21.58 -29.02 8.13
CA ASN C 129 22.02 -28.67 9.46
C ASN C 129 23.53 -28.79 9.61
N PRO C 130 24.20 -29.87 9.13
CA PRO C 130 25.64 -29.99 9.23
C PRO C 130 26.40 -28.79 8.67
N ALA C 131 26.01 -28.28 7.51
CA ALA C 131 26.67 -27.12 6.93
C ALA C 131 26.46 -25.89 7.83
N ASN C 132 25.24 -25.75 8.34
CA ASN C 132 24.97 -24.61 9.20
C ASN C 132 25.89 -24.65 10.42
N LEU C 133 26.12 -25.85 10.97
CA LEU C 133 26.94 -25.99 12.18
C LEU C 133 28.42 -25.73 11.86
N LYS C 134 28.85 -26.11 10.64
CA LYS C 134 30.23 -25.86 10.21
C LYS C 134 30.51 -24.36 10.20
N GLY C 135 29.52 -23.56 9.81
CA GLY C 135 29.65 -22.12 9.85
C GLY C 135 29.87 -21.60 11.27
N VAL C 136 29.14 -22.16 12.25
CA VAL C 136 29.27 -21.77 13.63
C VAL C 136 30.68 -22.09 14.16
N VAL C 137 31.13 -23.31 13.88
CA VAL C 137 32.47 -23.77 14.26
C VAL C 137 33.54 -22.85 13.64
N ALA C 138 33.38 -22.47 12.36
CA ALA C 138 34.32 -21.61 11.68
C ALA C 138 34.43 -20.25 12.40
N ILE C 139 33.29 -19.66 12.77
CA ILE C 139 33.30 -18.40 13.46
C ILE C 139 33.94 -18.54 14.85
N GLU C 140 33.65 -19.63 15.58
CA GLU C 140 34.22 -19.75 16.93
C GLU C 140 35.75 -19.79 16.81
N LYS C 141 36.26 -20.40 15.73
CA LYS C 141 37.71 -20.49 15.54
C LYS C 141 38.31 -19.13 15.13
N LEU C 142 37.64 -18.41 14.23
CA LEU C 142 38.23 -17.28 13.53
C LEU C 142 37.94 -15.97 14.25
N LEU C 143 36.83 -15.88 15.01
CA LEU C 143 36.54 -14.70 15.78
C LEU C 143 36.36 -15.15 17.23
N PRO C 144 37.46 -15.55 17.93
CA PRO C 144 37.33 -16.20 19.23
C PRO C 144 36.59 -15.28 20.23
N GLY C 145 35.65 -15.86 20.97
CA GLY C 145 34.91 -15.11 22.00
C GLY C 145 33.74 -14.31 21.45
N ILE C 146 33.54 -14.24 20.13
CA ILE C 146 32.42 -13.48 19.60
C ILE C 146 31.13 -14.27 19.86
N ARG C 147 30.08 -13.56 20.19
CA ARG C 147 28.81 -14.15 20.49
C ARG C 147 28.03 -14.35 19.19
N GLN C 148 27.33 -15.46 19.12
CA GLN C 148 26.65 -15.92 17.92
C GLN C 148 25.21 -16.26 18.28
N VAL C 149 24.28 -15.96 17.35
CA VAL C 149 22.88 -16.24 17.50
C VAL C 149 22.41 -17.04 16.32
N GLY C 150 21.54 -18.02 16.61
CA GLY C 150 20.91 -18.88 15.63
C GLY C 150 19.45 -18.51 15.44
N VAL C 151 19.03 -18.49 14.16
CA VAL C 151 17.71 -18.14 13.74
C VAL C 151 17.18 -19.22 12.81
N PHE C 152 16.09 -19.90 13.24
CA PHE C 152 15.72 -21.18 12.62
C PHE C 152 14.63 -20.95 11.60
N ASP C 153 14.76 -21.55 10.41
CA ASP C 153 13.74 -21.55 9.35
C ASP C 153 12.42 -22.20 9.84
N THR C 154 12.48 -23.08 10.82
CA THR C 154 11.36 -23.83 11.34
C THR C 154 10.61 -23.13 12.48
N ALA C 155 11.24 -22.18 13.14
CA ALA C 155 10.76 -21.64 14.40
C ALA C 155 9.39 -20.99 14.24
N PHE C 156 9.19 -20.20 13.19
CA PHE C 156 7.93 -19.42 13.01
C PHE C 156 6.73 -20.36 12.93
N PHE C 157 6.95 -21.61 12.47
CA PHE C 157 5.88 -22.52 12.23
C PHE C 157 5.59 -23.43 13.43
N GLN C 158 6.28 -23.21 14.54
CA GLN C 158 6.08 -24.03 15.71
C GLN C 158 4.75 -23.71 16.38
N THR C 159 4.02 -22.70 15.91
CA THR C 159 2.66 -22.43 16.36
C THR C 159 1.60 -23.29 15.65
N MET C 160 1.96 -24.08 14.63
CA MET C 160 0.93 -24.88 13.92
C MET C 160 0.29 -25.88 14.88
N PRO C 161 -1.05 -26.05 14.85
CA PRO C 161 -1.71 -27.03 15.72
C PRO C 161 -1.48 -28.45 15.19
N GLU C 162 -1.64 -29.44 16.07
CA GLU C 162 -1.32 -30.82 15.75
C GLU C 162 -2.17 -31.35 14.57
N HIS C 163 -3.41 -30.88 14.43
CA HIS C 163 -4.26 -31.42 13.35
C HIS C 163 -3.74 -30.97 11.98
N VAL C 164 -2.90 -29.94 11.97
CA VAL C 164 -2.24 -29.45 10.75
C VAL C 164 -0.87 -30.11 10.59
N TYR C 165 -0.05 -30.18 11.68
CA TYR C 165 1.34 -30.59 11.49
C TYR C 165 1.50 -32.11 11.41
N ARG C 166 0.53 -32.87 11.90
CA ARG C 166 0.67 -34.34 11.90
C ARG C 166 0.35 -34.86 10.50
N TYR C 167 1.18 -35.78 9.99
CA TYR C 167 0.85 -36.56 8.83
C TYR C 167 -0.01 -37.77 9.27
N ALA C 168 -0.81 -38.28 8.33
CA ALA C 168 -1.70 -39.40 8.60
C ALA C 168 -0.90 -40.71 8.44
N LEU C 169 0.13 -40.82 9.28
CA LEU C 169 1.03 -41.97 9.32
C LEU C 169 0.92 -42.62 10.69
N PRO C 170 1.49 -43.83 10.90
CA PRO C 170 1.42 -44.50 12.20
C PRO C 170 1.93 -43.59 13.33
N TYR C 171 1.06 -43.39 14.33
CA TYR C 171 1.23 -42.40 15.37
C TYR C 171 2.58 -42.60 16.12
N ASP C 172 2.80 -43.82 16.59
CA ASP C 172 3.98 -44.14 17.40
C ASP C 172 5.26 -43.97 16.58
N MET C 173 5.24 -44.40 15.33
CA MET C 173 6.41 -44.29 14.47
C MET C 173 6.77 -42.81 14.22
N CYS C 174 5.76 -41.98 13.95
CA CYS C 174 5.99 -40.56 13.80
C CYS C 174 6.60 -39.96 15.07
N ASN C 175 6.01 -40.29 16.23
CA ASN C 175 6.43 -39.67 17.48
C ASN C 175 7.85 -40.10 17.82
N LYS C 176 8.20 -41.36 17.51
CA LYS C 176 9.54 -41.85 17.75
C LYS C 176 10.59 -40.96 17.05
N HIS C 177 10.32 -40.55 15.80
CA HIS C 177 11.29 -39.87 14.97
C HIS C 177 11.05 -38.34 14.87
N GLY C 178 10.02 -37.81 15.52
CA GLY C 178 9.60 -36.40 15.31
C GLY C 178 9.15 -36.11 13.88
N VAL C 179 8.47 -37.07 13.24
CA VAL C 179 7.94 -36.90 11.91
C VAL C 179 6.66 -36.09 12.02
N ARG C 180 6.68 -34.94 11.33
CA ARG C 180 5.61 -33.93 11.32
C ARG C 180 5.98 -32.84 10.33
N ARG C 181 5.03 -31.98 9.99
CA ARG C 181 5.30 -30.82 9.20
C ARG C 181 6.06 -29.80 10.05
N TYR C 182 7.17 -29.29 9.54
CA TYR C 182 7.93 -28.25 10.21
C TYR C 182 7.85 -26.92 9.48
N GLY C 183 7.96 -26.91 8.15
CA GLY C 183 8.00 -25.69 7.37
C GLY C 183 9.40 -25.07 7.40
N PHE C 184 9.72 -24.30 6.35
CA PHE C 184 10.95 -23.56 6.18
C PHE C 184 10.61 -22.18 5.60
N HIS C 185 11.66 -21.38 5.39
CA HIS C 185 11.52 -19.95 5.03
C HIS C 185 10.78 -19.18 6.12
N GLY C 186 10.80 -19.70 7.36
CA GLY C 186 10.04 -19.10 8.41
C GLY C 186 10.43 -17.65 8.66
N THR C 187 11.74 -17.34 8.55
CA THR C 187 12.22 -15.99 8.78
C THR C 187 11.63 -15.00 7.75
N SER C 188 11.50 -15.46 6.50
CA SER C 188 10.90 -14.66 5.45
C SER C 188 9.40 -14.48 5.68
N HIS C 189 8.67 -15.59 5.93
CA HIS C 189 7.23 -15.51 6.20
C HIS C 189 6.97 -14.59 7.38
N ARG C 190 7.81 -14.67 8.42
CA ARG C 190 7.68 -13.86 9.61
C ARG C 190 7.84 -12.37 9.23
N TYR C 191 8.89 -12.06 8.47
CA TYR C 191 9.20 -10.68 8.09
C TYR C 191 8.11 -10.07 7.22
N VAL C 192 7.71 -10.76 6.13
CA VAL C 192 6.80 -10.13 5.14
C VAL C 192 5.37 -10.07 5.65
N SER C 193 4.96 -11.00 6.52
CA SER C 193 3.61 -10.96 7.06
C SER C 193 3.43 -9.70 7.93
N ALA C 194 4.40 -9.48 8.83
CA ALA C 194 4.42 -8.32 9.74
C ALA C 194 4.55 -7.03 8.91
N ARG C 195 5.46 -7.04 7.94
CA ARG C 195 5.75 -5.87 7.13
C ARG C 195 4.51 -5.48 6.30
N ALA C 196 3.82 -6.47 5.74
CA ALA C 196 2.57 -6.21 4.97
C ALA C 196 1.53 -5.49 5.85
N CYS C 197 1.37 -5.97 7.09
CA CYS C 197 0.39 -5.38 7.99
C CYS C 197 0.78 -3.95 8.39
N GLU C 198 2.08 -3.70 8.61
CA GLU C 198 2.61 -2.36 8.91
C GLU C 198 2.31 -1.39 7.74
N ILE C 199 2.59 -1.84 6.51
CA ILE C 199 2.35 -1.03 5.32
C ILE C 199 0.87 -0.70 5.18
N LEU C 200 0.01 -1.67 5.49
CA LEU C 200 -1.40 -1.60 5.17
C LEU C 200 -2.20 -1.06 6.36
N GLY C 201 -1.57 -0.84 7.52
CA GLY C 201 -2.26 -0.28 8.67
C GLY C 201 -3.17 -1.29 9.34
N LEU C 202 -2.77 -2.57 9.33
CA LEU C 202 -3.60 -3.61 9.87
C LEU C 202 -3.00 -4.09 11.19
N ASP C 203 -3.88 -4.62 12.05
CA ASP C 203 -3.51 -5.29 13.26
C ASP C 203 -3.09 -6.74 12.89
N TYR C 204 -1.80 -7.00 12.99
CA TYR C 204 -1.23 -8.31 12.69
C TYR C 204 -1.99 -9.42 13.40
N ASP C 205 -2.37 -9.18 14.67
CA ASP C 205 -2.96 -10.21 15.49
C ASP C 205 -4.44 -10.46 15.16
N LYS C 206 -5.00 -9.75 14.18
CA LYS C 206 -6.40 -9.89 13.80
C LYS C 206 -6.55 -10.11 12.28
N THR C 207 -5.46 -10.44 11.59
CA THR C 207 -5.46 -10.47 10.13
C THR C 207 -5.23 -11.91 9.66
N ARG C 208 -5.91 -12.30 8.58
CA ARG C 208 -5.65 -13.54 7.91
C ARG C 208 -4.78 -13.27 6.68
N ILE C 209 -3.59 -13.89 6.66
CA ILE C 209 -2.54 -13.60 5.67
C ILE C 209 -2.10 -14.88 4.99
N ILE C 210 -1.99 -14.84 3.65
CA ILE C 210 -1.29 -15.88 2.89
C ILE C 210 0.01 -15.26 2.36
N THR C 211 1.15 -15.89 2.67
CA THR C 211 2.43 -15.40 2.24
C THR C 211 3.05 -16.45 1.33
N ALA C 212 3.44 -16.01 0.15
CA ALA C 212 4.01 -16.84 -0.87
C ALA C 212 5.45 -16.39 -1.08
N HIS C 213 6.39 -17.17 -0.52
CA HIS C 213 7.78 -16.96 -0.71
C HIS C 213 8.22 -17.82 -1.87
N ILE C 214 8.33 -17.20 -3.05
CA ILE C 214 8.64 -17.92 -4.26
C ILE C 214 10.07 -17.54 -4.65
N GLY C 215 10.98 -18.47 -4.44
CA GLY C 215 12.36 -18.32 -4.82
C GLY C 215 12.82 -19.61 -5.45
N ASN C 216 14.11 -19.88 -5.33
CA ASN C 216 14.62 -21.14 -5.87
C ASN C 216 14.01 -22.27 -5.03
N GLY C 217 13.92 -22.06 -3.69
CA GLY C 217 12.96 -22.77 -2.86
C GLY C 217 11.67 -21.98 -2.82
N ALA C 218 10.50 -22.65 -2.77
CA ALA C 218 9.19 -21.95 -2.82
C ALA C 218 8.25 -22.55 -1.75
N SER C 219 7.52 -21.68 -1.05
CA SER C 219 6.65 -22.07 -0.03
C SER C 219 5.55 -21.04 0.13
N ILE C 220 4.41 -21.51 0.62
CA ILE C 220 3.31 -20.64 0.90
C ILE C 220 2.82 -21.00 2.32
N ALA C 221 2.39 -19.99 3.06
CA ALA C 221 2.02 -20.14 4.45
C ALA C 221 0.69 -19.42 4.71
N ALA C 222 -0.08 -19.96 5.66
CA ALA C 222 -1.28 -19.37 6.17
C ALA C 222 -0.98 -18.88 7.59
N ILE C 223 -1.19 -17.59 7.82
CA ILE C 223 -0.92 -16.95 9.07
C ILE C 223 -2.21 -16.28 9.52
N LYS C 224 -2.78 -16.80 10.59
CA LYS C 224 -4.07 -16.39 11.05
C LYS C 224 -3.92 -15.77 12.43
N ASN C 225 -4.37 -14.52 12.55
CA ASN C 225 -4.46 -13.85 13.82
C ASN C 225 -3.10 -13.92 14.55
N GLY C 226 -2.04 -13.68 13.79
CA GLY C 226 -0.73 -13.46 14.35
C GLY C 226 0.09 -14.73 14.57
N LYS C 227 -0.42 -15.88 14.12
CA LYS C 227 0.26 -17.15 14.31
C LYS C 227 0.18 -17.96 13.01
N ALA C 228 1.30 -18.58 12.64
CA ALA C 228 1.28 -19.51 11.53
C ALA C 228 0.28 -20.63 11.83
N LEU C 229 -0.56 -20.96 10.84
CA LEU C 229 -1.52 -22.03 10.91
C LEU C 229 -1.05 -23.24 10.05
N ASP C 230 -0.54 -22.99 8.83
CA ASP C 230 -0.19 -24.05 7.86
C ASP C 230 0.92 -23.51 6.95
N VAL C 231 1.64 -24.45 6.31
CA VAL C 231 2.70 -24.14 5.40
C VAL C 231 2.87 -25.32 4.42
N SER C 232 3.33 -25.00 3.20
CA SER C 232 3.30 -25.98 2.08
C SER C 232 4.50 -26.92 2.19
N LEU C 233 5.59 -26.45 2.77
CA LEU C 233 6.77 -27.29 3.01
C LEU C 233 6.49 -28.24 4.17
N GLY C 234 7.21 -29.37 4.19
CA GLY C 234 6.86 -30.44 5.08
C GLY C 234 7.82 -30.59 6.25
N MET C 235 8.08 -31.87 6.56
CA MET C 235 9.15 -32.20 7.45
C MET C 235 10.49 -31.78 6.85
N THR C 236 10.56 -31.81 5.52
CA THR C 236 11.71 -31.51 4.74
C THR C 236 11.32 -30.45 3.73
N PRO C 237 12.33 -29.76 3.14
CA PRO C 237 12.10 -28.72 2.14
C PRO C 237 11.71 -29.18 0.72
N VAL C 238 11.27 -30.43 0.52
CA VAL C 238 10.90 -30.87 -0.82
C VAL C 238 9.38 -30.70 -1.09
N GLU C 239 8.54 -30.69 -0.05
CA GLU C 239 7.08 -30.77 -0.19
C GLU C 239 6.51 -29.42 -0.65
N GLY C 240 5.32 -29.47 -1.27
CA GLY C 240 4.47 -28.33 -1.55
C GLY C 240 4.58 -27.86 -2.98
N LEU C 241 5.02 -26.62 -3.15
CA LEU C 241 5.06 -25.96 -4.44
C LEU C 241 6.18 -26.59 -5.27
N MET C 242 6.01 -26.49 -6.58
CA MET C 242 7.05 -26.73 -7.53
C MET C 242 8.14 -25.67 -7.33
N MET C 243 9.40 -26.09 -7.41
CA MET C 243 10.54 -25.20 -7.16
C MET C 243 11.55 -25.33 -8.31
N GLY C 244 12.72 -24.68 -8.16
CA GLY C 244 13.78 -24.65 -9.18
C GLY C 244 14.19 -26.05 -9.61
N THR C 245 14.58 -26.87 -8.62
CA THR C 245 15.02 -28.24 -8.83
C THR C 245 14.27 -29.25 -7.93
N ARG C 246 13.38 -28.80 -7.05
CA ARG C 246 12.64 -29.67 -6.17
C ARG C 246 11.23 -29.92 -6.73
N SER C 247 10.75 -31.13 -6.50
CA SER C 247 9.52 -31.65 -7.06
C SER C 247 8.29 -30.93 -6.49
N GLY C 248 8.33 -30.58 -5.20
CA GLY C 248 7.10 -30.33 -4.48
C GLY C 248 6.31 -31.63 -4.31
N ASP C 249 4.98 -31.48 -4.14
CA ASP C 249 4.02 -32.54 -3.87
C ASP C 249 4.12 -33.63 -4.95
N VAL C 250 4.26 -34.88 -4.49
CA VAL C 250 4.27 -36.04 -5.35
C VAL C 250 3.48 -37.17 -4.68
N ASP C 251 2.76 -37.93 -5.51
CA ASP C 251 2.05 -39.17 -5.09
C ASP C 251 3.07 -40.07 -4.40
N PRO C 252 2.87 -40.46 -3.12
CA PRO C 252 3.79 -41.36 -2.43
C PRO C 252 4.06 -42.64 -3.22
N GLY C 253 3.03 -43.12 -3.92
CA GLY C 253 3.12 -44.32 -4.74
C GLY C 253 3.97 -44.16 -5.99
N VAL C 254 4.06 -42.94 -6.52
CA VAL C 254 4.97 -42.66 -7.65
C VAL C 254 6.42 -42.83 -7.18
N LEU C 255 6.72 -42.40 -5.95
CA LEU C 255 8.07 -42.49 -5.43
C LEU C 255 8.51 -43.94 -5.30
N THR C 256 7.68 -44.78 -4.69
CA THR C 256 8.03 -46.22 -4.57
C THR C 256 8.09 -46.88 -5.97
N PHE C 257 7.22 -46.45 -6.88
CA PHE C 257 7.25 -46.96 -8.21
C PHE C 257 8.58 -46.62 -8.91
N LEU C 258 9.07 -45.38 -8.75
CA LEU C 258 10.32 -44.96 -9.41
C LEU C 258 11.56 -45.62 -8.79
N MET C 259 11.48 -45.95 -7.50
CA MET C 259 12.56 -46.68 -6.84
C MET C 259 12.79 -48.04 -7.51
N GLU C 260 11.71 -48.78 -7.76
CA GLU C 260 11.79 -50.06 -8.45
C GLU C 260 12.15 -49.85 -9.93
N ALA C 261 11.50 -48.90 -10.60
CA ALA C 261 11.66 -48.70 -12.06
C ALA C 261 13.06 -48.16 -12.43
N GLU C 262 13.69 -47.35 -11.58
CA GLU C 262 15.00 -46.75 -11.89
C GLU C 262 16.10 -47.36 -11.01
N GLY C 263 15.76 -48.35 -10.18
CA GLY C 263 16.68 -49.02 -9.26
C GLY C 263 17.36 -48.03 -8.32
N LEU C 264 16.57 -47.16 -7.68
CA LEU C 264 17.07 -46.15 -6.78
C LEU C 264 16.80 -46.61 -5.34
N GLN C 265 17.76 -46.31 -4.46
CA GLN C 265 17.62 -46.43 -3.04
C GLN C 265 17.18 -45.06 -2.47
N ALA C 266 17.02 -44.99 -1.14
CA ALA C 266 16.58 -43.76 -0.44
C ALA C 266 17.39 -42.54 -0.90
N ALA C 267 18.73 -42.66 -0.93
CA ALA C 267 19.60 -41.52 -1.26
C ALA C 267 19.38 -41.07 -2.72
N GLY C 268 19.25 -42.04 -3.63
CA GLY C 268 19.04 -41.77 -5.05
C GLY C 268 17.71 -41.07 -5.32
N ILE C 269 16.63 -41.53 -4.66
CA ILE C 269 15.33 -40.93 -4.88
C ILE C 269 15.32 -39.51 -4.26
N SER C 270 15.97 -39.35 -3.09
CA SER C 270 16.13 -38.05 -2.46
C SER C 270 16.82 -37.04 -3.40
N GLU C 271 17.91 -37.47 -4.05
CA GLU C 271 18.67 -36.60 -4.95
C GLU C 271 17.80 -36.24 -6.18
N LEU C 272 17.07 -37.21 -6.70
CA LEU C 272 16.20 -37.00 -7.84
C LEU C 272 15.15 -35.92 -7.54
N ILE C 273 14.47 -36.01 -6.40
CA ILE C 273 13.35 -35.07 -6.09
C ILE C 273 13.89 -33.70 -5.63
N ASN C 274 15.13 -33.64 -5.16
CA ASN C 274 15.76 -32.41 -4.67
C ASN C 274 16.56 -31.67 -5.75
N LYS C 275 17.16 -32.38 -6.71
CA LYS C 275 18.14 -31.79 -7.62
C LYS C 275 17.76 -31.89 -9.10
N LYS C 276 16.88 -32.82 -9.48
CA LYS C 276 16.67 -33.12 -10.89
C LYS C 276 15.22 -32.82 -11.29
N SER C 277 14.43 -32.24 -10.38
CA SER C 277 12.99 -32.17 -10.52
C SER C 277 12.57 -30.70 -10.67
N GLY C 278 11.31 -30.38 -10.38
CA GLY C 278 10.81 -29.00 -10.44
C GLY C 278 10.87 -28.41 -11.84
N VAL C 279 11.10 -27.12 -11.92
CA VAL C 279 11.14 -26.39 -13.17
C VAL C 279 12.24 -26.95 -14.09
N LEU C 280 13.40 -27.29 -13.51
CA LEU C 280 14.51 -27.84 -14.27
C LEU C 280 14.12 -29.18 -14.90
N GLY C 281 13.56 -30.06 -14.05
CA GLY C 281 13.15 -31.41 -14.46
C GLY C 281 12.09 -31.41 -15.55
N VAL C 282 11.09 -30.53 -15.44
CA VAL C 282 10.01 -30.49 -16.45
C VAL C 282 10.52 -29.79 -17.72
N SER C 283 11.11 -28.61 -17.57
CA SER C 283 11.47 -27.72 -18.69
C SER C 283 12.56 -28.36 -19.56
N GLY C 284 13.51 -29.03 -18.92
CA GLY C 284 14.76 -29.46 -19.58
C GLY C 284 15.62 -28.26 -20.00
N VAL C 285 15.36 -27.08 -19.39
CA VAL C 285 15.98 -25.85 -19.79
C VAL C 285 16.86 -25.37 -18.63
N SER C 286 16.23 -25.03 -17.51
CA SER C 286 16.89 -24.30 -16.44
C SER C 286 16.03 -24.35 -15.17
N SER C 287 16.66 -24.13 -14.00
CA SER C 287 15.91 -23.90 -12.77
C SER C 287 15.57 -22.41 -12.65
N ASP C 288 16.23 -21.56 -13.46
CA ASP C 288 16.13 -20.10 -13.36
C ASP C 288 14.93 -19.62 -14.18
N LEU C 289 13.98 -18.93 -13.54
CA LEU C 289 12.74 -18.56 -14.22
C LEU C 289 12.97 -17.46 -15.27
N ARG C 290 14.05 -16.70 -15.17
CA ARG C 290 14.43 -15.71 -16.22
C ARG C 290 14.82 -16.44 -17.50
N GLU C 291 15.59 -17.53 -17.36
CA GLU C 291 15.95 -18.34 -18.52
C GLU C 291 14.70 -19.04 -19.08
N ILE C 292 13.77 -19.46 -18.19
CA ILE C 292 12.51 -20.06 -18.64
C ILE C 292 11.75 -19.01 -19.46
N GLU C 293 11.59 -17.81 -18.88
CA GLU C 293 10.90 -16.65 -19.53
C GLU C 293 11.40 -16.45 -20.97
N ASP C 294 12.74 -16.46 -21.15
CA ASP C 294 13.39 -16.29 -22.45
C ASP C 294 13.03 -17.45 -23.38
N ALA C 295 13.19 -18.68 -22.86
CA ALA C 295 12.87 -19.89 -23.63
C ALA C 295 11.41 -19.84 -24.10
N ILE C 296 10.51 -19.29 -23.28
CA ILE C 296 9.09 -19.22 -23.64
C ILE C 296 8.92 -18.26 -24.84
N LYS C 297 9.63 -17.12 -24.81
CA LYS C 297 9.60 -16.10 -25.90
C LYS C 297 10.11 -16.71 -27.22
N ASN C 298 11.03 -17.66 -27.15
CA ASN C 298 11.53 -18.41 -28.31
C ASN C 298 10.68 -19.67 -28.56
N GLY C 299 9.45 -19.69 -28.02
CA GLY C 299 8.44 -20.73 -28.28
C GLY C 299 8.85 -22.13 -27.81
N ASN C 300 9.58 -22.22 -26.70
CA ASN C 300 9.87 -23.51 -26.07
C ASN C 300 8.61 -23.97 -25.30
N GLU C 301 8.00 -25.04 -25.78
CA GLU C 301 6.74 -25.53 -25.25
C GLU C 301 6.93 -26.20 -23.88
N ARG C 302 8.07 -26.85 -23.66
CA ARG C 302 8.38 -27.51 -22.39
C ARG C 302 8.54 -26.45 -21.28
N ALA C 303 9.13 -25.29 -21.63
CA ALA C 303 9.28 -24.19 -20.69
C ALA C 303 7.89 -23.62 -20.35
N THR C 304 7.04 -23.46 -21.34
CA THR C 304 5.66 -23.02 -21.13
C THR C 304 4.94 -24.01 -20.21
N LEU C 305 5.09 -25.32 -20.46
CA LEU C 305 4.44 -26.33 -19.65
C LEU C 305 4.90 -26.22 -18.18
N ALA C 306 6.22 -26.07 -17.98
CA ALA C 306 6.75 -25.95 -16.63
C ALA C 306 6.05 -24.81 -15.88
N MET C 307 5.91 -23.67 -16.54
CA MET C 307 5.33 -22.46 -15.92
C MET C 307 3.82 -22.63 -15.69
N THR C 308 3.11 -23.31 -16.61
CA THR C 308 1.68 -23.58 -16.44
C THR C 308 1.48 -24.42 -15.17
N MET C 309 2.30 -25.46 -15.02
CA MET C 309 2.26 -26.32 -13.84
C MET C 309 2.56 -25.51 -12.56
N TYR C 310 3.58 -24.69 -12.63
CA TYR C 310 4.10 -23.89 -11.51
C TYR C 310 3.03 -22.96 -10.96
N ASP C 311 2.42 -22.22 -11.86
CA ASP C 311 1.41 -21.22 -11.51
C ASP C 311 0.17 -21.91 -10.95
N TYR C 312 -0.23 -23.03 -11.56
CA TYR C 312 -1.42 -23.78 -11.21
C TYR C 312 -1.35 -24.25 -9.74
N ARG C 313 -0.18 -24.75 -9.34
CA ARG C 313 -0.01 -25.29 -8.00
C ARG C 313 -0.04 -24.15 -6.97
N ILE C 314 0.50 -22.98 -7.28
CA ILE C 314 0.45 -21.83 -6.37
C ILE C 314 -1.01 -21.41 -6.16
N LYS C 315 -1.74 -21.30 -7.27
CA LYS C 315 -3.12 -20.92 -7.23
C LYS C 315 -3.92 -21.87 -6.33
N LYS C 316 -3.69 -23.17 -6.44
CA LYS C 316 -4.40 -24.13 -5.63
C LYS C 316 -4.13 -23.90 -4.15
N TYR C 317 -2.87 -23.60 -3.79
CA TYR C 317 -2.53 -23.38 -2.39
C TYR C 317 -3.19 -22.10 -1.84
N VAL C 318 -3.32 -21.09 -2.69
CA VAL C 318 -3.98 -19.87 -2.29
C VAL C 318 -5.42 -20.19 -1.88
N GLY C 319 -6.13 -20.97 -2.71
CA GLY C 319 -7.49 -21.42 -2.38
C GLY C 319 -7.56 -22.22 -1.12
N ALA C 320 -6.64 -23.18 -0.99
CA ALA C 320 -6.61 -24.11 0.14
C ALA C 320 -6.45 -23.33 1.45
N TYR C 321 -5.52 -22.37 1.49
CA TYR C 321 -5.20 -21.71 2.73
C TYR C 321 -6.25 -20.65 3.07
N ALA C 322 -6.90 -20.06 2.06
CA ALA C 322 -8.08 -19.23 2.34
C ALA C 322 -9.16 -20.08 3.03
N ALA C 323 -9.40 -21.30 2.52
CA ALA C 323 -10.37 -22.19 3.10
C ALA C 323 -9.94 -22.57 4.52
N ALA C 324 -8.66 -22.90 4.70
CA ALA C 324 -8.15 -23.27 6.02
C ALA C 324 -8.40 -22.16 7.05
N MET C 325 -8.33 -20.90 6.65
CA MET C 325 -8.47 -19.79 7.58
C MET C 325 -9.90 -19.26 7.67
N GLY C 326 -10.78 -19.67 6.77
CA GLY C 326 -12.14 -19.10 6.73
C GLY C 326 -12.20 -17.79 5.97
N GLY C 327 -11.20 -17.53 5.12
CA GLY C 327 -11.08 -16.29 4.36
C GLY C 327 -9.66 -15.79 4.39
N VAL C 328 -9.41 -14.71 3.67
CA VAL C 328 -8.08 -14.13 3.59
C VAL C 328 -8.23 -12.61 3.45
N ASP C 329 -7.36 -11.89 4.15
CA ASP C 329 -7.36 -10.42 4.15
C ASP C 329 -6.28 -9.89 3.22
N VAL C 330 -5.11 -10.56 3.25
CA VAL C 330 -3.94 -10.10 2.56
C VAL C 330 -3.25 -11.31 1.93
N LEU C 331 -2.89 -11.21 0.65
CA LEU C 331 -2.00 -12.17 -0.05
C LEU C 331 -0.70 -11.44 -0.37
N VAL C 332 0.43 -11.97 0.09
CA VAL C 332 1.73 -11.36 -0.04
C VAL C 332 2.58 -12.23 -0.97
N PHE C 333 3.16 -11.62 -1.99
CA PHE C 333 4.22 -12.22 -2.79
C PHE C 333 5.60 -11.70 -2.36
N THR C 334 6.55 -12.63 -2.22
CA THR C 334 7.90 -12.33 -1.86
C THR C 334 8.85 -13.37 -2.46
N GLY C 335 10.14 -13.19 -2.20
CA GLY C 335 11.23 -14.01 -2.74
C GLY C 335 11.70 -13.52 -4.10
N GLY C 336 12.83 -14.07 -4.55
CA GLY C 336 13.45 -13.73 -5.85
C GLY C 336 12.48 -13.82 -7.00
N VAL C 337 11.65 -14.87 -7.05
CA VAL C 337 10.66 -15.02 -8.10
C VAL C 337 9.43 -14.16 -7.79
N GLY C 338 8.91 -14.25 -6.58
CA GLY C 338 7.68 -13.51 -6.25
C GLY C 338 7.83 -12.01 -6.47
N GLU C 339 9.02 -11.47 -6.13
CA GLU C 339 9.31 -10.03 -6.23
C GLU C 339 9.37 -9.59 -7.69
N ASN C 340 9.77 -10.52 -8.58
CA ASN C 340 10.24 -10.20 -9.95
C ASN C 340 9.35 -10.79 -11.06
N GLN C 341 8.73 -11.95 -10.86
CA GLN C 341 7.99 -12.64 -11.94
C GLN C 341 6.53 -12.19 -11.93
N TYR C 342 6.29 -10.99 -12.44
CA TYR C 342 4.98 -10.41 -12.44
C TYR C 342 3.99 -11.26 -13.26
N THR C 343 4.48 -12.02 -14.24
CA THR C 343 3.53 -12.86 -15.03
C THR C 343 2.99 -14.01 -14.18
N THR C 344 3.82 -14.59 -13.30
CA THR C 344 3.30 -15.61 -12.37
C THR C 344 2.26 -14.97 -11.43
N ARG C 345 2.55 -13.78 -10.90
CA ARG C 345 1.62 -13.13 -9.99
C ARG C 345 0.26 -12.96 -10.68
N GLU C 346 0.29 -12.57 -11.96
CA GLU C 346 -0.92 -12.32 -12.68
C GLU C 346 -1.70 -13.63 -12.88
N LYS C 347 -1.01 -14.69 -13.29
CA LYS C 347 -1.69 -15.94 -13.55
C LYS C 347 -2.33 -16.50 -12.27
N VAL C 348 -1.62 -16.36 -11.14
CA VAL C 348 -2.13 -16.84 -9.86
C VAL C 348 -3.39 -16.08 -9.47
N CYS C 349 -3.38 -14.75 -9.60
CA CYS C 349 -4.44 -13.92 -9.02
C CYS C 349 -5.62 -13.64 -9.97
N THR C 350 -5.51 -13.97 -11.26
CA THR C 350 -6.64 -13.77 -12.14
C THR C 350 -7.63 -14.94 -11.99
N ASP C 351 -8.92 -14.65 -12.27
CA ASP C 351 -10.03 -15.59 -12.10
C ASP C 351 -10.11 -16.08 -10.63
N MET C 352 -9.91 -15.15 -9.71
CA MET C 352 -10.02 -15.43 -8.29
C MET C 352 -11.02 -14.46 -7.64
N GLU C 353 -11.93 -13.88 -8.44
CA GLU C 353 -12.90 -12.92 -7.91
C GLU C 353 -13.86 -13.62 -6.93
N PHE C 354 -14.12 -14.92 -7.14
CA PHE C 354 -15.03 -15.74 -6.31
C PHE C 354 -14.57 -15.74 -4.85
N MET C 355 -13.27 -15.49 -4.59
CA MET C 355 -12.79 -15.49 -3.21
C MET C 355 -12.26 -14.11 -2.82
N GLY C 356 -12.64 -13.07 -3.57
CA GLY C 356 -12.44 -11.70 -3.16
C GLY C 356 -11.20 -11.03 -3.73
N ILE C 357 -10.53 -11.63 -4.72
CA ILE C 357 -9.37 -11.03 -5.31
C ILE C 357 -9.76 -10.40 -6.64
N VAL C 358 -9.61 -9.07 -6.72
CA VAL C 358 -9.67 -8.33 -7.97
C VAL C 358 -8.27 -7.80 -8.26
N PHE C 359 -7.64 -8.30 -9.31
CA PHE C 359 -6.25 -8.01 -9.58
C PHE C 359 -6.09 -6.76 -10.45
N ASP C 360 -4.99 -6.03 -10.25
CA ASP C 360 -4.67 -4.84 -11.05
C ASP C 360 -3.53 -5.17 -12.03
N SER C 361 -3.87 -5.72 -13.18
CA SER C 361 -2.91 -6.20 -14.14
C SER C 361 -1.97 -5.08 -14.62
N LYS C 362 -2.50 -3.87 -14.82
CA LYS C 362 -1.68 -2.79 -15.35
C LYS C 362 -0.60 -2.36 -14.35
N VAL C 363 -0.94 -2.29 -13.06
CA VAL C 363 0.02 -1.89 -12.01
C VAL C 363 1.08 -2.99 -11.85
N ASN C 364 0.63 -4.24 -11.96
CA ASN C 364 1.50 -5.41 -11.75
C ASN C 364 2.53 -5.55 -12.87
N GLU C 365 2.14 -5.21 -14.10
CA GLU C 365 2.92 -5.49 -15.33
C GLU C 365 4.25 -4.75 -15.25
N GLY C 366 5.36 -5.48 -15.39
CA GLY C 366 6.72 -4.92 -15.34
C GLY C 366 7.19 -4.56 -13.94
N MET C 367 6.39 -4.83 -12.90
CA MET C 367 6.70 -4.39 -11.54
C MET C 367 7.60 -5.44 -10.87
N ARG C 368 8.86 -5.03 -10.65
CA ARG C 368 9.92 -5.89 -10.14
C ARG C 368 10.57 -5.24 -8.91
N GLY C 369 10.58 -5.96 -7.79
CA GLY C 369 11.48 -5.68 -6.69
C GLY C 369 11.05 -4.53 -5.77
N LYS C 370 9.79 -4.12 -5.81
CA LYS C 370 9.32 -2.99 -4.98
C LYS C 370 8.20 -3.46 -4.06
N GLU C 371 8.01 -2.80 -2.92
CA GLU C 371 6.82 -2.96 -2.11
C GLU C 371 5.67 -2.27 -2.83
N MET C 372 4.60 -2.99 -3.17
CA MET C 372 3.58 -2.45 -4.07
C MET C 372 2.30 -3.28 -3.94
N VAL C 373 1.17 -2.60 -3.72
CA VAL C 373 -0.14 -3.25 -3.81
C VAL C 373 -0.47 -3.49 -5.29
N ILE C 374 -0.95 -4.69 -5.63
CA ILE C 374 -1.20 -5.04 -7.03
C ILE C 374 -2.63 -5.54 -7.23
N SER C 375 -3.45 -5.47 -6.19
CA SER C 375 -4.85 -5.63 -6.27
C SER C 375 -5.47 -4.25 -6.59
N LYS C 376 -6.66 -4.26 -7.20
CA LYS C 376 -7.38 -3.00 -7.41
C LYS C 376 -7.90 -2.49 -6.10
N PRO C 377 -8.10 -1.15 -5.95
CA PRO C 377 -8.60 -0.59 -4.69
C PRO C 377 -9.87 -1.25 -4.16
N GLU C 378 -10.74 -1.70 -5.06
CA GLU C 378 -12.01 -2.27 -4.66
C GLU C 378 -11.89 -3.77 -4.30
N SER C 379 -10.74 -4.41 -4.52
CA SER C 379 -10.55 -5.81 -4.14
C SER C 379 -10.82 -5.97 -2.64
N LYS C 380 -11.60 -6.98 -2.27
CA LYS C 380 -11.81 -7.25 -0.90
C LYS C 380 -10.50 -7.73 -0.24
N VAL C 381 -9.78 -8.61 -0.93
CA VAL C 381 -8.48 -9.12 -0.51
C VAL C 381 -7.39 -8.20 -1.07
N THR C 382 -6.48 -7.73 -0.22
CA THR C 382 -5.38 -6.94 -0.67
C THR C 382 -4.25 -7.86 -1.12
N VAL C 383 -3.73 -7.64 -2.32
CA VAL C 383 -2.61 -8.41 -2.83
C VAL C 383 -1.42 -7.46 -2.90
N ILE C 384 -0.31 -7.84 -2.30
CA ILE C 384 0.85 -6.97 -2.14
C ILE C 384 2.15 -7.76 -2.38
N VAL C 385 3.09 -7.11 -3.07
CA VAL C 385 4.46 -7.54 -3.21
C VAL C 385 5.28 -6.88 -2.08
N VAL C 386 5.95 -7.72 -1.29
CA VAL C 386 6.81 -7.26 -0.22
C VAL C 386 8.17 -7.95 -0.34
N PRO C 387 9.21 -7.28 -0.84
CA PRO C 387 10.55 -7.87 -0.87
C PRO C 387 10.98 -8.29 0.54
N THR C 388 11.53 -9.50 0.65
CA THR C 388 11.86 -9.99 1.96
C THR C 388 13.23 -9.45 2.40
N ASP C 389 13.50 -9.51 3.70
CA ASP C 389 14.84 -9.18 4.21
C ASP C 389 15.17 -10.10 5.39
N GLU C 390 15.50 -11.36 5.07
CA GLU C 390 15.78 -12.33 6.07
C GLU C 390 17.02 -11.93 6.88
N GLU C 391 18.02 -11.35 6.23
CA GLU C 391 19.29 -10.97 6.89
C GLU C 391 19.04 -9.91 7.97
N TYR C 392 18.21 -8.92 7.64
CA TYR C 392 17.80 -7.93 8.62
C TYR C 392 17.11 -8.58 9.82
N MET C 393 16.22 -9.52 9.56
CA MET C 393 15.50 -10.23 10.62
C MET C 393 16.49 -10.98 11.50
N ILE C 394 17.49 -11.60 10.88
CA ILE C 394 18.48 -12.36 11.64
C ILE C 394 19.30 -11.41 12.52
N ALA C 395 19.75 -10.29 11.94
CA ALA C 395 20.56 -9.29 12.65
C ALA C 395 19.75 -8.64 13.80
N SER C 396 18.45 -8.44 13.54
CA SER C 396 17.53 -7.88 14.52
C SER C 396 17.37 -8.85 15.71
N ASP C 397 17.15 -10.15 15.45
CA ASP C 397 17.04 -11.13 16.51
C ASP C 397 18.37 -11.21 17.29
N THR C 398 19.48 -11.10 16.57
CA THR C 398 20.80 -11.18 17.17
C THR C 398 20.93 -10.06 18.21
N MET C 399 20.53 -8.85 17.84
CA MET C 399 20.64 -7.69 18.72
C MET C 399 19.68 -7.85 19.92
N THR C 400 18.48 -8.37 19.69
CA THR C 400 17.48 -8.56 20.75
C THR C 400 17.99 -9.56 21.78
N ILE C 401 18.62 -10.65 21.33
CA ILE C 401 19.10 -11.66 22.23
C ILE C 401 20.29 -11.11 23.02
N LEU C 402 21.24 -10.54 22.30
CA LEU C 402 22.45 -10.09 22.92
C LEU C 402 22.17 -8.65 23.41
N ALA D 5 -35.43 -58.03 -19.53
CA ALA D 5 -35.49 -58.49 -18.10
C ALA D 5 -34.21 -59.24 -17.71
N SER D 6 -33.04 -58.78 -18.17
CA SER D 6 -31.78 -59.42 -17.78
C SER D 6 -31.44 -59.05 -16.32
N LYS D 7 -30.78 -59.98 -15.62
CA LYS D 7 -30.30 -59.73 -14.27
C LYS D 7 -28.77 -59.69 -14.30
N VAL D 8 -28.24 -58.54 -13.87
CA VAL D 8 -26.81 -58.28 -13.91
C VAL D 8 -26.34 -58.13 -12.46
N LEU D 9 -25.39 -58.99 -12.08
CA LEU D 9 -24.72 -58.85 -10.81
C LEU D 9 -23.57 -57.85 -10.98
N VAL D 10 -23.46 -56.90 -10.05
CA VAL D 10 -22.34 -56.00 -10.01
C VAL D 10 -21.56 -56.25 -8.72
N LEU D 11 -20.25 -56.41 -8.88
CA LEU D 11 -19.32 -56.46 -7.76
C LEU D 11 -18.38 -55.25 -7.78
N ASN D 12 -18.06 -54.78 -6.59
CA ASN D 12 -17.05 -53.78 -6.32
C ASN D 12 -16.22 -54.31 -5.15
N CYS D 13 -15.09 -54.94 -5.48
CA CYS D 13 -14.19 -55.52 -4.52
C CYS D 13 -13.16 -54.44 -4.22
N GLY D 14 -13.50 -53.66 -3.17
CA GLY D 14 -12.76 -52.47 -2.68
C GLY D 14 -11.72 -52.88 -1.64
N SER D 15 -10.96 -51.93 -1.10
CA SER D 15 -9.73 -52.28 -0.37
C SER D 15 -10.02 -53.18 0.83
N SER D 16 -11.16 -52.97 1.51
CA SER D 16 -11.48 -53.83 2.68
C SER D 16 -12.92 -54.37 2.61
N SER D 17 -13.50 -54.49 1.39
CA SER D 17 -14.93 -54.75 1.27
C SER D 17 -15.27 -55.44 -0.06
N VAL D 18 -16.48 -56.04 -0.12
CA VAL D 18 -17.12 -56.35 -1.39
C VAL D 18 -18.55 -55.82 -1.36
N LYS D 19 -18.83 -54.83 -2.21
CA LYS D 19 -20.17 -54.34 -2.36
C LYS D 19 -20.79 -54.97 -3.61
N TYR D 20 -22.09 -55.27 -3.54
CA TYR D 20 -22.78 -55.93 -4.63
C TYR D 20 -24.19 -55.38 -4.77
N LYS D 21 -24.67 -55.42 -6.02
CA LYS D 21 -26.07 -55.34 -6.27
C LYS D 21 -26.41 -56.30 -7.40
N LEU D 22 -27.64 -56.82 -7.34
CA LEU D 22 -28.20 -57.54 -8.44
C LEU D 22 -29.35 -56.69 -9.00
N LEU D 23 -29.20 -56.29 -10.26
CA LEU D 23 -30.08 -55.31 -10.89
C LEU D 23 -30.79 -55.99 -12.04
N GLU D 24 -32.05 -55.62 -12.22
CA GLU D 24 -32.80 -55.97 -13.42
C GLU D 24 -32.62 -54.85 -14.44
N MET D 25 -32.04 -55.18 -15.60
CA MET D 25 -31.74 -54.18 -16.61
C MET D 25 -32.62 -54.45 -17.83
N PRO D 26 -33.04 -53.38 -18.54
CA PRO D 26 -32.51 -52.03 -18.42
C PRO D 26 -33.20 -51.10 -17.41
N LYS D 27 -34.27 -51.57 -16.76
CA LYS D 27 -35.07 -50.75 -15.87
C LYS D 27 -34.26 -50.27 -14.66
N GLY D 28 -33.37 -51.13 -14.13
CA GLY D 28 -32.50 -50.79 -13.01
C GLY D 28 -33.13 -51.14 -11.67
N ASP D 29 -34.16 -52.01 -11.65
CA ASP D 29 -34.78 -52.45 -10.39
C ASP D 29 -33.76 -53.24 -9.57
N VAL D 30 -33.66 -52.94 -8.28
CA VAL D 30 -32.70 -53.60 -7.41
C VAL D 30 -33.37 -54.86 -6.84
N LEU D 31 -32.86 -56.03 -7.21
CA LEU D 31 -33.32 -57.32 -6.68
C LEU D 31 -32.62 -57.67 -5.37
N ALA D 32 -31.36 -57.21 -5.22
CA ALA D 32 -30.57 -57.47 -4.03
C ALA D 32 -29.46 -56.41 -3.92
N GLN D 33 -29.05 -56.14 -2.68
CA GLN D 33 -27.96 -55.25 -2.44
C GLN D 33 -27.40 -55.48 -1.05
N GLY D 34 -26.08 -55.36 -0.93
CA GLY D 34 -25.38 -55.55 0.31
C GLY D 34 -23.90 -55.28 0.15
N GLY D 35 -23.18 -55.55 1.23
CA GLY D 35 -21.77 -55.38 1.27
C GLY D 35 -21.14 -56.24 2.33
N VAL D 36 -20.00 -56.83 2.00
CA VAL D 36 -19.14 -57.47 2.96
C VAL D 36 -18.16 -56.42 3.48
N GLU D 37 -17.97 -56.39 4.80
CA GLU D 37 -17.13 -55.42 5.48
C GLU D 37 -16.20 -56.17 6.43
N LYS D 38 -15.13 -55.45 6.81
CA LYS D 38 -14.16 -55.91 7.82
C LYS D 38 -13.52 -57.23 7.38
N LEU D 39 -13.30 -57.28 6.05
CA LEU D 39 -12.57 -58.31 5.40
C LEU D 39 -11.18 -58.39 6.03
N GLY D 40 -10.74 -59.60 6.40
CA GLY D 40 -9.41 -59.84 6.96
C GLY D 40 -9.24 -59.33 8.39
N LEU D 41 -10.36 -59.09 9.08
CA LEU D 41 -10.41 -58.66 10.48
C LEU D 41 -11.38 -59.59 11.19
N PRO D 42 -11.36 -59.67 12.55
CA PRO D 42 -12.07 -60.74 13.27
C PRO D 42 -13.58 -60.82 13.01
N GLY D 43 -14.27 -59.67 13.05
CA GLY D 43 -15.73 -59.60 13.01
C GLY D 43 -16.26 -59.27 11.61
N SER D 44 -15.71 -59.94 10.60
CA SER D 44 -16.11 -59.73 9.21
C SER D 44 -17.59 -60.11 9.06
N PHE D 45 -18.34 -59.38 8.23
CA PHE D 45 -19.77 -59.62 8.11
C PHE D 45 -20.29 -59.14 6.77
N LEU D 46 -21.45 -59.68 6.39
CA LEU D 46 -22.22 -59.23 5.24
C LEU D 46 -23.48 -58.54 5.76
N LYS D 47 -23.72 -57.33 5.29
CA LYS D 47 -24.92 -56.61 5.58
C LYS D 47 -25.70 -56.41 4.28
N LEU D 48 -26.97 -56.82 4.30
CA LEU D 48 -27.80 -56.68 3.12
C LEU D 48 -29.07 -55.90 3.50
N THR D 49 -29.76 -55.45 2.46
CA THR D 49 -31.02 -54.79 2.57
C THR D 49 -32.03 -55.63 1.81
N MET D 50 -33.06 -56.10 2.51
CA MET D 50 -34.13 -56.91 1.93
C MET D 50 -34.98 -56.01 1.05
N PRO D 51 -35.73 -56.58 0.07
CA PRO D 51 -36.65 -55.79 -0.76
C PRO D 51 -37.62 -54.90 0.05
N ASN D 52 -38.07 -55.37 1.23
CA ASN D 52 -39.00 -54.61 2.08
C ASN D 52 -38.26 -53.54 2.91
N GLY D 53 -36.94 -53.42 2.78
CA GLY D 53 -36.16 -52.32 3.36
C GLY D 53 -35.44 -52.70 4.67
N GLU D 54 -35.74 -53.88 5.19
CA GLU D 54 -35.15 -54.39 6.45
C GLU D 54 -33.65 -54.70 6.25
N LYS D 55 -32.82 -54.31 7.22
CA LYS D 55 -31.39 -54.60 7.20
C LYS D 55 -31.11 -55.92 7.93
N VAL D 56 -30.24 -56.76 7.36
CA VAL D 56 -29.83 -58.02 7.93
C VAL D 56 -28.30 -58.03 7.96
N VAL D 57 -27.69 -58.42 9.09
CA VAL D 57 -26.26 -58.64 9.22
C VAL D 57 -26.02 -60.12 9.44
N LEU D 58 -25.16 -60.71 8.60
CA LEU D 58 -24.75 -62.09 8.70
C LEU D 58 -23.25 -62.10 9.01
N GLU D 59 -22.88 -62.49 10.24
CA GLU D 59 -21.48 -62.65 10.60
C GLU D 59 -20.94 -63.94 10.01
N LYS D 60 -19.71 -63.87 9.51
CA LYS D 60 -19.07 -64.98 8.82
C LYS D 60 -17.59 -64.61 8.65
N ASP D 61 -16.71 -65.58 8.89
CA ASP D 61 -15.27 -65.36 8.79
C ASP D 61 -14.91 -65.20 7.32
N MET D 62 -14.35 -64.04 6.97
CA MET D 62 -14.00 -63.70 5.57
C MET D 62 -12.65 -62.99 5.58
N PRO D 63 -11.58 -63.81 5.53
CA PRO D 63 -10.21 -63.30 5.58
C PRO D 63 -9.74 -62.50 4.34
N GLU D 64 -10.37 -62.71 3.18
CA GLU D 64 -10.01 -61.94 1.97
C GLU D 64 -11.22 -61.91 1.02
N HIS D 65 -11.03 -61.42 -0.22
CA HIS D 65 -12.14 -61.15 -1.14
C HIS D 65 -12.78 -62.45 -1.68
N THR D 66 -11.99 -63.51 -1.87
CA THR D 66 -12.53 -64.70 -2.51
C THR D 66 -13.64 -65.30 -1.66
N ILE D 67 -13.42 -65.43 -0.33
CA ILE D 67 -14.44 -66.18 0.48
C ILE D 67 -15.75 -65.35 0.49
N ALA D 68 -15.56 -64.03 0.53
CA ALA D 68 -16.62 -63.05 0.55
C ALA D 68 -17.51 -63.23 -0.67
N VAL D 69 -16.96 -63.33 -1.89
CA VAL D 69 -17.80 -63.40 -3.08
C VAL D 69 -18.63 -64.69 -3.09
N GLU D 70 -18.01 -65.80 -2.65
CA GLU D 70 -18.71 -67.08 -2.59
C GLU D 70 -19.91 -66.99 -1.62
N PHE D 71 -19.70 -66.30 -0.48
CA PHE D 71 -20.77 -66.12 0.50
C PHE D 71 -21.90 -65.25 -0.08
N ILE D 72 -21.53 -64.15 -0.75
CA ILE D 72 -22.50 -63.31 -1.41
C ILE D 72 -23.39 -64.16 -2.33
N LEU D 73 -22.77 -64.97 -3.21
CA LEU D 73 -23.57 -65.79 -4.12
C LEU D 73 -24.50 -66.75 -3.38
N SER D 74 -24.00 -67.38 -2.30
CA SER D 74 -24.83 -68.31 -1.51
C SER D 74 -26.02 -67.55 -0.89
N VAL D 75 -25.79 -66.31 -0.46
CA VAL D 75 -26.86 -65.47 0.10
C VAL D 75 -27.90 -65.14 -0.96
N LEU D 76 -27.47 -64.85 -2.20
CA LEU D 76 -28.43 -64.49 -3.29
C LEU D 76 -29.40 -65.65 -3.53
N LYS D 77 -28.93 -66.87 -3.30
CA LYS D 77 -29.65 -68.11 -3.58
C LYS D 77 -30.33 -68.68 -2.32
N ASP D 78 -30.06 -68.10 -1.14
CA ASP D 78 -30.64 -68.56 0.13
C ASP D 78 -32.17 -68.50 0.09
N ASP D 79 -32.84 -69.48 0.73
CA ASP D 79 -34.32 -69.57 0.73
C ASP D 79 -34.93 -68.40 1.50
N LYS D 80 -34.23 -67.97 2.55
CA LYS D 80 -34.71 -66.93 3.46
C LYS D 80 -34.34 -65.53 2.94
N TYR D 81 -33.05 -65.31 2.66
CA TYR D 81 -32.56 -63.94 2.38
C TYR D 81 -32.32 -63.72 0.87
N GLY D 82 -32.42 -64.79 0.07
CA GLY D 82 -32.04 -64.75 -1.33
C GLY D 82 -33.13 -64.15 -2.19
N CYS D 83 -32.82 -64.00 -3.48
CA CYS D 83 -33.79 -63.47 -4.46
C CYS D 83 -33.78 -64.30 -5.76
N ILE D 84 -32.95 -65.33 -5.85
CA ILE D 84 -32.92 -66.19 -7.02
C ILE D 84 -32.91 -67.64 -6.54
N LYS D 85 -33.43 -68.55 -7.38
CA LYS D 85 -33.46 -69.99 -7.03
C LYS D 85 -32.23 -70.72 -7.57
N SER D 86 -31.64 -70.17 -8.64
CA SER D 86 -30.53 -70.78 -9.34
C SER D 86 -29.58 -69.70 -9.87
N TYR D 87 -28.26 -69.97 -9.85
CA TYR D 87 -27.23 -69.05 -10.36
C TYR D 87 -27.40 -68.77 -11.87
N GLU D 88 -28.12 -69.65 -12.57
CA GLU D 88 -28.38 -69.54 -13.99
C GLU D 88 -29.29 -68.35 -14.29
N GLU D 89 -29.98 -67.84 -13.26
CA GLU D 89 -30.79 -66.62 -13.43
C GLU D 89 -29.91 -65.38 -13.68
N ILE D 90 -28.63 -65.42 -13.27
CA ILE D 90 -27.70 -64.27 -13.43
C ILE D 90 -27.18 -64.26 -14.88
N ASP D 91 -27.51 -63.20 -15.63
CA ASP D 91 -27.21 -63.16 -17.08
C ASP D 91 -25.79 -62.64 -17.36
N ALA D 92 -25.24 -61.82 -16.48
CA ALA D 92 -23.91 -61.24 -16.68
C ALA D 92 -23.42 -60.62 -15.37
N VAL D 93 -22.10 -60.41 -15.28
CA VAL D 93 -21.49 -59.79 -14.13
C VAL D 93 -20.62 -58.61 -14.58
N GLY D 94 -20.86 -57.44 -13.95
CA GLY D 94 -20.03 -56.28 -14.10
C GLY D 94 -19.18 -56.04 -12.86
N HIS D 95 -17.94 -55.60 -13.09
CA HIS D 95 -16.95 -55.39 -12.05
C HIS D 95 -16.37 -53.99 -12.12
N ARG D 96 -16.16 -53.43 -10.92
CA ARG D 96 -15.27 -52.30 -10.79
C ARG D 96 -13.81 -52.79 -10.91
N LEU D 97 -13.07 -52.28 -11.89
CA LEU D 97 -11.64 -52.52 -12.00
C LEU D 97 -10.90 -51.20 -11.76
N VAL D 98 -9.87 -51.22 -10.91
CA VAL D 98 -9.31 -49.93 -10.51
C VAL D 98 -8.30 -49.44 -11.54
N HIS D 99 -7.27 -50.21 -11.87
CA HIS D 99 -6.16 -49.67 -12.67
C HIS D 99 -5.91 -50.55 -13.89
N GLY D 100 -6.13 -49.99 -15.08
CA GLY D 100 -5.75 -50.64 -16.33
C GLY D 100 -4.61 -49.92 -17.05
N GLY D 101 -3.89 -49.06 -16.32
CA GLY D 101 -2.81 -48.24 -16.89
C GLY D 101 -3.23 -47.52 -18.18
N GLU D 102 -2.34 -47.50 -19.16
CA GLU D 102 -2.64 -46.88 -20.45
C GLU D 102 -3.46 -47.81 -21.38
N LYS D 103 -3.52 -49.11 -21.08
CA LYS D 103 -4.02 -50.07 -22.07
C LYS D 103 -5.55 -50.21 -22.03
N PHE D 104 -6.16 -50.16 -20.85
CA PHE D 104 -7.61 -50.26 -20.74
C PHE D 104 -8.16 -49.09 -19.92
N SER D 105 -9.24 -48.51 -20.42
CA SER D 105 -9.87 -47.35 -19.83
C SER D 105 -11.38 -47.48 -20.09
N ASN D 106 -11.73 -47.60 -21.37
CA ASN D 106 -13.11 -47.80 -21.72
C ASN D 106 -13.61 -49.10 -21.06
N SER D 107 -14.92 -49.18 -20.83
CA SER D 107 -15.50 -50.41 -20.31
C SER D 107 -15.37 -51.50 -21.39
N VAL D 108 -15.06 -52.71 -20.95
CA VAL D 108 -14.57 -53.78 -21.81
C VAL D 108 -15.06 -55.11 -21.24
N GLU D 109 -15.39 -56.03 -22.15
CA GLU D 109 -15.62 -57.43 -21.79
C GLU D 109 -14.27 -58.02 -21.37
N ILE D 110 -14.26 -58.75 -20.24
CA ILE D 110 -13.04 -59.15 -19.63
C ILE D 110 -12.49 -60.38 -20.39
N THR D 111 -11.29 -60.19 -20.91
CA THR D 111 -10.52 -61.15 -21.64
C THR D 111 -9.26 -61.48 -20.85
N PRO D 112 -8.50 -62.51 -21.24
CA PRO D 112 -7.20 -62.76 -20.63
C PRO D 112 -6.26 -61.55 -20.69
N GLU D 113 -6.31 -60.75 -21.77
CA GLU D 113 -5.46 -59.57 -21.96
C GLU D 113 -5.83 -58.50 -20.93
N VAL D 114 -7.12 -58.36 -20.66
CA VAL D 114 -7.61 -57.44 -19.61
C VAL D 114 -7.06 -57.89 -18.24
N ILE D 115 -7.23 -59.19 -17.93
CA ILE D 115 -6.79 -59.72 -16.64
C ILE D 115 -5.28 -59.51 -16.49
N ALA D 116 -4.55 -59.82 -17.57
CA ALA D 116 -3.10 -59.72 -17.57
C ALA D 116 -2.67 -58.28 -17.27
N LYS D 117 -3.38 -57.30 -17.85
CA LYS D 117 -2.97 -55.90 -17.64
C LYS D 117 -3.28 -55.49 -16.19
N VAL D 118 -4.44 -55.93 -15.67
CA VAL D 118 -4.78 -55.60 -14.29
C VAL D 118 -3.75 -56.19 -13.34
N GLU D 119 -3.27 -57.41 -13.62
CA GLU D 119 -2.24 -58.03 -12.79
C GLU D 119 -0.92 -57.22 -12.87
N GLU D 120 -0.58 -56.74 -14.07
CA GLU D 120 0.65 -56.01 -14.30
C GLU D 120 0.64 -54.70 -13.51
N CYS D 121 -0.58 -54.17 -13.32
CA CYS D 121 -0.77 -52.85 -12.69
C CYS D 121 -0.90 -52.93 -11.17
N ILE D 122 -0.83 -54.15 -10.61
CA ILE D 122 -1.00 -54.34 -9.16
C ILE D 122 -0.10 -53.37 -8.38
N PRO D 123 1.19 -53.18 -8.73
CA PRO D 123 2.03 -52.22 -8.00
C PRO D 123 1.46 -50.79 -7.94
N LEU D 124 0.65 -50.41 -8.93
CA LEU D 124 0.09 -49.06 -9.01
C LEU D 124 -1.24 -48.98 -8.26
N ALA D 125 -1.82 -50.12 -7.90
CA ALA D 125 -3.08 -50.16 -7.16
C ALA D 125 -3.06 -51.39 -6.25
N PRO D 126 -2.10 -51.47 -5.31
CA PRO D 126 -1.82 -52.72 -4.58
C PRO D 126 -2.93 -53.15 -3.62
N LEU D 127 -3.84 -52.25 -3.23
CA LEU D 127 -4.97 -52.61 -2.36
C LEU D 127 -6.24 -52.98 -3.12
N HIS D 128 -6.25 -52.74 -4.44
CA HIS D 128 -7.46 -52.81 -5.21
C HIS D 128 -7.34 -53.85 -6.33
N ASN D 129 -6.33 -53.79 -7.19
CA ASN D 129 -6.31 -54.65 -8.34
C ASN D 129 -6.35 -56.13 -7.94
N PRO D 130 -5.58 -56.62 -6.95
CA PRO D 130 -5.65 -58.04 -6.56
C PRO D 130 -7.08 -58.47 -6.19
N ALA D 131 -7.79 -57.65 -5.40
CA ALA D 131 -9.12 -57.92 -4.99
C ALA D 131 -10.04 -57.92 -6.19
N ASN D 132 -9.87 -56.97 -7.10
CA ASN D 132 -10.72 -56.91 -8.29
C ASN D 132 -10.60 -58.24 -9.04
N LEU D 133 -9.39 -58.75 -9.19
CA LEU D 133 -9.17 -59.97 -9.95
C LEU D 133 -9.75 -61.18 -9.21
N LYS D 134 -9.68 -61.17 -7.86
CA LYS D 134 -10.23 -62.25 -7.07
C LYS D 134 -11.73 -62.39 -7.34
N GLY D 135 -12.43 -61.25 -7.45
CA GLY D 135 -13.83 -61.24 -7.77
C GLY D 135 -14.13 -61.86 -9.14
N VAL D 136 -13.33 -61.52 -10.14
CA VAL D 136 -13.52 -62.05 -11.50
C VAL D 136 -13.31 -63.58 -11.52
N VAL D 137 -12.23 -64.01 -10.87
CA VAL D 137 -11.88 -65.42 -10.76
C VAL D 137 -12.97 -66.19 -9.99
N ALA D 138 -13.50 -65.61 -8.91
CA ALA D 138 -14.58 -66.26 -8.13
C ALA D 138 -15.80 -66.48 -9.01
N ILE D 139 -16.17 -65.49 -9.82
CA ILE D 139 -17.29 -65.63 -10.70
C ILE D 139 -17.02 -66.73 -11.75
N GLU D 140 -15.82 -66.78 -12.32
CA GLU D 140 -15.57 -67.80 -13.34
C GLU D 140 -15.68 -69.20 -12.70
N LYS D 141 -15.29 -69.34 -11.44
CA LYS D 141 -15.38 -70.62 -10.71
C LYS D 141 -16.84 -71.00 -10.44
N LEU D 142 -17.68 -70.04 -10.04
CA LEU D 142 -19.02 -70.33 -9.58
C LEU D 142 -20.03 -70.29 -10.73
N LEU D 143 -19.79 -69.47 -11.76
CA LEU D 143 -20.70 -69.29 -12.90
C LEU D 143 -19.89 -69.50 -14.17
N PRO D 144 -19.35 -70.72 -14.42
CA PRO D 144 -18.39 -70.90 -15.49
C PRO D 144 -18.96 -70.47 -16.84
N GLY D 145 -18.16 -69.76 -17.63
CA GLY D 145 -18.53 -69.31 -18.96
C GLY D 145 -19.35 -68.03 -18.98
N ILE D 146 -19.74 -67.48 -17.83
CA ILE D 146 -20.59 -66.27 -17.84
C ILE D 146 -19.74 -65.09 -18.33
N ARG D 147 -20.37 -64.19 -19.07
CA ARG D 147 -19.73 -63.04 -19.63
C ARG D 147 -19.62 -61.94 -18.57
N GLN D 148 -18.42 -61.39 -18.45
CA GLN D 148 -18.05 -60.41 -17.42
C GLN D 148 -17.51 -59.15 -18.11
N VAL D 149 -17.86 -58.00 -17.52
CA VAL D 149 -17.45 -56.69 -18.02
C VAL D 149 -16.74 -55.94 -16.88
N GLY D 150 -15.66 -55.27 -17.24
CA GLY D 150 -14.89 -54.38 -16.40
C GLY D 150 -15.15 -52.93 -16.72
N VAL D 151 -15.31 -52.13 -15.67
CA VAL D 151 -15.47 -50.67 -15.72
C VAL D 151 -14.38 -50.03 -14.87
N PHE D 152 -13.57 -49.18 -15.51
CA PHE D 152 -12.32 -48.70 -14.90
C PHE D 152 -12.51 -47.37 -14.17
N ASP D 153 -11.90 -47.32 -12.98
CA ASP D 153 -11.95 -46.14 -12.11
C ASP D 153 -11.25 -44.94 -12.75
N THR D 154 -10.36 -45.18 -13.72
CA THR D 154 -9.51 -44.16 -14.33
C THR D 154 -10.16 -43.45 -15.52
N ALA D 155 -11.21 -44.03 -16.13
CA ALA D 155 -11.70 -43.59 -17.39
C ALA D 155 -12.18 -42.11 -17.33
N PHE D 156 -12.91 -41.79 -16.27
CA PHE D 156 -13.53 -40.46 -16.14
C PHE D 156 -12.47 -39.33 -16.20
N PHE D 157 -11.24 -39.62 -15.74
CA PHE D 157 -10.23 -38.62 -15.57
C PHE D 157 -9.31 -38.47 -16.79
N GLN D 158 -9.64 -39.16 -17.88
CA GLN D 158 -8.80 -39.11 -19.07
C GLN D 158 -8.84 -37.73 -19.75
N THR D 159 -9.75 -36.86 -19.31
CA THR D 159 -9.83 -35.51 -19.83
C THR D 159 -8.84 -34.54 -19.13
N MET D 160 -8.16 -34.96 -18.06
CA MET D 160 -7.28 -34.00 -17.35
C MET D 160 -6.17 -33.52 -18.28
N PRO D 161 -5.88 -32.20 -18.28
CA PRO D 161 -4.81 -31.65 -19.13
C PRO D 161 -3.43 -32.01 -18.53
N GLU D 162 -2.40 -31.91 -19.37
CA GLU D 162 -1.04 -32.30 -19.01
C GLU D 162 -0.52 -31.48 -17.83
N HIS D 163 -0.90 -30.20 -17.69
CA HIS D 163 -0.35 -29.43 -16.59
C HIS D 163 -0.89 -29.94 -15.24
N VAL D 164 -1.99 -30.69 -15.28
CA VAL D 164 -2.54 -31.34 -14.08
C VAL D 164 -1.96 -32.76 -13.93
N TYR D 165 -1.91 -33.56 -15.00
CA TYR D 165 -1.57 -34.98 -14.83
C TYR D 165 -0.06 -35.20 -14.69
N ARG D 166 0.77 -34.27 -15.16
CA ARG D 166 2.22 -34.43 -15.04
C ARG D 166 2.65 -34.02 -13.61
N TYR D 167 3.49 -34.82 -12.99
CA TYR D 167 4.23 -34.45 -11.78
C TYR D 167 5.50 -33.67 -12.17
N ALA D 168 6.01 -32.90 -11.22
CA ALA D 168 7.16 -32.03 -11.41
C ALA D 168 8.43 -32.84 -11.15
N LEU D 169 8.56 -33.91 -11.94
CA LEU D 169 9.64 -34.85 -11.88
C LEU D 169 10.33 -34.82 -13.25
N PRO D 170 11.53 -35.44 -13.40
CA PRO D 170 12.26 -35.33 -14.66
C PRO D 170 11.42 -35.82 -15.84
N TYR D 171 11.30 -34.96 -16.85
CA TYR D 171 10.35 -35.13 -17.97
C TYR D 171 10.58 -36.49 -18.66
N ASP D 172 11.83 -36.73 -19.07
CA ASP D 172 12.14 -37.92 -19.89
C ASP D 172 11.89 -39.19 -19.06
N MET D 173 12.27 -39.18 -17.79
CA MET D 173 12.10 -40.32 -16.91
C MET D 173 10.61 -40.63 -16.70
N CYS D 174 9.77 -39.61 -16.49
CA CYS D 174 8.34 -39.82 -16.36
C CYS D 174 7.79 -40.43 -17.64
N ASN D 175 8.20 -39.91 -18.81
CA ASN D 175 7.66 -40.39 -20.05
C ASN D 175 8.09 -41.86 -20.27
N LYS D 176 9.34 -42.16 -19.92
CA LYS D 176 9.88 -43.50 -20.05
C LYS D 176 9.05 -44.50 -19.25
N HIS D 177 8.63 -44.14 -18.04
CA HIS D 177 7.94 -45.07 -17.14
C HIS D 177 6.41 -44.86 -17.09
N GLY D 178 5.87 -43.94 -17.87
CA GLY D 178 4.43 -43.65 -17.91
C GLY D 178 3.90 -43.07 -16.59
N VAL D 179 4.72 -42.22 -15.95
CA VAL D 179 4.34 -41.61 -14.70
C VAL D 179 3.38 -40.46 -15.02
N ARG D 180 2.18 -40.53 -14.45
CA ARG D 180 1.17 -39.46 -14.55
C ARG D 180 0.06 -39.74 -13.55
N ARG D 181 -0.69 -38.68 -13.22
CA ARG D 181 -1.87 -38.78 -12.44
C ARG D 181 -2.95 -39.52 -13.25
N TYR D 182 -3.58 -40.53 -12.65
CA TYR D 182 -4.70 -41.21 -13.25
C TYR D 182 -6.02 -40.83 -12.60
N GLY D 183 -6.08 -40.80 -11.25
CA GLY D 183 -7.35 -40.65 -10.57
C GLY D 183 -8.17 -41.94 -10.55
N PHE D 184 -8.94 -42.11 -9.49
CA PHE D 184 -9.79 -43.28 -9.27
C PHE D 184 -11.14 -42.80 -8.71
N HIS D 185 -12.02 -43.74 -8.35
CA HIS D 185 -13.41 -43.48 -8.04
C HIS D 185 -14.17 -42.81 -9.19
N GLY D 186 -13.66 -42.96 -10.41
CA GLY D 186 -14.19 -42.23 -11.53
C GLY D 186 -15.66 -42.55 -11.77
N THR D 187 -16.07 -43.80 -11.53
CA THR D 187 -17.48 -44.18 -11.75
C THR D 187 -18.38 -43.42 -10.77
N SER D 188 -17.93 -43.23 -9.53
CA SER D 188 -18.69 -42.49 -8.57
C SER D 188 -18.74 -40.99 -8.91
N HIS D 189 -17.57 -40.38 -9.18
CA HIS D 189 -17.50 -38.99 -9.58
C HIS D 189 -18.37 -38.74 -10.83
N ARG D 190 -18.33 -39.66 -11.79
CA ARG D 190 -19.11 -39.56 -13.03
CA ARG D 190 -19.11 -39.66 -13.03
C ARG D 190 -20.60 -39.55 -12.69
N TYR D 191 -21.04 -40.51 -11.85
CA TYR D 191 -22.44 -40.62 -11.51
C TYR D 191 -22.96 -39.38 -10.75
N VAL D 192 -22.29 -38.97 -9.66
CA VAL D 192 -22.84 -37.95 -8.78
C VAL D 192 -22.75 -36.55 -9.39
N SER D 193 -21.76 -36.28 -10.24
CA SER D 193 -21.65 -34.99 -10.86
C SER D 193 -22.84 -34.75 -11.82
N ALA D 194 -23.12 -35.76 -12.66
CA ALA D 194 -24.23 -35.72 -13.61
C ALA D 194 -25.57 -35.70 -12.85
N ARG D 195 -25.66 -36.51 -11.80
CA ARG D 195 -26.91 -36.66 -11.05
C ARG D 195 -27.22 -35.33 -10.33
N ALA D 196 -26.19 -34.71 -9.74
CA ALA D 196 -26.35 -33.42 -9.06
C ALA D 196 -26.93 -32.39 -10.02
N CYS D 197 -26.38 -32.32 -11.24
CA CYS D 197 -26.85 -31.34 -12.21
C CYS D 197 -28.32 -31.60 -12.63
N GLU D 198 -28.69 -32.86 -12.79
CA GLU D 198 -30.10 -33.24 -13.11
C GLU D 198 -31.04 -32.81 -11.98
N ILE D 199 -30.65 -33.06 -10.73
CA ILE D 199 -31.48 -32.70 -9.56
C ILE D 199 -31.64 -31.18 -9.48
N LEU D 200 -30.57 -30.45 -9.81
CA LEU D 200 -30.53 -29.04 -9.57
C LEU D 200 -30.95 -28.24 -10.81
N GLY D 201 -31.21 -28.90 -11.92
CA GLY D 201 -31.65 -28.17 -13.14
C GLY D 201 -30.50 -27.44 -13.83
N LEU D 202 -29.28 -27.97 -13.72
CA LEU D 202 -28.12 -27.31 -14.28
C LEU D 202 -27.63 -28.07 -15.50
N ASP D 203 -27.01 -27.33 -16.42
CA ASP D 203 -26.33 -27.88 -17.58
C ASP D 203 -24.94 -28.38 -17.14
N TYR D 204 -24.79 -29.68 -17.15
CA TYR D 204 -23.53 -30.34 -16.80
C TYR D 204 -22.34 -29.70 -17.54
N ASP D 205 -22.52 -29.38 -18.82
CA ASP D 205 -21.42 -28.93 -19.67
C ASP D 205 -21.05 -27.45 -19.42
N LYS D 206 -21.74 -26.77 -18.51
CA LYS D 206 -21.49 -25.38 -18.21
C LYS D 206 -21.31 -25.14 -16.72
N THR D 207 -21.12 -26.21 -15.94
CA THR D 207 -21.13 -26.10 -14.46
C THR D 207 -19.74 -26.44 -13.92
N ARG D 208 -19.31 -25.72 -12.90
CA ARG D 208 -18.12 -26.04 -12.14
C ARG D 208 -18.53 -26.82 -10.88
N ILE D 209 -18.04 -28.06 -10.77
CA ILE D 209 -18.47 -29.00 -9.77
C ILE D 209 -17.26 -29.50 -9.00
N ILE D 210 -17.35 -29.53 -7.67
CA ILE D 210 -16.44 -30.27 -6.81
C ILE D 210 -17.20 -31.47 -6.25
N THR D 211 -16.68 -32.68 -6.49
CA THR D 211 -17.29 -33.89 -5.98
C THR D 211 -16.34 -34.53 -4.97
N ALA D 212 -16.85 -34.81 -3.78
CA ALA D 212 -16.10 -35.36 -2.69
C ALA D 212 -16.68 -36.74 -2.37
N HIS D 213 -15.99 -37.77 -2.86
CA HIS D 213 -16.33 -39.14 -2.58
C HIS D 213 -15.53 -39.54 -1.34
N ILE D 214 -16.20 -39.51 -0.19
CA ILE D 214 -15.57 -39.79 1.07
C ILE D 214 -16.10 -41.15 1.54
N GLY D 215 -15.23 -42.15 1.41
CA GLY D 215 -15.50 -43.45 1.92
C GLY D 215 -14.28 -43.99 2.60
N ASN D 216 -14.16 -45.32 2.57
CA ASN D 216 -12.98 -45.97 3.10
C ASN D 216 -11.76 -45.47 2.33
N GLY D 217 -11.90 -45.45 1.02
CA GLY D 217 -11.09 -44.66 0.12
C GLY D 217 -11.75 -43.30 -0.06
N ALA D 218 -10.96 -42.22 -0.14
CA ALA D 218 -11.52 -40.86 -0.22
C ALA D 218 -10.82 -40.06 -1.32
N SER D 219 -11.61 -39.34 -2.14
CA SER D 219 -11.08 -38.54 -3.20
C SER D 219 -12.02 -37.35 -3.45
N ILE D 220 -11.44 -36.31 -4.00
CA ILE D 220 -12.16 -35.15 -4.37
C ILE D 220 -11.72 -34.77 -5.78
N ALA D 221 -12.68 -34.33 -6.60
CA ALA D 221 -12.46 -34.02 -7.99
C ALA D 221 -13.00 -32.64 -8.33
N ALA D 222 -12.37 -32.01 -9.34
CA ALA D 222 -12.83 -30.79 -9.94
C ALA D 222 -13.29 -31.15 -11.36
N ILE D 223 -14.56 -30.86 -11.64
CA ILE D 223 -15.17 -31.12 -12.92
C ILE D 223 -15.68 -29.78 -13.46
N LYS D 224 -15.05 -29.33 -14.54
CA LYS D 224 -15.33 -28.01 -15.07
C LYS D 224 -15.91 -28.16 -16.48
N ASN D 225 -17.10 -27.61 -16.66
CA ASN D 225 -17.72 -27.55 -17.98
C ASN D 225 -17.73 -28.93 -18.64
N GLY D 226 -18.08 -29.95 -17.87
CA GLY D 226 -18.40 -31.28 -18.35
C GLY D 226 -17.21 -32.19 -18.49
N LYS D 227 -16.04 -31.76 -18.00
CA LYS D 227 -14.83 -32.53 -18.14
C LYS D 227 -14.07 -32.46 -16.81
N ALA D 228 -13.58 -33.62 -16.37
CA ALA D 228 -12.78 -33.68 -15.17
C ALA D 228 -11.51 -32.85 -15.43
N LEU D 229 -11.14 -32.00 -14.47
CA LEU D 229 -9.98 -31.13 -14.57
C LEU D 229 -8.86 -31.62 -13.66
N ASP D 230 -9.19 -32.01 -12.41
CA ASP D 230 -8.23 -32.41 -11.41
C ASP D 230 -8.89 -33.40 -10.45
N VAL D 231 -8.07 -34.19 -9.78
CA VAL D 231 -8.51 -35.15 -8.81
C VAL D 231 -7.38 -35.36 -7.79
N SER D 232 -7.75 -35.68 -6.55
CA SER D 232 -6.83 -35.70 -5.42
C SER D 232 -5.98 -36.99 -5.42
N LEU D 233 -6.52 -38.04 -5.98
CA LEU D 233 -5.79 -39.32 -6.15
C LEU D 233 -4.76 -39.19 -7.27
N GLY D 234 -3.71 -40.03 -7.24
CA GLY D 234 -2.59 -39.81 -8.12
C GLY D 234 -2.46 -40.83 -9.23
N MET D 235 -1.22 -41.21 -9.51
CA MET D 235 -0.92 -42.39 -10.33
C MET D 235 -1.49 -43.63 -9.63
N THR D 236 -1.51 -43.59 -8.29
CA THR D 236 -1.94 -44.64 -7.43
C THR D 236 -3.00 -44.09 -6.49
N PRO D 237 -3.81 -44.98 -5.88
CA PRO D 237 -4.87 -44.57 -4.98
C PRO D 237 -4.46 -44.16 -3.55
N VAL D 238 -3.19 -43.89 -3.29
CA VAL D 238 -2.78 -43.51 -1.91
C VAL D 238 -2.76 -41.99 -1.73
N GLU D 239 -2.66 -41.21 -2.83
CA GLU D 239 -2.44 -39.73 -2.77
C GLU D 239 -3.75 -39.04 -2.38
N GLY D 240 -3.63 -37.84 -1.82
CA GLY D 240 -4.71 -36.88 -1.63
C GLY D 240 -5.24 -36.88 -0.19
N LEU D 241 -6.53 -37.18 -0.04
CA LEU D 241 -7.21 -37.06 1.26
C LEU D 241 -6.72 -38.17 2.18
N MET D 242 -6.87 -37.91 3.47
CA MET D 242 -6.73 -38.92 4.50
C MET D 242 -7.85 -39.97 4.31
N MET D 243 -7.46 -41.25 4.41
CA MET D 243 -8.41 -42.34 4.23
C MET D 243 -8.35 -43.31 5.43
N GLY D 244 -9.06 -44.45 5.31
CA GLY D 244 -9.21 -45.43 6.38
C GLY D 244 -7.86 -45.96 6.86
N THR D 245 -7.03 -46.46 5.95
CA THR D 245 -5.71 -46.99 6.24
C THR D 245 -4.61 -46.37 5.35
N ARG D 246 -4.99 -45.50 4.39
CA ARG D 246 -4.05 -44.88 3.51
C ARG D 246 -3.75 -43.46 4.01
N SER D 247 -2.49 -43.06 3.80
CA SER D 247 -1.96 -41.81 4.30
C SER D 247 -2.60 -40.59 3.64
N GLY D 248 -2.91 -40.69 2.34
CA GLY D 248 -3.05 -39.49 1.51
C GLY D 248 -1.69 -38.78 1.39
N ASP D 249 -1.73 -37.47 1.13
CA ASP D 249 -0.56 -36.62 0.84
C ASP D 249 0.46 -36.76 1.98
N VAL D 250 1.70 -37.04 1.59
CA VAL D 250 2.83 -37.05 2.50
C VAL D 250 4.01 -36.39 1.78
N ASP D 251 4.79 -35.66 2.58
CA ASP D 251 6.05 -35.07 2.14
C ASP D 251 6.92 -36.19 1.54
N PRO D 252 7.37 -36.09 0.28
CA PRO D 252 8.24 -37.11 -0.32
C PRO D 252 9.50 -37.37 0.52
N GLY D 253 9.98 -36.33 1.19
CA GLY D 253 11.14 -36.42 2.05
C GLY D 253 10.88 -37.17 3.35
N VAL D 254 9.62 -37.30 3.78
CA VAL D 254 9.29 -38.15 4.94
C VAL D 254 9.51 -39.61 4.53
N LEU D 255 9.13 -39.95 3.29
CA LEU D 255 9.26 -41.33 2.82
C LEU D 255 10.75 -41.72 2.77
N THR D 256 11.61 -40.86 2.19
CA THR D 256 13.05 -41.17 2.15
C THR D 256 13.65 -41.19 3.57
N PHE D 257 13.16 -40.32 4.45
CA PHE D 257 13.59 -40.32 5.83
C PHE D 257 13.26 -41.68 6.47
N LEU D 258 12.04 -42.21 6.26
CA LEU D 258 11.60 -43.43 6.95
C LEU D 258 12.32 -44.65 6.36
N MET D 259 12.69 -44.59 5.08
CA MET D 259 13.48 -45.64 4.44
C MET D 259 14.80 -45.85 5.19
N GLU D 260 15.53 -44.75 5.44
CA GLU D 260 16.80 -44.84 6.15
C GLU D 260 16.56 -45.16 7.64
N ALA D 261 15.61 -44.45 8.27
CA ALA D 261 15.46 -44.50 9.73
C ALA D 261 14.86 -45.83 10.20
N GLU D 262 14.01 -46.47 9.38
CA GLU D 262 13.35 -47.73 9.80
C GLU D 262 13.89 -48.91 8.98
N GLY D 263 14.85 -48.65 8.07
CA GLY D 263 15.38 -49.66 7.14
C GLY D 263 14.28 -50.28 6.29
N LEU D 264 13.42 -49.44 5.70
CA LEU D 264 12.36 -49.90 4.82
C LEU D 264 12.77 -49.68 3.37
N GLN D 265 12.46 -50.64 2.51
CA GLN D 265 12.56 -50.46 1.06
C GLN D 265 11.18 -50.05 0.51
N ALA D 266 11.09 -49.98 -0.82
CA ALA D 266 9.88 -49.63 -1.56
C ALA D 266 8.65 -50.40 -1.05
N ALA D 267 8.76 -51.72 -0.91
CA ALA D 267 7.62 -52.56 -0.52
C ALA D 267 7.19 -52.25 0.92
N GLY D 268 8.18 -52.05 1.81
CA GLY D 268 7.90 -51.72 3.20
C GLY D 268 7.18 -50.37 3.36
N ILE D 269 7.65 -49.36 2.61
CA ILE D 269 7.05 -48.02 2.63
C ILE D 269 5.62 -48.13 2.08
N SER D 270 5.46 -48.85 0.96
CA SER D 270 4.16 -49.08 0.31
C SER D 270 3.14 -49.67 1.31
N GLU D 271 3.59 -50.68 2.08
CA GLU D 271 2.71 -51.34 3.06
C GLU D 271 2.30 -50.35 4.17
N LEU D 272 3.29 -49.60 4.65
CA LEU D 272 3.08 -48.63 5.69
C LEU D 272 2.01 -47.59 5.31
N ILE D 273 2.15 -47.00 4.10
CA ILE D 273 1.28 -45.87 3.71
C ILE D 273 -0.09 -46.37 3.24
N ASN D 274 -0.20 -47.66 2.88
CA ASN D 274 -1.44 -48.22 2.37
C ASN D 274 -2.24 -48.95 3.44
N LYS D 275 -1.56 -49.52 4.46
CA LYS D 275 -2.27 -50.43 5.39
C LYS D 275 -2.24 -49.95 6.84
N LYS D 276 -1.25 -49.11 7.21
CA LYS D 276 -1.03 -48.82 8.61
C LYS D 276 -1.25 -47.33 8.91
N SER D 277 -1.78 -46.58 7.92
CA SER D 277 -1.77 -45.13 7.98
C SER D 277 -3.21 -44.62 8.07
N GLY D 278 -3.44 -43.34 7.70
CA GLY D 278 -4.76 -42.77 7.69
C GLY D 278 -5.38 -42.72 9.06
N VAL D 279 -6.70 -42.86 9.10
CA VAL D 279 -7.49 -42.77 10.31
C VAL D 279 -7.06 -43.86 11.30
N LEU D 280 -6.76 -45.06 10.79
CA LEU D 280 -6.34 -46.18 11.61
C LEU D 280 -5.02 -45.85 12.29
N GLY D 281 -4.05 -45.43 11.48
CA GLY D 281 -2.70 -45.09 11.93
C GLY D 281 -2.67 -44.00 12.99
N VAL D 282 -3.47 -42.94 12.82
CA VAL D 282 -3.47 -41.83 13.77
C VAL D 282 -4.27 -42.21 15.02
N SER D 283 -5.51 -42.70 14.82
CA SER D 283 -6.46 -42.94 15.92
C SER D 283 -5.95 -44.03 16.86
N GLY D 284 -5.30 -45.06 16.31
CA GLY D 284 -4.99 -46.29 17.02
C GLY D 284 -6.25 -47.08 17.36
N VAL D 285 -7.38 -46.77 16.72
CA VAL D 285 -8.68 -47.33 17.07
C VAL D 285 -9.16 -48.23 15.93
N SER D 286 -9.41 -47.62 14.76
CA SER D 286 -10.08 -48.30 13.67
C SER D 286 -9.94 -47.43 12.41
N SER D 287 -10.12 -48.04 11.24
CA SER D 287 -10.27 -47.34 9.98
C SER D 287 -11.72 -46.86 9.77
N ASP D 288 -12.64 -47.43 10.56
CA ASP D 288 -14.08 -47.21 10.43
C ASP D 288 -14.48 -45.96 11.21
N LEU D 289 -15.09 -44.99 10.52
CA LEU D 289 -15.42 -43.69 11.14
C LEU D 289 -16.52 -43.83 12.19
N ARG D 290 -17.36 -44.87 12.09
CA ARG D 290 -18.39 -45.14 13.10
C ARG D 290 -17.71 -45.56 14.42
N GLU D 291 -16.68 -46.41 14.34
CA GLU D 291 -15.95 -46.80 15.53
C GLU D 291 -15.17 -45.59 16.09
N ILE D 292 -14.68 -44.71 15.20
CA ILE D 292 -14.01 -43.48 15.62
C ILE D 292 -15.02 -42.64 16.40
N GLU D 293 -16.20 -42.42 15.81
CA GLU D 293 -17.32 -41.65 16.42
C GLU D 293 -17.57 -42.12 17.87
N ASP D 294 -17.64 -43.44 18.07
CA ASP D 294 -17.87 -44.05 19.39
C ASP D 294 -16.69 -43.73 20.32
N ALA D 295 -15.47 -43.98 19.84
CA ALA D 295 -14.25 -43.68 20.61
C ALA D 295 -14.24 -42.20 21.03
N ILE D 296 -14.73 -41.29 20.18
CA ILE D 296 -14.75 -39.87 20.49
C ILE D 296 -15.70 -39.62 21.67
N LYS D 297 -16.88 -40.27 21.65
CA LYS D 297 -17.90 -40.17 22.73
C LYS D 297 -17.30 -40.60 24.08
N ASN D 298 -16.41 -41.59 24.06
CA ASN D 298 -15.69 -42.07 25.24
C ASN D 298 -14.40 -41.26 25.47
N GLY D 299 -14.31 -40.06 24.88
CA GLY D 299 -13.22 -39.09 25.09
C GLY D 299 -11.85 -39.59 24.66
N ASN D 300 -11.79 -40.39 23.59
CA ASN D 300 -10.50 -40.79 23.01
C ASN D 300 -9.97 -39.59 22.20
N GLU D 301 -8.86 -39.02 22.67
CA GLU D 301 -8.29 -37.80 22.12
C GLU D 301 -7.64 -38.05 20.75
N ARG D 302 -7.05 -39.24 20.55
CA ARG D 302 -6.42 -39.58 19.30
C ARG D 302 -7.48 -39.75 18.21
N ALA D 303 -8.65 -40.28 18.57
CA ALA D 303 -9.76 -40.41 17.63
C ALA D 303 -10.28 -39.03 17.26
N THR D 304 -10.40 -38.12 18.23
CA THR D 304 -10.78 -36.74 17.93
C THR D 304 -9.77 -36.09 16.97
N LEU D 305 -8.47 -36.31 17.23
CA LEU D 305 -7.41 -35.74 16.40
C LEU D 305 -7.54 -36.26 14.98
N ALA D 306 -7.75 -37.57 14.82
CA ALA D 306 -7.86 -38.17 13.51
C ALA D 306 -8.96 -37.46 12.70
N MET D 307 -10.12 -37.22 13.33
CA MET D 307 -11.26 -36.62 12.66
C MET D 307 -11.01 -35.13 12.34
N THR D 308 -10.31 -34.42 13.23
CA THR D 308 -9.97 -33.03 13.00
C THR D 308 -9.08 -32.92 11.78
N MET D 309 -8.08 -33.82 11.68
CA MET D 309 -7.17 -33.87 10.56
C MET D 309 -7.95 -34.17 9.27
N TYR D 310 -8.85 -35.15 9.36
CA TYR D 310 -9.62 -35.66 8.20
C TYR D 310 -10.46 -34.53 7.58
N ASP D 311 -11.22 -33.84 8.43
CA ASP D 311 -12.09 -32.76 7.98
C ASP D 311 -11.27 -31.60 7.39
N TYR D 312 -10.15 -31.25 8.03
CA TYR D 312 -9.32 -30.14 7.62
C TYR D 312 -8.78 -30.33 6.19
N ARG D 313 -8.36 -31.54 5.87
CA ARG D 313 -7.76 -31.81 4.57
C ARG D 313 -8.85 -31.69 3.47
N ILE D 314 -10.08 -32.17 3.75
CA ILE D 314 -11.18 -32.03 2.77
C ILE D 314 -11.46 -30.53 2.52
N LYS D 315 -11.53 -29.75 3.60
CA LYS D 315 -11.78 -28.33 3.48
C LYS D 315 -10.74 -27.66 2.57
N LYS D 316 -9.45 -27.99 2.76
CA LYS D 316 -8.41 -27.38 2.00
C LYS D 316 -8.57 -27.72 0.50
N TYR D 317 -8.96 -28.97 0.19
CA TYR D 317 -9.13 -29.35 -1.23
C TYR D 317 -10.33 -28.64 -1.86
N VAL D 318 -11.37 -28.38 -1.08
CA VAL D 318 -12.50 -27.60 -1.58
C VAL D 318 -12.02 -26.22 -2.02
N GLY D 319 -11.23 -25.55 -1.19
CA GLY D 319 -10.64 -24.27 -1.53
C GLY D 319 -9.73 -24.35 -2.76
N ALA D 320 -8.88 -25.39 -2.80
CA ALA D 320 -7.92 -25.54 -3.86
C ALA D 320 -8.62 -25.70 -5.22
N TYR D 321 -9.66 -26.54 -5.26
CA TYR D 321 -10.29 -26.87 -6.53
C TYR D 321 -11.22 -25.75 -6.97
N ALA D 322 -11.78 -24.99 -6.02
CA ALA D 322 -12.48 -23.76 -6.42
C ALA D 322 -11.52 -22.81 -7.13
N ALA D 323 -10.32 -22.62 -6.55
CA ALA D 323 -9.32 -21.77 -7.14
C ALA D 323 -8.92 -22.32 -8.51
N ALA D 324 -8.69 -23.63 -8.60
CA ALA D 324 -8.30 -24.23 -9.87
C ALA D 324 -9.30 -23.94 -10.98
N MET D 325 -10.60 -23.91 -10.65
CA MET D 325 -11.65 -23.73 -11.65
C MET D 325 -12.04 -22.26 -11.85
N GLY D 326 -11.59 -21.36 -10.98
CA GLY D 326 -12.03 -19.95 -10.99
C GLY D 326 -13.40 -19.75 -10.34
N GLY D 327 -13.78 -20.69 -9.47
CA GLY D 327 -15.05 -20.67 -8.76
C GLY D 327 -15.67 -22.04 -8.76
N VAL D 328 -16.81 -22.17 -8.08
CA VAL D 328 -17.48 -23.44 -7.94
C VAL D 328 -18.98 -23.14 -7.90
N ASP D 329 -19.75 -23.96 -8.59
CA ASP D 329 -21.22 -23.83 -8.65
C ASP D 329 -21.87 -24.81 -7.69
N VAL D 330 -21.34 -26.03 -7.62
CA VAL D 330 -21.93 -27.10 -6.87
C VAL D 330 -20.82 -27.87 -6.15
N LEU D 331 -21.01 -28.11 -4.85
CA LEU D 331 -20.20 -29.03 -4.07
C LEU D 331 -21.06 -30.24 -3.71
N VAL D 332 -20.61 -31.44 -4.11
CA VAL D 332 -21.33 -32.66 -3.89
C VAL D 332 -20.59 -33.52 -2.87
N PHE D 333 -21.31 -33.98 -1.84
CA PHE D 333 -20.83 -35.01 -0.94
C PHE D 333 -21.44 -36.36 -1.30
N THR D 334 -20.58 -37.38 -1.38
CA THR D 334 -21.00 -38.74 -1.63
C THR D 334 -20.07 -39.72 -0.92
N GLY D 335 -20.35 -41.01 -1.09
CA GLY D 335 -19.65 -42.12 -0.47
C GLY D 335 -20.21 -42.46 0.90
N GLY D 336 -19.78 -43.59 1.45
CA GLY D 336 -20.24 -44.08 2.78
C GLY D 336 -20.16 -43.03 3.87
N VAL D 337 -19.04 -42.29 3.92
CA VAL D 337 -18.86 -41.26 4.91
C VAL D 337 -19.56 -39.97 4.48
N GLY D 338 -19.37 -39.54 3.22
CA GLY D 338 -19.99 -38.30 2.78
C GLY D 338 -21.51 -38.31 2.92
N GLU D 339 -22.13 -39.46 2.64
CA GLU D 339 -23.59 -39.60 2.67
C GLU D 339 -24.12 -39.52 4.11
N ASN D 340 -23.29 -39.93 5.07
CA ASN D 340 -23.74 -40.28 6.44
C ASN D 340 -23.12 -39.40 7.53
N GLN D 341 -21.87 -38.93 7.38
CA GLN D 341 -21.16 -38.23 8.48
C GLN D 341 -21.45 -36.73 8.38
N TYR D 342 -22.63 -36.34 8.80
CA TYR D 342 -23.10 -34.95 8.64
C TYR D 342 -22.20 -33.99 9.43
N THR D 343 -21.53 -34.45 10.49
CA THR D 343 -20.64 -33.52 11.24
C THR D 343 -19.40 -33.16 10.39
N THR D 344 -18.90 -34.11 9.58
CA THR D 344 -17.82 -33.79 8.65
C THR D 344 -18.29 -32.76 7.61
N ARG D 345 -19.50 -32.94 7.06
CA ARG D 345 -19.98 -32.02 6.07
C ARG D 345 -20.06 -30.62 6.69
N GLU D 346 -20.50 -30.54 7.94
CA GLU D 346 -20.67 -29.26 8.61
C GLU D 346 -19.30 -28.59 8.81
N LYS D 347 -18.31 -29.35 9.29
CA LYS D 347 -17.00 -28.79 9.54
C LYS D 347 -16.38 -28.27 8.23
N VAL D 348 -16.53 -29.03 7.14
CA VAL D 348 -15.98 -28.67 5.85
C VAL D 348 -16.61 -27.36 5.36
N CYS D 349 -17.93 -27.22 5.46
CA CYS D 349 -18.64 -26.14 4.79
C CYS D 349 -18.84 -24.88 5.64
N THR D 350 -18.58 -24.92 6.94
CA THR D 350 -18.76 -23.71 7.74
C THR D 350 -17.50 -22.84 7.60
N ASP D 351 -17.70 -21.52 7.75
CA ASP D 351 -16.65 -20.52 7.55
C ASP D 351 -16.07 -20.60 6.14
N MET D 352 -16.97 -20.76 5.16
CA MET D 352 -16.62 -20.78 3.76
C MET D 352 -17.45 -19.74 2.99
N GLU D 353 -18.00 -18.75 3.70
CA GLU D 353 -18.83 -17.73 3.03
C GLU D 353 -17.96 -16.90 2.08
N PHE D 354 -16.64 -16.77 2.35
CA PHE D 354 -15.73 -15.99 1.49
C PHE D 354 -15.73 -16.52 0.05
N MET D 355 -16.08 -17.79 -0.15
CA MET D 355 -16.07 -18.38 -1.48
C MET D 355 -17.48 -18.80 -1.89
N GLY D 356 -18.51 -18.26 -1.21
CA GLY D 356 -19.86 -18.39 -1.68
C GLY D 356 -20.70 -19.50 -1.04
N ILE D 357 -20.19 -20.21 -0.01
CA ILE D 357 -20.93 -21.26 0.62
C ILE D 357 -21.58 -20.73 1.90
N VAL D 358 -22.92 -20.76 1.91
CA VAL D 358 -23.70 -20.50 3.10
C VAL D 358 -24.37 -21.81 3.50
N PHE D 359 -23.99 -22.37 4.65
CA PHE D 359 -24.37 -23.71 4.99
C PHE D 359 -25.67 -23.73 5.78
N ASP D 360 -26.48 -24.76 5.59
CA ASP D 360 -27.73 -24.93 6.35
C ASP D 360 -27.54 -26.03 7.41
N SER D 361 -27.03 -25.64 8.58
CA SER D 361 -26.70 -26.59 9.61
C SER D 361 -27.92 -27.39 10.08
N LYS D 362 -29.08 -26.75 10.14
CA LYS D 362 -30.28 -27.43 10.68
C LYS D 362 -30.72 -28.56 9.74
N VAL D 363 -30.68 -28.31 8.42
CA VAL D 363 -31.10 -29.30 7.43
C VAL D 363 -30.09 -30.44 7.39
N ASN D 364 -28.80 -30.09 7.54
CA ASN D 364 -27.71 -31.05 7.47
C ASN D 364 -27.70 -32.02 8.66
N GLU D 365 -28.05 -31.50 9.83
CA GLU D 365 -27.93 -32.23 11.13
C GLU D 365 -28.78 -33.51 11.08
N GLY D 366 -28.16 -34.66 11.31
CA GLY D 366 -28.85 -35.97 11.32
C GLY D 366 -29.22 -36.48 9.93
N MET D 367 -28.82 -35.77 8.85
CA MET D 367 -29.23 -36.12 7.52
C MET D 367 -28.26 -37.18 6.94
N ARG D 368 -28.78 -38.40 6.75
CA ARG D 368 -28.02 -39.56 6.33
C ARG D 368 -28.68 -40.18 5.09
N GLY D 369 -27.89 -40.37 4.03
CA GLY D 369 -28.21 -41.37 3.01
C GLY D 369 -29.28 -40.95 2.01
N LYS D 370 -29.64 -39.66 1.94
CA LYS D 370 -30.64 -39.17 1.02
C LYS D 370 -30.00 -38.10 0.12
N GLU D 371 -30.59 -37.89 -1.05
CA GLU D 371 -30.28 -36.76 -1.89
C GLU D 371 -30.88 -35.52 -1.23
N MET D 372 -30.05 -34.52 -0.93
CA MET D 372 -30.50 -33.38 -0.16
C MET D 372 -29.57 -32.19 -0.36
N VAL D 373 -30.14 -31.03 -0.69
CA VAL D 373 -29.43 -29.76 -0.62
C VAL D 373 -29.23 -29.36 0.85
N ILE D 374 -27.99 -28.99 1.21
CA ILE D 374 -27.67 -28.67 2.61
C ILE D 374 -27.06 -27.29 2.73
N SER D 375 -27.03 -26.55 1.62
CA SER D 375 -26.75 -25.14 1.63
C SER D 375 -28.08 -24.39 1.83
N LYS D 376 -28.00 -23.18 2.34
CA LYS D 376 -29.20 -22.34 2.45
C LYS D 376 -29.64 -21.87 1.07
N PRO D 377 -30.94 -21.55 0.88
CA PRO D 377 -31.43 -21.10 -0.41
C PRO D 377 -30.61 -19.95 -1.02
N GLU D 378 -30.10 -19.05 -0.18
CA GLU D 378 -29.40 -17.87 -0.68
C GLU D 378 -27.92 -18.16 -0.98
N SER D 379 -27.42 -19.36 -0.69
CA SER D 379 -26.02 -19.67 -0.94
C SER D 379 -25.71 -19.51 -2.44
N LYS D 380 -24.60 -18.85 -2.76
CA LYS D 380 -24.19 -18.75 -4.13
C LYS D 380 -23.80 -20.13 -4.66
N VAL D 381 -23.06 -20.89 -3.86
CA VAL D 381 -22.66 -22.26 -4.15
C VAL D 381 -23.71 -23.20 -3.59
N THR D 382 -24.21 -24.14 -4.40
CA THR D 382 -25.10 -25.12 -3.90
C THR D 382 -24.31 -26.30 -3.34
N VAL D 383 -24.65 -26.72 -2.10
CA VAL D 383 -24.02 -27.86 -1.49
C VAL D 383 -25.08 -28.97 -1.40
N ILE D 384 -24.73 -30.15 -1.91
CA ILE D 384 -25.71 -31.22 -2.07
C ILE D 384 -25.07 -32.57 -1.73
N VAL D 385 -25.84 -33.39 -1.00
CA VAL D 385 -25.55 -34.80 -0.75
C VAL D 385 -26.24 -35.61 -1.84
N VAL D 386 -25.44 -36.43 -2.55
CA VAL D 386 -25.92 -37.30 -3.57
C VAL D 386 -25.35 -38.68 -3.33
N PRO D 387 -26.13 -39.64 -2.78
CA PRO D 387 -25.65 -41.01 -2.61
C PRO D 387 -25.22 -41.56 -3.97
N THR D 388 -24.09 -42.26 -3.98
CA THR D 388 -23.57 -42.70 -5.25
C THR D 388 -24.26 -44.01 -5.65
N ASP D 389 -24.16 -44.32 -6.94
CA ASP D 389 -24.74 -45.51 -7.52
C ASP D 389 -23.84 -46.01 -8.66
N GLU D 390 -22.66 -46.45 -8.24
CA GLU D 390 -21.67 -46.98 -9.10
C GLU D 390 -22.24 -48.22 -9.80
N GLU D 391 -23.05 -49.02 -9.07
CA GLU D 391 -23.52 -50.29 -9.55
C GLU D 391 -24.43 -50.10 -10.77
N TYR D 392 -25.30 -49.10 -10.73
CA TYR D 392 -26.14 -48.82 -11.84
C TYR D 392 -25.33 -48.51 -13.11
N MET D 393 -24.31 -47.66 -12.92
CA MET D 393 -23.42 -47.24 -13.98
C MET D 393 -22.73 -48.49 -14.58
N ILE D 394 -22.28 -49.38 -13.69
CA ILE D 394 -21.52 -50.53 -14.14
C ILE D 394 -22.43 -51.49 -14.90
N ALA D 395 -23.64 -51.74 -14.39
CA ALA D 395 -24.66 -52.60 -15.02
C ALA D 395 -25.05 -52.04 -16.38
N SER D 396 -25.18 -50.71 -16.45
CA SER D 396 -25.51 -50.03 -17.70
C SER D 396 -24.40 -50.25 -18.75
N ASP D 397 -23.13 -50.03 -18.38
CA ASP D 397 -22.02 -50.29 -19.30
C ASP D 397 -22.00 -51.78 -19.70
N THR D 398 -22.30 -52.68 -18.75
CA THR D 398 -22.25 -54.11 -18.98
C THR D 398 -23.26 -54.44 -20.10
N MET D 399 -24.47 -53.87 -19.99
CA MET D 399 -25.52 -54.14 -20.99
C MET D 399 -25.11 -53.57 -22.35
N THR D 400 -24.51 -52.38 -22.36
CA THR D 400 -24.08 -51.75 -23.63
C THR D 400 -23.04 -52.61 -24.33
N ILE D 401 -22.05 -53.11 -23.57
CA ILE D 401 -20.97 -53.87 -24.13
C ILE D 401 -21.48 -55.20 -24.63
N LEU D 402 -22.30 -55.88 -23.82
CA LEU D 402 -22.79 -57.15 -24.21
C LEU D 402 -24.03 -56.91 -25.08
C1 MPD E . -1.77 14.28 -4.21
C2 MPD E . -2.47 14.21 -5.56
O2 MPD E . -2.08 15.37 -6.32
CM MPD E . -2.02 12.96 -6.31
C3 MPD E . -3.98 14.20 -5.35
C4 MPD E . -4.49 15.55 -4.86
O4 MPD E . -5.79 15.80 -5.43
C5 MPD E . -4.59 15.61 -3.35
S SO4 F . -9.05 53.94 6.59
O1 SO4 F . -10.18 53.21 7.20
O2 SO4 F . -8.93 55.30 7.18
O3 SO4 F . -9.42 54.09 5.18
O4 SO4 F . -7.82 53.16 6.60
S SO4 G . -14.92 -13.08 5.31
O1 SO4 G . -16.17 -13.88 5.03
O2 SO4 G . -15.12 -11.61 5.19
O3 SO4 G . -13.84 -13.49 4.39
O4 SO4 G . -14.49 -13.40 6.71
S SO4 H . -12.04 -47.70 -2.16
O1 SO4 H . -11.59 -47.18 -3.48
O2 SO4 H . -13.04 -46.73 -1.72
O3 SO4 H . -10.84 -47.63 -1.38
O4 SO4 H . -12.50 -49.05 -2.30
S SO4 I . -17.62 -46.57 1.35
O1 SO4 I . -17.93 -45.66 0.17
O2 SO4 I . -17.71 -45.92 2.70
O3 SO4 I . -16.23 -47.08 1.31
O4 SO4 I . -18.56 -47.72 1.24
S SO4 J . -18.31 -16.44 -9.89
O1 SO4 J . -17.93 -15.74 -8.65
O2 SO4 J . -18.75 -15.46 -10.91
O3 SO4 J . -17.09 -17.15 -10.31
O4 SO4 J . -19.47 -17.37 -9.65
C1 MPD K . -32.59 -32.89 -3.38
C2 MPD K . -33.38 -31.66 -2.95
O2 MPD K . -32.96 -31.21 -1.65
CM MPD K . -33.14 -30.56 -3.96
C3 MPD K . -34.89 -31.96 -2.99
C4 MPD K . -35.45 -32.41 -1.65
O4 MPD K . -36.85 -32.16 -1.68
C5 MPD K . -35.23 -33.90 -1.38
#